data_2PWF
#
_entry.id   2PWF
#
_cell.length_a   63.980
_cell.length_b   85.810
_cell.length_c   122.140
_cell.angle_alpha   81.77
_cell.angle_beta   81.43
_cell.angle_gamma   89.94
#
_symmetry.space_group_name_H-M   'P 1'
#
loop_
_entity.id
_entity.type
_entity.pdbx_description
1 polymer 'Sucrose isomerase'
2 non-polymer beta-D-glucopyranose
3 non-polymer 'CALCIUM ION'
4 water water
#
_entity_poly.entity_id   1
_entity_poly.type   'polypeptide(L)'
_entity_poly.pdbx_seq_one_letter_code
;PGAPWWKSAVFYQVYPRSFKDTNGDGIGDFKGLTEKLDYLKGLGIDAIWINPHYASPNTDNGYDISDYREVMKEYGTMED
FDRLMAELKKRGMRLMVDVVINHSSDQHEWFKSSRASKDNPYRDYYFWRDGKDGHEPNNYPSFFGGSAWEKDPVTGQYYL
HYFGRQQPDLNWDTPKLREELYAMLRFWLDKGVSGMRFATVATYSKTPGFPDLTPEQMKNFAEAYTQGPNLHRYLQEMHE
KVFDHYDAVTAGEIFGAPLNQVPLFIDSRRKELDMAFTFDLIRYDRALDRWHTIPRTLADFRQTIDKVDAIAGEYGWNTF
FLGNHDNPRAVSHFGDDRPQWREASAKALATVTLTQRGTPFIFQGDELGMTNYPFKTLQDFDDIEVKGFFQDYVETGKAT
AEELLTNVALTSRDNARTPFQWDDSANAGFTTGKPWLKVNPNYTEINAAREIGDPKSVYSFYRNLISIRHETPALSTGSY
RDIDPSNADVYAYTRSQDGETYLVVVNFKAEPRSFTLPDGMHIAETLIESSSPAAPAAGAASLELQPWQSGIYKVK
;
_entity_poly.pdbx_strand_id   A,B,C,D
#
# COMPACT_ATOMS: atom_id res chain seq x y z
N GLY A 2 6.74 -11.18 -25.32
CA GLY A 2 7.51 -12.39 -24.85
C GLY A 2 7.24 -12.75 -23.40
N ALA A 3 7.57 -13.99 -23.02
CA ALA A 3 7.35 -14.43 -21.63
C ALA A 3 8.71 -14.63 -20.94
N PRO A 4 8.80 -14.24 -19.66
CA PRO A 4 10.02 -14.35 -18.85
C PRO A 4 10.58 -15.77 -18.81
N TRP A 5 11.89 -15.88 -18.65
CA TRP A 5 12.54 -17.17 -18.62
C TRP A 5 11.90 -18.05 -17.58
N TRP A 6 11.44 -17.44 -16.49
CA TRP A 6 10.86 -18.28 -15.44
C TRP A 6 9.52 -18.95 -15.83
N LYS A 7 8.78 -18.40 -16.79
CA LYS A 7 7.55 -19.10 -17.16
C LYS A 7 7.78 -20.41 -17.96
N SER A 8 8.93 -20.59 -18.60
CA SER A 8 9.13 -21.84 -19.34
C SER A 8 10.28 -22.66 -18.74
N ALA A 9 10.63 -22.31 -17.52
CA ALA A 9 11.71 -22.99 -16.80
C ALA A 9 11.20 -24.24 -16.04
N VAL A 10 12.08 -25.20 -15.80
CA VAL A 10 11.71 -26.34 -14.97
C VAL A 10 12.63 -26.15 -13.78
N PHE A 11 12.06 -26.02 -12.58
CA PHE A 11 12.87 -25.84 -11.37
C PHE A 11 13.00 -27.20 -10.64
N TYR A 12 14.05 -27.32 -9.83
CA TYR A 12 14.28 -28.50 -9.01
C TYR A 12 14.54 -27.89 -7.61
N GLN A 13 13.87 -28.45 -6.59
CA GLN A 13 14.04 -27.99 -5.23
C GLN A 13 15.01 -28.90 -4.47
N VAL A 14 16.06 -28.30 -3.96
CA VAL A 14 17.08 -29.00 -3.18
C VAL A 14 16.95 -28.61 -1.70
N TYR A 15 16.83 -29.63 -0.85
CA TYR A 15 16.75 -29.46 0.60
C TYR A 15 18.22 -29.84 0.92
N PRO A 16 19.12 -28.86 0.97
CA PRO A 16 20.54 -29.21 1.22
C PRO A 16 20.91 -30.22 2.28
N ARG A 17 20.23 -30.11 3.41
CA ARG A 17 20.44 -30.93 4.58
C ARG A 17 20.39 -32.41 4.22
N SER A 18 19.53 -32.73 3.25
CA SER A 18 19.38 -34.12 2.82
C SER A 18 19.72 -34.43 1.38
N PHE A 19 20.56 -33.63 0.73
CA PHE A 19 20.88 -33.92 -0.65
C PHE A 19 22.20 -34.71 -0.77
N LYS A 20 23.33 -34.14 -0.35
CA LYS A 20 24.61 -34.85 -0.44
C LYS A 20 25.59 -34.32 0.63
N ASP A 21 26.10 -35.22 1.45
CA ASP A 21 27.06 -34.88 2.50
C ASP A 21 28.46 -35.30 2.02
N THR A 22 29.42 -34.38 2.11
CA THR A 22 30.78 -34.64 1.63
C THR A 22 31.84 -34.71 2.75
N ASN A 23 31.43 -34.60 4.01
CA ASN A 23 32.41 -34.64 5.08
C ASN A 23 31.99 -35.57 6.22
N GLY A 24 31.06 -36.49 5.94
CA GLY A 24 30.63 -37.49 6.90
C GLY A 24 29.98 -37.12 8.21
N ASP A 25 29.50 -35.90 8.35
CA ASP A 25 28.82 -35.53 9.59
C ASP A 25 27.34 -35.95 9.48
N GLY A 26 26.97 -36.56 8.37
CA GLY A 26 25.57 -37.01 8.16
C GLY A 26 24.60 -35.92 7.71
N ILE A 27 25.14 -34.76 7.34
CA ILE A 27 24.27 -33.65 6.89
C ILE A 27 24.77 -33.13 5.55
N GLY A 28 23.86 -33.01 4.59
CA GLY A 28 24.24 -32.51 3.26
C GLY A 28 24.83 -31.11 3.35
N ASP A 29 25.57 -30.73 2.32
CA ASP A 29 26.24 -29.44 2.35
C ASP A 29 26.39 -28.88 0.92
N PHE A 30 26.92 -27.67 0.84
CA PHE A 30 27.12 -26.98 -0.43
C PHE A 30 28.05 -27.72 -1.35
N LYS A 31 29.15 -28.26 -0.83
CA LYS A 31 30.06 -29.00 -1.70
C LYS A 31 29.39 -30.24 -2.30
N GLY A 32 28.43 -30.85 -1.59
CA GLY A 32 27.81 -32.02 -2.17
C GLY A 32 26.88 -31.61 -3.28
N LEU A 33 26.15 -30.51 -3.05
CA LEU A 33 25.24 -30.05 -4.11
C LEU A 33 26.06 -29.67 -5.36
N THR A 34 27.15 -28.95 -5.12
CA THR A 34 27.97 -28.52 -6.24
C THR A 34 28.48 -29.74 -7.04
N GLU A 35 28.86 -30.79 -6.32
CA GLU A 35 29.33 -32.03 -6.93
C GLU A 35 28.30 -32.68 -7.82
N LYS A 36 27.02 -32.43 -7.51
CA LYS A 36 25.89 -33.00 -8.22
C LYS A 36 25.21 -32.07 -9.25
N LEU A 37 25.88 -30.99 -9.66
CA LEU A 37 25.26 -30.11 -10.63
C LEU A 37 25.22 -30.78 -12.00
N ASP A 38 26.19 -31.63 -12.33
CA ASP A 38 26.10 -32.30 -13.62
C ASP A 38 24.90 -33.24 -13.65
N TYR A 39 24.55 -33.81 -12.51
CA TYR A 39 23.41 -34.70 -12.45
C TYR A 39 22.15 -33.89 -12.79
N LEU A 40 21.97 -32.73 -12.16
CA LEU A 40 20.74 -31.92 -12.38
C LEU A 40 20.72 -31.29 -13.75
N LYS A 41 21.89 -30.88 -14.26
CA LYS A 41 21.96 -30.34 -15.65
C LYS A 41 21.53 -31.44 -16.65
N GLY A 42 22.02 -32.67 -16.40
CA GLY A 42 21.70 -33.84 -17.22
C GLY A 42 20.21 -34.19 -17.25
N LEU A 43 19.55 -34.04 -16.10
CA LEU A 43 18.10 -34.22 -15.98
C LEU A 43 17.39 -33.13 -16.83
N GLY A 44 18.02 -31.96 -16.96
CA GLY A 44 17.43 -30.89 -17.74
C GLY A 44 16.96 -29.72 -16.90
N ILE A 45 17.43 -29.65 -15.66
CA ILE A 45 17.02 -28.60 -14.75
C ILE A 45 17.60 -27.23 -15.16
N ASP A 46 16.70 -26.24 -15.22
CA ASP A 46 17.03 -24.87 -15.58
C ASP A 46 17.45 -24.06 -14.36
N ALA A 47 16.80 -24.31 -13.22
CA ALA A 47 17.10 -23.56 -12.02
C ALA A 47 16.80 -24.40 -10.76
N ILE A 48 17.52 -24.10 -9.68
CA ILE A 48 17.36 -24.76 -8.40
C ILE A 48 16.91 -23.80 -7.32
N TRP A 49 15.94 -24.23 -6.51
CA TRP A 49 15.52 -23.47 -5.32
C TRP A 49 16.10 -24.30 -4.16
N ILE A 50 16.87 -23.65 -3.31
CA ILE A 50 17.47 -24.32 -2.16
C ILE A 50 16.80 -23.81 -0.91
N ASN A 51 16.56 -24.72 0.03
CA ASN A 51 15.96 -24.36 1.28
C ASN A 51 16.95 -23.46 2.02
N PRO A 52 16.56 -22.77 3.11
CA PRO A 52 17.48 -21.86 3.80
C PRO A 52 18.90 -22.38 4.04
N HIS A 53 19.87 -21.52 3.71
CA HIS A 53 21.29 -21.85 3.79
C HIS A 53 22.07 -20.92 4.69
N TYR A 54 21.34 -20.19 5.53
CA TYR A 54 21.90 -19.20 6.44
C TYR A 54 22.21 -19.73 7.84
N ALA A 55 23.05 -19.01 8.56
CA ALA A 55 23.45 -19.37 9.91
C ALA A 55 22.16 -19.58 10.68
N SER A 56 22.11 -20.70 11.38
CA SER A 56 20.90 -21.08 12.08
C SER A 56 21.11 -22.14 13.14
N PRO A 57 20.43 -22.02 14.31
CA PRO A 57 20.54 -23.03 15.38
C PRO A 57 19.81 -24.33 14.94
N ASN A 58 19.08 -24.23 13.83
CA ASN A 58 18.31 -25.37 13.27
C ASN A 58 17.19 -25.98 14.12
N THR A 59 16.52 -25.17 14.93
CA THR A 59 15.35 -25.72 15.66
C THR A 59 14.29 -26.02 14.60
N ASP A 60 14.37 -25.38 13.43
CA ASP A 60 13.41 -25.67 12.32
C ASP A 60 14.19 -25.81 10.99
N ASN A 61 15.31 -26.54 11.06
CA ASN A 61 16.17 -26.83 9.91
C ASN A 61 16.41 -25.67 8.91
N GLY A 62 16.89 -24.54 9.40
CA GLY A 62 17.22 -23.43 8.51
C GLY A 62 16.23 -22.30 8.54
N TYR A 63 14.99 -22.60 8.93
CA TYR A 63 13.96 -21.59 8.97
C TYR A 63 14.00 -20.74 10.24
N ASP A 64 14.99 -20.99 11.11
CA ASP A 64 15.21 -20.14 12.29
C ASP A 64 16.61 -19.53 12.08
N ILE A 65 16.62 -18.36 11.46
CA ILE A 65 17.87 -17.70 11.07
C ILE A 65 18.45 -16.75 12.09
N SER A 66 19.70 -16.98 12.46
CA SER A 66 20.36 -16.11 13.46
C SER A 66 21.29 -15.07 12.85
N ASP A 67 21.56 -15.18 11.55
CA ASP A 67 22.36 -14.15 10.86
C ASP A 67 22.05 -14.34 9.38
N TYR A 68 21.37 -13.37 8.78
CA TYR A 68 20.96 -13.44 7.37
C TYR A 68 22.09 -13.24 6.38
N ARG A 69 23.26 -12.82 6.87
CA ARG A 69 24.38 -12.58 5.97
C ARG A 69 25.55 -13.54 6.11
N GLU A 70 25.30 -14.66 6.76
CA GLU A 70 26.31 -15.69 6.90
C GLU A 70 25.66 -17.00 6.49
N VAL A 71 26.45 -17.90 5.96
CA VAL A 71 25.96 -19.19 5.52
C VAL A 71 25.89 -20.10 6.74
N MET A 72 25.01 -21.10 6.69
CA MET A 72 24.86 -22.05 7.80
C MET A 72 26.17 -22.84 7.95
N LYS A 73 26.70 -22.90 9.15
CA LYS A 73 27.94 -23.61 9.41
C LYS A 73 27.96 -25.01 8.77
N GLU A 74 26.87 -25.75 8.95
CA GLU A 74 26.77 -27.10 8.40
C GLU A 74 26.94 -27.22 6.89
N TYR A 75 26.48 -26.20 6.16
CA TYR A 75 26.55 -26.24 4.70
C TYR A 75 27.89 -25.84 4.12
N GLY A 76 28.69 -25.15 4.91
CA GLY A 76 29.99 -24.72 4.43
C GLY A 76 30.22 -23.26 4.74
N THR A 77 31.00 -22.61 3.88
CA THR A 77 31.37 -21.22 4.07
C THR A 77 30.78 -20.33 2.96
N MET A 78 30.97 -19.02 3.10
CA MET A 78 30.46 -18.10 2.08
C MET A 78 31.18 -18.47 0.79
N GLU A 79 32.42 -18.94 0.90
CA GLU A 79 33.18 -19.31 -0.30
C GLU A 79 32.59 -20.50 -1.06
N ASP A 80 32.09 -21.49 -0.32
CA ASP A 80 31.44 -22.65 -0.95
C ASP A 80 30.18 -22.15 -1.62
N PHE A 81 29.49 -21.17 -1.01
CA PHE A 81 28.23 -20.63 -1.62
C PHE A 81 28.59 -19.90 -2.92
N ASP A 82 29.63 -19.07 -2.89
CA ASP A 82 30.05 -18.34 -4.11
C ASP A 82 30.48 -19.35 -5.19
N ARG A 83 31.07 -20.46 -4.76
CA ARG A 83 31.50 -21.50 -5.69
C ARG A 83 30.27 -22.23 -6.25
N LEU A 84 29.20 -22.38 -5.46
CA LEU A 84 27.98 -23.01 -5.96
C LEU A 84 27.42 -22.11 -7.09
N MET A 85 27.38 -20.81 -6.83
CA MET A 85 26.89 -19.80 -7.75
C MET A 85 27.69 -19.87 -9.05
N ALA A 86 29.02 -19.88 -8.93
CA ALA A 86 29.82 -19.87 -10.15
C ALA A 86 29.63 -21.16 -10.98
N GLU A 87 29.49 -22.31 -10.32
CA GLU A 87 29.37 -23.59 -11.03
C GLU A 87 28.02 -23.71 -11.68
N LEU A 88 27.03 -23.06 -11.10
CA LEU A 88 25.69 -23.07 -11.68
C LEU A 88 25.77 -22.23 -12.95
N LYS A 89 26.42 -21.08 -12.82
CA LYS A 89 26.55 -20.18 -13.95
C LYS A 89 27.28 -20.78 -15.16
N LYS A 90 28.33 -21.58 -14.91
CA LYS A 90 29.12 -22.22 -15.98
C LYS A 90 28.17 -23.11 -16.79
N ARG A 91 27.16 -23.64 -16.11
CA ARG A 91 26.17 -24.54 -16.73
C ARG A 91 24.86 -23.86 -17.21
N GLY A 92 24.87 -22.52 -17.20
CA GLY A 92 23.72 -21.72 -17.59
C GLY A 92 22.55 -21.95 -16.64
N MET A 93 22.84 -22.33 -15.41
CA MET A 93 21.74 -22.59 -14.46
C MET A 93 21.49 -21.40 -13.53
N ARG A 94 20.29 -21.31 -12.91
CA ARG A 94 20.01 -20.19 -12.03
C ARG A 94 19.71 -20.70 -10.61
N LEU A 95 19.90 -19.83 -9.62
CA LEU A 95 19.67 -20.15 -8.22
C LEU A 95 18.57 -19.32 -7.60
N MET A 96 17.65 -19.99 -6.90
CA MET A 96 16.60 -19.32 -6.18
C MET A 96 16.89 -19.67 -4.72
N VAL A 97 16.92 -18.64 -3.85
CA VAL A 97 17.18 -18.88 -2.45
C VAL A 97 15.88 -18.70 -1.66
N ASP A 98 15.86 -19.25 -0.45
CA ASP A 98 14.66 -19.18 0.40
C ASP A 98 14.80 -17.92 1.27
N VAL A 99 13.76 -17.09 1.31
CA VAL A 99 13.77 -15.84 2.12
C VAL A 99 12.81 -15.98 3.29
N VAL A 100 13.34 -15.91 4.52
CA VAL A 100 12.54 -16.16 5.73
C VAL A 100 12.48 -14.88 6.58
N ILE A 101 11.50 -14.04 6.29
CA ILE A 101 11.49 -12.78 7.00
C ILE A 101 10.22 -12.48 7.73
N ASN A 102 9.45 -13.53 7.95
CA ASN A 102 8.25 -13.42 8.79
C ASN A 102 8.78 -13.50 10.24
N HIS A 103 9.92 -14.16 10.43
CA HIS A 103 10.50 -14.36 11.76
C HIS A 103 11.98 -14.66 11.65
N SER A 104 12.67 -14.58 12.79
CA SER A 104 14.10 -14.86 12.83
C SER A 104 14.28 -15.83 13.98
N SER A 105 15.51 -16.30 14.17
CA SER A 105 15.82 -17.18 15.32
C SER A 105 15.81 -16.27 16.55
N ASP A 106 15.57 -16.84 17.74
CA ASP A 106 15.63 -16.00 18.92
C ASP A 106 17.10 -15.80 19.31
N GLN A 107 18.01 -16.26 18.44
CA GLN A 107 19.44 -16.06 18.68
C GLN A 107 19.93 -14.91 17.79
N HIS A 108 19.08 -14.45 16.87
CA HIS A 108 19.50 -13.31 16.06
C HIS A 108 19.89 -12.15 17.01
N GLU A 109 20.90 -11.37 16.63
CA GLU A 109 21.33 -10.25 17.45
C GLU A 109 20.17 -9.26 17.70
N TRP A 110 19.31 -9.05 16.70
CA TRP A 110 18.18 -8.15 16.84
C TRP A 110 17.33 -8.58 18.03
N PHE A 111 17.06 -9.88 18.13
CA PHE A 111 16.25 -10.37 19.24
C PHE A 111 16.95 -10.33 20.61
N LYS A 112 18.26 -10.58 20.63
CA LYS A 112 18.97 -10.49 21.91
C LYS A 112 18.86 -9.07 22.45
N SER A 113 18.92 -8.09 21.54
CA SER A 113 18.80 -6.69 21.87
C SER A 113 17.36 -6.37 22.24
N SER A 114 16.45 -6.72 21.33
CA SER A 114 15.02 -6.49 21.57
C SER A 114 14.52 -6.91 22.96
N ARG A 115 14.96 -8.06 23.44
CA ARG A 115 14.43 -8.52 24.72
C ARG A 115 15.03 -7.87 25.96
N ALA A 116 16.04 -7.03 25.80
CA ALA A 116 16.70 -6.45 26.98
C ALA A 116 15.89 -5.46 27.83
N SER A 117 15.06 -4.65 27.18
CA SER A 117 14.25 -3.64 27.88
C SER A 117 13.23 -3.07 26.91
N LYS A 118 12.21 -2.43 27.44
CA LYS A 118 11.18 -1.86 26.59
C LYS A 118 11.64 -0.66 25.78
N ASP A 119 12.71 0.01 26.21
CA ASP A 119 13.22 1.18 25.50
C ASP A 119 14.40 0.90 24.56
N ASN A 120 14.77 -0.37 24.42
CA ASN A 120 15.88 -0.74 23.52
C ASN A 120 15.50 -0.34 22.05
N PRO A 121 16.46 0.19 21.28
CA PRO A 121 16.23 0.59 19.88
C PRO A 121 15.71 -0.59 19.04
N TYR A 122 15.85 -1.81 19.56
CA TYR A 122 15.34 -2.99 18.82
C TYR A 122 14.07 -3.59 19.39
N ARG A 123 13.50 -2.97 20.44
CA ARG A 123 12.28 -3.49 21.06
C ARG A 123 11.18 -3.76 20.03
N ASP A 124 10.98 -2.82 19.11
CA ASP A 124 9.91 -3.00 18.12
C ASP A 124 10.29 -3.71 16.82
N TYR A 125 11.39 -4.46 16.85
CA TYR A 125 11.74 -5.27 15.69
C TYR A 125 10.89 -6.52 15.82
N TYR A 126 10.26 -6.68 17.01
CA TYR A 126 9.43 -7.86 17.28
C TYR A 126 8.14 -7.41 17.94
N PHE A 127 7.26 -8.33 18.36
CA PHE A 127 6.02 -7.93 18.99
C PHE A 127 6.05 -8.35 20.43
N TRP A 128 5.99 -7.37 21.31
CA TRP A 128 6.00 -7.57 22.76
C TRP A 128 4.68 -7.01 23.30
N ARG A 129 4.04 -7.77 24.18
CA ARG A 129 2.76 -7.32 24.71
C ARG A 129 2.49 -7.86 26.10
N ASP A 130 1.77 -7.07 26.89
CA ASP A 130 1.37 -7.50 28.23
C ASP A 130 0.39 -8.66 28.14
N GLY A 131 0.51 -9.58 29.09
CA GLY A 131 -0.40 -10.70 29.15
C GLY A 131 -1.77 -10.14 29.55
N LYS A 132 -2.82 -10.90 29.30
CA LYS A 132 -4.18 -10.49 29.60
C LYS A 132 -4.90 -11.44 30.56
N ASP A 133 -5.68 -10.87 31.47
CA ASP A 133 -6.42 -11.61 32.47
C ASP A 133 -5.63 -12.76 33.07
N GLY A 134 -4.42 -12.48 33.53
CA GLY A 134 -3.59 -13.50 34.12
C GLY A 134 -2.90 -14.48 33.18
N HIS A 135 -3.11 -14.34 31.88
CA HIS A 135 -2.49 -15.25 30.94
C HIS A 135 -1.92 -14.52 29.73
N GLU A 136 -1.81 -15.21 28.61
CA GLU A 136 -1.24 -14.63 27.39
C GLU A 136 -2.04 -13.45 26.86
N PRO A 137 -1.43 -12.63 25.99
CA PRO A 137 -2.06 -11.45 25.40
C PRO A 137 -3.38 -11.82 24.75
N ASN A 138 -3.46 -12.99 24.15
CA ASN A 138 -4.72 -13.45 23.53
C ASN A 138 -4.64 -14.95 23.28
N ASN A 139 -5.67 -15.51 22.62
CA ASN A 139 -5.75 -16.96 22.38
C ASN A 139 -5.01 -17.57 21.15
N TYR A 140 -4.13 -16.79 20.53
CA TYR A 140 -3.40 -17.28 19.37
C TYR A 140 -2.63 -18.59 19.58
N PRO A 141 -2.86 -19.60 18.73
CA PRO A 141 -2.06 -20.80 18.93
C PRO A 141 -0.88 -20.72 17.95
N SER A 142 0.14 -21.52 18.23
CA SER A 142 1.31 -21.62 17.37
C SER A 142 1.21 -22.89 16.50
N PHE A 143 1.75 -22.87 15.30
CA PHE A 143 1.75 -24.06 14.41
C PHE A 143 2.58 -25.20 15.00
N PHE A 144 3.59 -24.86 15.79
CA PHE A 144 4.47 -25.83 16.39
C PHE A 144 4.18 -26.15 17.86
N GLY A 145 2.94 -25.87 18.29
CA GLY A 145 2.54 -26.24 19.64
C GLY A 145 2.36 -25.17 20.70
N GLY A 146 1.30 -25.33 21.50
CA GLY A 146 1.07 -24.39 22.57
C GLY A 146 0.68 -23.02 22.05
N SER A 147 0.90 -22.01 22.88
CA SER A 147 0.57 -20.62 22.56
C SER A 147 1.58 -19.97 21.61
N ALA A 148 1.11 -19.00 20.83
CA ALA A 148 1.97 -18.26 19.91
C ALA A 148 2.63 -17.12 20.73
N TRP A 149 2.36 -17.08 22.03
CA TRP A 149 2.95 -16.06 22.90
C TRP A 149 3.85 -16.68 23.92
N GLU A 150 5.05 -16.15 24.07
CA GLU A 150 6.01 -16.68 25.03
C GLU A 150 6.44 -15.59 26.01
N LYS A 151 6.26 -15.82 27.31
CA LYS A 151 6.61 -14.80 28.28
C LYS A 151 8.11 -14.76 28.48
N ASP A 152 8.67 -13.57 28.57
CA ASP A 152 10.10 -13.40 28.79
C ASP A 152 10.26 -12.71 30.14
N PRO A 153 10.87 -13.40 31.12
CA PRO A 153 11.04 -12.77 32.42
C PRO A 153 11.92 -11.50 32.43
N VAL A 154 12.82 -11.36 31.46
CA VAL A 154 13.69 -10.17 31.43
C VAL A 154 12.86 -8.88 31.47
N THR A 155 11.68 -8.88 30.86
CA THR A 155 10.82 -7.68 30.90
C THR A 155 9.39 -7.94 31.41
N GLY A 156 8.94 -9.19 31.44
CA GLY A 156 7.59 -9.46 31.92
C GLY A 156 6.55 -9.56 30.81
N GLN A 157 6.92 -9.13 29.61
CA GLN A 157 6.00 -9.19 28.48
C GLN A 157 6.19 -10.48 27.68
N TYR A 158 5.24 -10.77 26.81
CA TYR A 158 5.24 -11.97 25.97
C TYR A 158 5.60 -11.51 24.56
N TYR A 159 6.34 -12.34 23.82
CA TYR A 159 6.68 -12.01 22.40
C TYR A 159 5.90 -13.00 21.54
N LEU A 160 5.65 -12.61 20.30
CA LEU A 160 4.87 -13.37 19.36
C LEU A 160 5.68 -14.35 18.51
N HIS A 161 5.15 -15.56 18.36
CA HIS A 161 5.78 -16.57 17.52
C HIS A 161 4.72 -17.48 16.91
N TYR A 162 4.33 -17.18 15.67
CA TYR A 162 3.37 -18.05 15.00
C TYR A 162 3.99 -19.45 14.87
N PHE A 163 5.31 -19.51 14.63
CA PHE A 163 5.89 -20.83 14.49
C PHE A 163 6.55 -21.25 15.79
N GLY A 164 7.80 -21.71 15.74
CA GLY A 164 8.44 -22.16 16.97
C GLY A 164 8.74 -21.09 18.00
N ARG A 165 8.83 -21.50 19.29
CA ARG A 165 9.14 -20.55 20.37
C ARG A 165 10.49 -19.87 20.09
N GLN A 166 11.33 -20.51 19.29
CA GLN A 166 12.65 -19.91 18.96
C GLN A 166 12.66 -19.20 17.60
N GLN A 167 11.47 -18.91 17.12
CA GLN A 167 11.29 -18.19 15.84
C GLN A 167 10.37 -16.98 16.08
N PRO A 168 10.86 -15.98 16.84
CA PRO A 168 10.05 -14.79 17.10
C PRO A 168 9.65 -14.08 15.81
N ASP A 169 8.40 -13.63 15.69
CA ASP A 169 8.02 -12.93 14.48
C ASP A 169 8.60 -11.52 14.42
N LEU A 170 9.05 -11.15 13.24
CA LEU A 170 9.58 -9.82 13.00
C LEU A 170 8.43 -8.85 12.80
N ASN A 171 8.60 -7.62 13.27
CA ASN A 171 7.57 -6.64 13.21
C ASN A 171 7.62 -5.76 11.95
N TRP A 172 6.83 -6.11 10.93
CA TRP A 172 6.84 -5.33 9.71
C TRP A 172 6.22 -3.92 9.87
N ASP A 173 5.58 -3.66 11.00
CA ASP A 173 5.01 -2.33 11.19
C ASP A 173 6.09 -1.29 11.54
N THR A 174 7.31 -1.73 11.77
CA THR A 174 8.39 -0.84 12.15
C THR A 174 9.25 -0.53 10.93
N PRO A 175 9.21 0.72 10.42
CA PRO A 175 9.97 1.16 9.25
C PRO A 175 11.42 0.76 9.28
N LYS A 176 12.09 1.00 10.42
CA LYS A 176 13.51 0.65 10.47
C LYS A 176 13.76 -0.83 10.26
N LEU A 177 12.82 -1.68 10.69
CA LEU A 177 12.96 -3.14 10.52
C LEU A 177 12.77 -3.44 9.03
N ARG A 178 11.75 -2.84 8.40
CA ARG A 178 11.54 -3.15 6.98
C ARG A 178 12.79 -2.71 6.21
N GLU A 179 13.38 -1.57 6.56
CA GLU A 179 14.59 -1.15 5.83
C GLU A 179 15.76 -2.12 6.06
N GLU A 180 15.85 -2.70 7.25
CA GLU A 180 16.93 -3.67 7.50
C GLU A 180 16.68 -4.91 6.64
N LEU A 181 15.42 -5.29 6.51
CA LEU A 181 15.11 -6.44 5.65
C LEU A 181 15.44 -6.16 4.19
N TYR A 182 15.09 -4.98 3.67
CA TYR A 182 15.39 -4.69 2.27
C TYR A 182 16.89 -4.73 2.00
N ALA A 183 17.69 -4.21 2.94
CA ALA A 183 19.14 -4.17 2.80
C ALA A 183 19.74 -5.56 2.75
N MET A 184 19.15 -6.44 3.53
CA MET A 184 19.56 -7.85 3.61
C MET A 184 19.30 -8.51 2.26
N LEU A 185 18.14 -8.24 1.68
CA LEU A 185 17.79 -8.82 0.41
C LEU A 185 18.77 -8.31 -0.64
N ARG A 186 19.06 -7.01 -0.61
CA ARG A 186 20.01 -6.45 -1.57
C ARG A 186 21.38 -7.13 -1.48
N PHE A 187 21.72 -7.62 -0.28
CA PHE A 187 23.03 -8.26 -0.07
C PHE A 187 23.15 -9.55 -0.89
N TRP A 188 22.10 -10.34 -0.92
CA TRP A 188 22.11 -11.59 -1.68
C TRP A 188 21.88 -11.31 -3.18
N LEU A 189 21.02 -10.34 -3.47
CA LEU A 189 20.73 -10.07 -4.87
C LEU A 189 21.97 -9.45 -5.55
N ASP A 190 22.79 -8.75 -4.78
CA ASP A 190 24.02 -8.15 -5.32
C ASP A 190 25.04 -9.24 -5.68
N LYS A 191 24.87 -10.44 -5.10
CA LYS A 191 25.74 -11.58 -5.39
C LYS A 191 25.31 -12.30 -6.67
N GLY A 192 24.22 -11.84 -7.30
CA GLY A 192 23.78 -12.47 -8.53
C GLY A 192 22.64 -13.48 -8.41
N VAL A 193 22.06 -13.64 -7.23
CA VAL A 193 20.97 -14.60 -7.04
C VAL A 193 19.85 -14.30 -8.04
N SER A 194 19.25 -15.34 -8.63
CA SER A 194 18.19 -15.15 -9.67
C SER A 194 16.73 -15.20 -9.25
N GLY A 195 16.48 -15.72 -8.05
CA GLY A 195 15.11 -15.81 -7.62
C GLY A 195 15.09 -15.88 -6.14
N MET A 196 13.93 -15.60 -5.57
CA MET A 196 13.73 -15.62 -4.12
C MET A 196 12.37 -16.22 -3.84
N ARG A 197 12.34 -17.19 -2.92
CA ARG A 197 11.09 -17.85 -2.53
C ARG A 197 10.81 -17.30 -1.13
N PHE A 198 9.65 -16.69 -0.96
CA PHE A 198 9.31 -16.09 0.32
C PHE A 198 8.47 -16.96 1.23
N ALA A 199 9.12 -17.48 2.27
CA ALA A 199 8.48 -18.28 3.29
C ALA A 199 7.32 -17.55 3.97
N THR A 200 6.18 -18.27 4.06
CA THR A 200 4.97 -17.78 4.70
C THR A 200 4.81 -16.25 4.50
N VAL A 201 4.79 -15.90 3.22
CA VAL A 201 4.74 -14.52 2.78
C VAL A 201 3.41 -13.81 3.12
N ALA A 202 2.37 -14.57 3.41
CA ALA A 202 1.10 -13.95 3.71
C ALA A 202 0.87 -13.61 5.19
N THR A 203 1.81 -13.94 6.08
CA THR A 203 1.66 -13.65 7.49
C THR A 203 2.43 -12.40 8.00
N TYR A 204 3.09 -11.70 7.09
CA TYR A 204 3.92 -10.56 7.47
C TYR A 204 3.18 -9.49 8.21
N SER A 205 1.92 -9.29 7.87
CA SER A 205 1.17 -8.24 8.53
C SER A 205 0.38 -8.82 9.70
N LYS A 206 0.48 -8.19 10.89
CA LYS A 206 -0.27 -8.66 12.06
C LYS A 206 -1.51 -7.78 12.26
N THR A 207 -2.48 -8.23 13.06
CA THR A 207 -3.70 -7.45 13.29
C THR A 207 -3.52 -6.47 14.44
N PRO A 208 -3.75 -5.18 14.19
CA PRO A 208 -3.60 -4.15 15.21
C PRO A 208 -4.42 -4.51 16.45
N GLY A 209 -3.81 -4.41 17.63
CA GLY A 209 -4.54 -4.71 18.84
C GLY A 209 -4.58 -6.16 19.28
N PHE A 210 -4.17 -7.05 18.40
CA PHE A 210 -4.16 -8.47 18.74
C PHE A 210 -5.45 -8.97 19.43
N PRO A 211 -6.61 -8.74 18.82
CA PRO A 211 -7.84 -9.21 19.46
C PRO A 211 -7.91 -10.73 19.45
N ASP A 212 -8.70 -11.32 20.35
CA ASP A 212 -8.85 -12.76 20.35
C ASP A 212 -9.44 -13.26 19.04
N LEU A 213 -8.99 -14.44 18.62
CA LEU A 213 -9.53 -15.10 17.46
C LEU A 213 -10.91 -15.64 17.91
N THR A 214 -11.88 -15.61 17.00
CA THR A 214 -13.20 -16.12 17.29
C THR A 214 -13.15 -17.63 17.32
N PRO A 215 -14.24 -18.28 17.76
CA PRO A 215 -14.29 -19.74 17.82
C PRO A 215 -14.05 -20.33 16.44
N GLU A 216 -14.69 -19.71 15.46
CA GLU A 216 -14.59 -20.11 14.06
C GLU A 216 -13.17 -19.84 13.58
N GLN A 217 -12.75 -18.59 13.69
CA GLN A 217 -11.38 -18.26 13.25
C GLN A 217 -10.40 -19.24 13.86
N MET A 218 -10.73 -19.73 15.04
CA MET A 218 -9.85 -20.66 15.72
C MET A 218 -9.81 -22.03 15.05
N LYS A 219 -10.86 -22.42 14.35
CA LYS A 219 -10.82 -23.73 13.69
C LYS A 219 -9.73 -23.71 12.60
N ASN A 220 -9.63 -22.59 11.90
CA ASN A 220 -8.63 -22.45 10.84
C ASN A 220 -7.80 -21.18 11.11
N PHE A 221 -6.97 -21.24 12.15
CA PHE A 221 -6.20 -20.04 12.51
C PHE A 221 -5.16 -19.63 11.48
N ALA A 222 -4.67 -20.57 10.69
CA ALA A 222 -3.70 -20.23 9.65
C ALA A 222 -4.29 -19.16 8.74
N GLU A 223 -5.59 -19.24 8.49
CA GLU A 223 -6.23 -18.25 7.61
C GLU A 223 -6.27 -16.86 8.21
N ALA A 224 -6.63 -16.78 9.50
CA ALA A 224 -6.69 -15.52 10.19
C ALA A 224 -5.31 -14.86 10.16
N TYR A 225 -4.23 -15.64 10.32
CA TYR A 225 -2.90 -15.02 10.27
C TYR A 225 -2.49 -14.42 8.91
N THR A 226 -3.28 -14.67 7.86
CA THR A 226 -2.99 -14.10 6.54
C THR A 226 -3.83 -12.84 6.26
N GLN A 227 -4.63 -12.46 7.24
CA GLN A 227 -5.49 -11.27 7.06
C GLN A 227 -4.99 -9.96 7.66
N GLY A 228 -3.68 -9.80 7.85
CA GLY A 228 -3.19 -8.51 8.37
C GLY A 228 -3.59 -7.38 7.43
N PRO A 229 -4.04 -6.20 7.92
CA PRO A 229 -4.47 -5.10 7.04
C PRO A 229 -3.45 -4.42 6.13
N ASN A 230 -2.19 -4.50 6.50
CA ASN A 230 -1.11 -3.86 5.76
C ASN A 230 -0.31 -4.81 4.88
N LEU A 231 -0.77 -6.06 4.72
CA LEU A 231 0.02 -7.01 3.94
C LEU A 231 0.48 -6.57 2.55
N HIS A 232 -0.45 -6.20 1.69
CA HIS A 232 -0.05 -5.85 0.32
C HIS A 232 0.73 -4.54 0.25
N ARG A 233 0.51 -3.67 1.21
CA ARG A 233 1.22 -2.41 1.27
C ARG A 233 2.70 -2.74 1.50
N TYR A 234 2.98 -3.71 2.40
CA TYR A 234 4.37 -4.07 2.70
C TYR A 234 4.97 -4.79 1.52
N LEU A 235 4.22 -5.68 0.86
CA LEU A 235 4.80 -6.39 -0.30
C LEU A 235 5.06 -5.44 -1.48
N GLN A 236 4.18 -4.45 -1.67
CA GLN A 236 4.38 -3.46 -2.74
C GLN A 236 5.59 -2.58 -2.45
N GLU A 237 5.85 -2.29 -1.16
CA GLU A 237 7.00 -1.46 -0.79
C GLU A 237 8.29 -2.23 -1.03
N MET A 238 8.27 -3.51 -0.66
CA MET A 238 9.46 -4.35 -0.85
C MET A 238 9.75 -4.38 -2.33
N HIS A 239 8.70 -4.48 -3.12
CA HIS A 239 8.91 -4.52 -4.56
C HIS A 239 9.50 -3.21 -5.08
N GLU A 240 8.91 -2.10 -4.65
CA GLU A 240 9.36 -0.81 -5.07
C GLU A 240 10.80 -0.55 -4.60
N LYS A 241 11.12 -0.95 -3.39
CA LYS A 241 12.43 -0.63 -2.89
C LYS A 241 13.54 -1.59 -3.22
N VAL A 242 13.21 -2.83 -3.55
CA VAL A 242 14.20 -3.83 -3.85
C VAL A 242 14.09 -4.41 -5.24
N PHE A 243 13.04 -5.19 -5.47
CA PHE A 243 12.92 -5.91 -6.75
C PHE A 243 12.88 -5.12 -8.02
N ASP A 244 12.38 -3.90 -7.96
CA ASP A 244 12.34 -3.06 -9.16
C ASP A 244 13.77 -2.73 -9.67
N HIS A 245 14.76 -2.92 -8.82
CA HIS A 245 16.13 -2.63 -9.20
C HIS A 245 16.97 -3.85 -9.60
N TYR A 246 16.35 -5.02 -9.65
CA TYR A 246 17.07 -6.23 -10.02
C TYR A 246 16.29 -7.00 -11.04
N ASP A 247 16.82 -8.13 -11.48
CA ASP A 247 16.13 -8.91 -12.48
C ASP A 247 15.85 -10.29 -11.93
N ALA A 248 15.45 -10.32 -10.66
CA ALA A 248 15.17 -11.56 -9.96
C ALA A 248 13.69 -11.92 -9.97
N VAL A 249 13.37 -13.21 -10.10
CA VAL A 249 11.97 -13.61 -10.05
C VAL A 249 11.63 -13.88 -8.58
N THR A 250 10.43 -13.50 -8.18
CA THR A 250 9.99 -13.71 -6.79
C THR A 250 8.81 -14.68 -6.75
N ALA A 251 8.83 -15.57 -5.75
CA ALA A 251 7.77 -16.56 -5.61
C ALA A 251 7.32 -16.61 -4.15
N GLY A 252 6.05 -16.37 -3.92
CA GLY A 252 5.54 -16.37 -2.56
C GLY A 252 4.93 -17.68 -2.13
N GLU A 253 5.30 -18.13 -0.92
CA GLU A 253 4.68 -19.32 -0.32
C GLU A 253 3.46 -18.73 0.40
N ILE A 254 2.33 -18.81 -0.27
CA ILE A 254 1.09 -18.27 0.27
C ILE A 254 0.37 -19.27 1.18
N PHE A 255 0.98 -19.50 2.31
CA PHE A 255 0.46 -20.42 3.29
C PHE A 255 -0.71 -19.87 4.05
N GLY A 256 -1.83 -20.60 3.99
CA GLY A 256 -3.01 -20.22 4.75
C GLY A 256 -4.04 -19.28 4.18
N ALA A 257 -3.72 -18.61 3.10
CA ALA A 257 -4.65 -17.65 2.53
C ALA A 257 -5.73 -18.30 1.66
N PRO A 258 -6.94 -17.72 1.63
CA PRO A 258 -8.02 -18.27 0.79
C PRO A 258 -7.54 -18.06 -0.65
N LEU A 259 -7.85 -19.01 -1.53
CA LEU A 259 -7.38 -18.90 -2.93
C LEU A 259 -7.89 -17.59 -3.63
N ASN A 260 -9.05 -17.08 -3.22
CA ASN A 260 -9.58 -15.89 -3.88
C ASN A 260 -8.68 -14.67 -3.72
N GLN A 261 -7.79 -14.70 -2.72
CA GLN A 261 -6.87 -13.60 -2.45
C GLN A 261 -5.52 -13.73 -3.18
N VAL A 262 -5.26 -14.87 -3.78
CA VAL A 262 -3.99 -15.07 -4.43
C VAL A 262 -3.61 -14.07 -5.51
N PRO A 263 -4.58 -13.64 -6.35
CA PRO A 263 -4.28 -12.68 -7.41
C PRO A 263 -3.66 -11.36 -6.87
N LEU A 264 -3.96 -11.02 -5.62
CA LEU A 264 -3.45 -9.78 -5.05
C LEU A 264 -1.95 -9.88 -4.91
N PHE A 265 -1.46 -11.13 -4.81
CA PHE A 265 -0.02 -11.33 -4.65
C PHE A 265 0.71 -11.47 -6.00
N ILE A 266 0.03 -12.02 -7.01
CA ILE A 266 0.74 -12.30 -8.25
C ILE A 266 0.39 -11.58 -9.53
N ASP A 267 -0.70 -10.84 -9.51
CA ASP A 267 -1.12 -10.06 -10.71
C ASP A 267 0.07 -9.17 -11.04
N SER A 268 0.69 -9.34 -12.20
CA SER A 268 1.90 -8.55 -12.51
C SER A 268 1.71 -7.04 -12.40
N ARG A 269 0.49 -6.60 -12.62
CA ARG A 269 0.21 -5.17 -12.56
C ARG A 269 0.29 -4.58 -11.16
N ARG A 270 0.15 -5.41 -10.14
CA ARG A 270 0.17 -4.94 -8.76
C ARG A 270 1.58 -4.75 -8.23
N LYS A 271 2.56 -5.18 -9.01
CA LYS A 271 3.95 -5.05 -8.59
C LYS A 271 4.26 -5.60 -7.18
N GLU A 272 3.86 -6.84 -6.96
CA GLU A 272 4.16 -7.52 -5.71
C GLU A 272 5.08 -8.69 -6.04
N LEU A 273 4.52 -9.89 -6.21
CA LEU A 273 5.33 -11.09 -6.51
C LEU A 273 5.10 -11.58 -7.93
N ASP A 274 5.98 -12.43 -8.44
CA ASP A 274 5.82 -12.98 -9.81
C ASP A 274 4.98 -14.26 -9.90
N MET A 275 5.20 -15.19 -8.96
CA MET A 275 4.42 -16.39 -8.99
C MET A 275 4.07 -16.91 -7.60
N ALA A 276 3.10 -17.79 -7.56
CA ALA A 276 2.62 -18.30 -6.30
C ALA A 276 2.84 -19.78 -6.06
N PHE A 277 3.02 -20.11 -4.79
CA PHE A 277 3.12 -21.50 -4.33
C PHE A 277 1.84 -21.49 -3.50
N THR A 278 0.84 -22.26 -3.92
CA THR A 278 -0.39 -22.35 -3.14
C THR A 278 -0.46 -23.73 -2.51
N PHE A 279 -1.33 -23.90 -1.52
CA PHE A 279 -1.48 -25.14 -0.78
C PHE A 279 -2.78 -25.84 -1.00
N ASP A 280 -3.65 -25.22 -1.78
CA ASP A 280 -4.92 -25.86 -2.07
C ASP A 280 -4.78 -27.31 -2.57
N LEU A 281 -3.89 -27.59 -3.52
CA LEU A 281 -3.77 -28.97 -4.01
C LEU A 281 -2.96 -29.91 -3.11
N ILE A 282 -1.77 -29.49 -2.69
CA ILE A 282 -0.95 -30.36 -1.85
C ILE A 282 -1.64 -30.77 -0.52
N ARG A 283 -2.50 -29.90 0.01
CA ARG A 283 -3.22 -30.18 1.26
C ARG A 283 -4.70 -30.49 1.01
N TYR A 284 -5.06 -30.83 -0.24
CA TYR A 284 -6.45 -31.10 -0.60
C TYR A 284 -7.09 -32.20 0.17
N ASP A 285 -6.28 -33.14 0.70
CA ASP A 285 -6.82 -34.24 1.49
C ASP A 285 -6.32 -34.23 2.93
N ARG A 286 -5.95 -33.03 3.43
CA ARG A 286 -5.45 -32.92 4.80
C ARG A 286 -6.52 -32.29 5.69
N ALA A 287 -6.70 -32.81 6.90
CA ALA A 287 -7.68 -32.20 7.78
C ALA A 287 -7.12 -30.87 8.33
N LEU A 288 -7.99 -30.06 8.93
CA LEU A 288 -7.60 -28.77 9.50
C LEU A 288 -6.52 -28.89 10.54
N ASP A 289 -6.47 -29.99 11.28
CA ASP A 289 -5.44 -30.14 12.31
C ASP A 289 -4.07 -30.50 11.74
N ARG A 290 -4.00 -30.61 10.41
CA ARG A 290 -2.79 -30.89 9.64
C ARG A 290 -2.11 -32.23 9.88
N TRP A 291 -2.66 -33.08 10.74
CA TRP A 291 -2.06 -34.40 10.92
C TRP A 291 -3.01 -35.58 10.64
N HIS A 292 -4.20 -35.30 10.13
CA HIS A 292 -5.10 -36.35 9.70
C HIS A 292 -5.37 -36.15 8.22
N THR A 293 -5.75 -37.24 7.54
CA THR A 293 -6.07 -37.17 6.14
C THR A 293 -7.56 -37.47 5.92
N ILE A 294 -8.17 -36.77 4.97
CA ILE A 294 -9.60 -36.95 4.60
C ILE A 294 -9.55 -37.60 3.20
N PRO A 295 -10.25 -38.73 2.98
CA PRO A 295 -10.18 -39.36 1.64
C PRO A 295 -10.71 -38.46 0.51
N ARG A 296 -10.01 -38.43 -0.63
CA ARG A 296 -10.42 -37.63 -1.78
C ARG A 296 -10.29 -38.43 -3.08
N THR A 297 -10.95 -37.93 -4.14
CA THR A 297 -10.84 -38.58 -5.45
C THR A 297 -10.12 -37.68 -6.44
N LEU A 298 -9.87 -38.22 -7.65
CA LEU A 298 -9.26 -37.47 -8.71
C LEU A 298 -10.15 -36.30 -9.06
N ALA A 299 -11.48 -36.45 -8.88
CA ALA A 299 -12.36 -35.32 -9.20
C ALA A 299 -11.95 -34.12 -8.33
N ASP A 300 -11.69 -34.36 -7.05
CA ASP A 300 -11.28 -33.30 -6.13
C ASP A 300 -9.91 -32.74 -6.57
N PHE A 301 -9.02 -33.64 -6.96
CA PHE A 301 -7.66 -33.29 -7.43
C PHE A 301 -7.77 -32.31 -8.64
N ARG A 302 -8.40 -32.75 -9.73
CA ARG A 302 -8.46 -31.88 -10.91
C ARG A 302 -9.29 -30.60 -10.68
N GLN A 303 -10.37 -30.71 -9.93
CA GLN A 303 -11.21 -29.52 -9.68
C GLN A 303 -10.39 -28.48 -8.93
N THR A 304 -9.51 -28.93 -8.03
CA THR A 304 -8.65 -28.01 -7.28
C THR A 304 -7.68 -27.37 -8.25
N ILE A 305 -7.03 -28.19 -9.07
CA ILE A 305 -6.08 -27.66 -10.03
C ILE A 305 -6.76 -26.63 -10.94
N ASP A 306 -8.00 -26.95 -11.32
CA ASP A 306 -8.78 -26.10 -12.23
C ASP A 306 -9.02 -24.73 -11.59
N LYS A 307 -9.36 -24.72 -10.29
CA LYS A 307 -9.61 -23.48 -9.57
C LYS A 307 -8.34 -22.69 -9.42
N VAL A 308 -7.24 -23.40 -9.19
CA VAL A 308 -5.99 -22.70 -9.00
C VAL A 308 -5.51 -22.09 -10.29
N ASP A 309 -5.63 -22.81 -11.40
CA ASP A 309 -5.20 -22.28 -12.67
C ASP A 309 -6.02 -21.04 -12.98
N ALA A 310 -7.32 -21.08 -12.67
CA ALA A 310 -8.19 -19.94 -12.95
C ALA A 310 -7.79 -18.67 -12.19
N ILE A 311 -7.31 -18.83 -10.97
CA ILE A 311 -6.91 -17.68 -10.18
C ILE A 311 -5.75 -16.90 -10.78
N ALA A 312 -4.92 -17.57 -11.58
CA ALA A 312 -3.79 -16.92 -12.21
C ALA A 312 -4.26 -15.99 -13.30
N GLY A 313 -5.51 -16.12 -13.70
CA GLY A 313 -6.05 -15.26 -14.73
C GLY A 313 -5.06 -14.90 -15.83
N GLU A 314 -5.18 -13.70 -16.36
CA GLU A 314 -4.29 -13.28 -17.43
C GLU A 314 -2.96 -12.65 -17.01
N TYR A 315 -2.89 -12.03 -15.85
CA TYR A 315 -1.61 -11.41 -15.50
C TYR A 315 -0.88 -12.04 -14.34
N GLY A 316 -1.38 -13.16 -13.81
CA GLY A 316 -0.67 -13.79 -12.69
C GLY A 316 0.06 -15.03 -13.21
N TRP A 317 0.72 -15.78 -12.34
CA TRP A 317 1.41 -16.98 -12.78
C TRP A 317 1.56 -17.89 -11.57
N ASN A 318 1.39 -19.19 -11.80
CA ASN A 318 1.47 -20.17 -10.73
C ASN A 318 2.68 -21.07 -10.90
N THR A 319 3.18 -21.58 -9.78
CA THR A 319 4.22 -22.60 -9.81
C THR A 319 3.36 -23.89 -9.80
N PHE A 320 3.94 -25.05 -10.09
CA PHE A 320 3.14 -26.27 -9.97
C PHE A 320 4.02 -27.28 -9.27
N PHE A 321 3.49 -27.99 -8.28
CA PHE A 321 4.33 -28.98 -7.58
C PHE A 321 3.44 -30.00 -6.92
N LEU A 322 3.91 -31.23 -6.79
CA LEU A 322 3.17 -32.30 -6.14
C LEU A 322 3.98 -32.65 -4.91
N GLY A 323 5.11 -31.99 -4.72
CA GLY A 323 5.93 -32.32 -3.55
C GLY A 323 6.86 -31.21 -3.13
N ASN A 324 7.26 -31.24 -1.86
CA ASN A 324 8.24 -30.29 -1.32
C ASN A 324 8.70 -30.80 0.04
N HIS A 325 9.43 -29.98 0.79
CA HIS A 325 10.01 -30.46 2.06
C HIS A 325 9.05 -30.43 3.25
N ASP A 326 7.81 -29.98 3.01
CA ASP A 326 6.82 -29.91 4.10
C ASP A 326 5.68 -30.91 3.91
N ASN A 327 5.82 -31.84 2.98
CA ASN A 327 4.70 -32.72 2.69
C ASN A 327 5.13 -34.12 2.39
N PRO A 328 4.21 -35.10 2.50
CA PRO A 328 4.58 -36.48 2.19
C PRO A 328 5.00 -36.60 0.72
N ARG A 329 5.68 -37.71 0.39
CA ARG A 329 6.19 -37.95 -0.93
C ARG A 329 5.09 -38.03 -1.99
N ALA A 330 5.34 -37.37 -3.12
CA ALA A 330 4.39 -37.36 -4.22
C ALA A 330 3.78 -38.71 -4.62
N VAL A 331 4.59 -39.75 -4.84
CA VAL A 331 4.06 -41.03 -5.29
C VAL A 331 3.20 -41.72 -4.22
N SER A 332 3.61 -41.56 -2.96
CA SER A 332 2.89 -42.09 -1.82
C SER A 332 1.57 -41.34 -1.56
N HIS A 333 1.61 -40.04 -1.76
CA HIS A 333 0.45 -39.16 -1.48
C HIS A 333 -0.61 -39.15 -2.58
N PHE A 334 -0.17 -38.92 -3.81
CA PHE A 334 -1.07 -38.87 -4.96
C PHE A 334 -1.05 -40.13 -5.84
N GLY A 335 -0.03 -40.97 -5.72
CA GLY A 335 0.06 -42.14 -6.56
C GLY A 335 -0.19 -43.44 -5.82
N ASP A 336 0.50 -44.51 -6.19
CA ASP A 336 0.32 -45.79 -5.47
C ASP A 336 1.74 -46.28 -5.21
N ASP A 337 2.22 -46.25 -3.97
CA ASP A 337 3.62 -46.63 -3.73
C ASP A 337 3.89 -48.11 -3.43
N ARG A 338 2.86 -48.93 -3.61
CA ARG A 338 3.03 -50.37 -3.43
C ARG A 338 4.04 -50.78 -4.51
N PRO A 339 4.84 -51.81 -4.23
CA PRO A 339 5.86 -52.26 -5.18
C PRO A 339 5.42 -52.44 -6.59
N GLN A 340 4.23 -52.96 -6.79
CA GLN A 340 3.82 -53.22 -8.15
C GLN A 340 3.34 -52.04 -8.94
N TRP A 341 3.06 -50.92 -8.25
CA TRP A 341 2.52 -49.72 -8.91
C TRP A 341 3.30 -48.45 -8.76
N ARG A 342 4.32 -48.48 -7.89
CA ARG A 342 5.15 -47.30 -7.59
C ARG A 342 5.76 -46.67 -8.84
N GLU A 343 6.44 -47.48 -9.65
CA GLU A 343 7.07 -46.92 -10.84
C GLU A 343 6.06 -46.44 -11.83
N ALA A 344 5.00 -47.20 -12.04
CA ALA A 344 3.97 -46.80 -13.02
C ALA A 344 3.27 -45.48 -12.57
N SER A 345 2.86 -45.41 -11.30
CA SER A 345 2.19 -44.21 -10.82
C SER A 345 3.14 -43.01 -10.73
N ALA A 346 4.41 -43.23 -10.41
CA ALA A 346 5.36 -42.15 -10.33
C ALA A 346 5.54 -41.53 -11.72
N LYS A 347 5.53 -42.36 -12.77
CA LYS A 347 5.67 -41.84 -14.15
C LYS A 347 4.39 -41.04 -14.50
N ALA A 348 3.22 -41.55 -14.15
CA ALA A 348 1.95 -40.84 -14.41
C ALA A 348 1.97 -39.47 -13.74
N LEU A 349 2.42 -39.43 -12.48
CA LEU A 349 2.48 -38.16 -11.82
C LEU A 349 3.48 -37.21 -12.47
N ALA A 350 4.59 -37.74 -13.00
CA ALA A 350 5.60 -36.92 -13.69
C ALA A 350 4.95 -36.27 -14.94
N THR A 351 4.15 -37.04 -15.65
CA THR A 351 3.49 -36.50 -16.82
C THR A 351 2.58 -35.34 -16.39
N VAL A 352 1.83 -35.53 -15.30
CA VAL A 352 0.98 -34.45 -14.81
C VAL A 352 1.81 -33.22 -14.48
N THR A 353 2.86 -33.39 -13.67
CA THR A 353 3.66 -32.25 -13.25
C THR A 353 4.26 -31.45 -14.40
N LEU A 354 4.81 -32.14 -15.40
CA LEU A 354 5.46 -31.44 -16.50
C LEU A 354 4.58 -30.94 -17.64
N THR A 355 3.27 -31.08 -17.50
CA THR A 355 2.38 -30.60 -18.53
C THR A 355 1.34 -29.65 -17.94
N GLN A 356 1.59 -29.14 -16.74
CA GLN A 356 0.68 -28.20 -16.11
C GLN A 356 1.08 -26.77 -16.51
N ARG A 357 0.08 -25.89 -16.52
CA ARG A 357 0.32 -24.50 -16.88
C ARG A 357 0.91 -23.84 -15.66
N GLY A 358 2.08 -23.25 -15.81
CA GLY A 358 2.73 -22.63 -14.67
C GLY A 358 4.16 -23.13 -14.65
N THR A 359 4.91 -22.75 -13.64
CA THR A 359 6.31 -23.21 -13.55
C THR A 359 6.43 -24.42 -12.64
N PRO A 360 6.83 -25.59 -13.18
CA PRO A 360 6.97 -26.79 -12.37
C PRO A 360 8.22 -26.80 -11.49
N PHE A 361 8.05 -27.32 -10.28
CA PHE A 361 9.13 -27.49 -9.30
C PHE A 361 9.15 -28.98 -9.01
N ILE A 362 10.27 -29.64 -9.24
CA ILE A 362 10.38 -31.08 -8.97
C ILE A 362 11.16 -31.16 -7.65
N PHE A 363 10.64 -31.87 -6.65
CA PHE A 363 11.32 -31.98 -5.34
C PHE A 363 12.35 -33.10 -5.39
N GLN A 364 13.53 -32.85 -4.83
CA GLN A 364 14.60 -33.85 -4.87
C GLN A 364 14.15 -35.26 -4.56
N GLY A 365 14.49 -36.19 -5.43
CA GLY A 365 14.12 -37.58 -5.22
C GLY A 365 12.83 -38.01 -5.91
N ASP A 366 11.95 -37.08 -6.23
CA ASP A 366 10.73 -37.52 -6.88
C ASP A 366 10.97 -38.06 -8.27
N GLU A 367 12.07 -37.63 -8.91
CA GLU A 367 12.43 -38.09 -10.24
C GLU A 367 12.87 -39.54 -10.17
N LEU A 368 13.06 -40.08 -8.94
CA LEU A 368 13.49 -41.50 -8.82
C LEU A 368 12.33 -42.36 -8.34
N GLY A 369 11.23 -41.70 -7.97
CA GLY A 369 10.10 -42.41 -7.39
C GLY A 369 10.29 -42.69 -5.90
N MET A 370 11.04 -41.83 -5.17
CA MET A 370 11.18 -42.06 -3.73
C MET A 370 9.81 -42.02 -3.05
N THR A 371 9.67 -42.78 -1.96
CA THR A 371 8.41 -42.89 -1.23
C THR A 371 8.49 -42.37 0.21
N ASN A 372 7.36 -42.47 0.90
CA ASN A 372 7.25 -42.14 2.30
C ASN A 372 8.14 -43.12 3.04
N TYR A 373 8.49 -42.78 4.27
CA TYR A 373 9.36 -43.58 5.06
C TYR A 373 8.56 -44.41 6.08
N PRO A 374 8.99 -45.65 6.34
CA PRO A 374 8.28 -46.50 7.30
C PRO A 374 8.57 -46.22 8.80
N PHE A 375 8.04 -45.11 9.32
CA PHE A 375 8.26 -44.75 10.73
C PHE A 375 7.68 -45.80 11.63
N LYS A 376 8.40 -46.16 12.69
CA LYS A 376 7.95 -47.20 13.64
C LYS A 376 7.62 -46.67 15.03
N THR A 377 8.22 -45.55 15.41
CA THR A 377 7.95 -44.94 16.69
C THR A 377 8.02 -43.44 16.50
N LEU A 378 7.43 -42.68 17.44
CA LEU A 378 7.46 -41.21 17.36
C LEU A 378 8.92 -40.76 17.42
N GLN A 379 9.79 -41.60 17.98
CA GLN A 379 11.20 -41.20 18.04
C GLN A 379 11.90 -41.22 16.66
N ASP A 380 11.28 -41.81 15.65
CA ASP A 380 11.87 -41.84 14.29
C ASP A 380 11.67 -40.52 13.55
N PHE A 381 10.94 -39.57 14.14
CA PHE A 381 10.70 -38.23 13.53
C PHE A 381 11.62 -37.21 14.16
N ASP A 382 12.16 -36.32 13.34
CA ASP A 382 13.02 -35.25 13.83
C ASP A 382 12.20 -33.97 13.95
N ASP A 383 11.18 -33.86 13.11
CA ASP A 383 10.42 -32.64 13.00
C ASP A 383 9.76 -31.99 14.23
N ILE A 384 10.15 -30.74 14.47
CA ILE A 384 9.60 -29.94 15.57
C ILE A 384 8.07 -29.94 15.47
N GLU A 385 7.54 -30.00 14.26
CA GLU A 385 6.09 -29.99 14.11
C GLU A 385 5.40 -31.20 14.75
N VAL A 386 6.04 -32.38 14.68
CA VAL A 386 5.47 -33.57 15.29
C VAL A 386 5.50 -33.44 16.83
N LYS A 387 6.57 -32.83 17.34
CA LYS A 387 6.68 -32.62 18.78
C LYS A 387 5.53 -31.70 19.23
N GLY A 388 5.17 -30.74 18.37
CA GLY A 388 4.09 -29.82 18.65
C GLY A 388 2.73 -30.55 18.63
N PHE A 389 2.59 -31.55 17.76
CA PHE A 389 1.30 -32.30 17.72
C PHE A 389 1.26 -33.14 19.01
N PHE A 390 2.42 -33.63 19.44
CA PHE A 390 2.49 -34.42 20.65
C PHE A 390 2.02 -33.56 21.83
N GLN A 391 2.62 -32.39 21.96
CA GLN A 391 2.25 -31.46 23.01
C GLN A 391 0.76 -31.07 22.93
N ASP A 392 0.27 -30.80 21.73
CA ASP A 392 -1.11 -30.34 21.59
C ASP A 392 -2.21 -31.38 21.64
N TYR A 393 -1.89 -32.63 21.33
CA TYR A 393 -2.91 -33.67 21.27
C TYR A 393 -2.71 -34.88 22.16
N VAL A 394 -1.45 -35.25 22.39
CA VAL A 394 -1.18 -36.42 23.21
C VAL A 394 -1.11 -36.03 24.68
N GLU A 395 -0.28 -35.03 24.99
CA GLU A 395 -0.13 -34.60 26.37
C GLU A 395 -1.42 -34.11 26.94
N THR A 396 -2.29 -33.65 26.06
CA THR A 396 -3.61 -33.14 26.41
C THR A 396 -4.69 -34.24 26.47
N GLY A 397 -4.33 -35.47 26.12
CA GLY A 397 -5.30 -36.54 26.15
C GLY A 397 -6.28 -36.59 24.99
N LYS A 398 -6.14 -35.73 23.98
CA LYS A 398 -7.06 -35.78 22.84
C LYS A 398 -6.76 -37.02 22.02
N ALA A 399 -5.52 -37.47 22.01
CA ALA A 399 -5.20 -38.66 21.24
C ALA A 399 -4.10 -39.39 21.90
N THR A 400 -3.95 -40.66 21.54
CA THR A 400 -2.90 -41.47 22.13
C THR A 400 -1.65 -41.34 21.25
N ALA A 401 -0.50 -41.70 21.80
CA ALA A 401 0.74 -41.65 21.04
C ALA A 401 0.66 -42.55 19.79
N GLU A 402 0.02 -43.71 19.90
CA GLU A 402 -0.10 -44.62 18.77
C GLU A 402 -1.01 -43.99 17.68
N GLU A 403 -2.08 -43.32 18.10
CA GLU A 403 -2.94 -42.68 17.10
C GLU A 403 -2.15 -41.59 16.37
N LEU A 404 -1.37 -40.82 17.11
CA LEU A 404 -0.58 -39.75 16.48
C LEU A 404 0.40 -40.39 15.50
N LEU A 405 1.07 -41.47 15.92
CA LEU A 405 2.01 -42.17 15.04
C LEU A 405 1.38 -42.64 13.71
N THR A 406 0.26 -43.34 13.84
CA THR A 406 -0.51 -43.92 12.75
C THR A 406 -0.86 -42.90 11.69
N ASN A 407 -1.36 -41.78 12.18
CA ASN A 407 -1.76 -40.73 11.28
C ASN A 407 -0.63 -39.87 10.75
N VAL A 408 0.26 -39.44 11.61
CA VAL A 408 1.29 -38.58 11.12
C VAL A 408 2.31 -39.23 10.21
N ALA A 409 2.42 -40.57 10.26
CA ALA A 409 3.32 -41.28 9.35
C ALA A 409 2.95 -41.00 7.88
N LEU A 410 1.67 -40.75 7.63
CA LEU A 410 1.18 -40.50 6.32
C LEU A 410 1.24 -39.04 5.93
N THR A 411 1.45 -38.15 6.89
CA THR A 411 1.44 -36.73 6.58
C THR A 411 2.71 -35.93 6.91
N SER A 412 3.59 -36.53 7.70
CA SER A 412 4.79 -35.82 8.16
C SER A 412 5.72 -35.27 7.11
N ARG A 413 6.26 -34.08 7.42
CA ARG A 413 7.24 -33.43 6.55
C ARG A 413 8.50 -34.28 6.48
N ASP A 414 8.74 -35.07 7.51
CA ASP A 414 9.97 -35.87 7.52
C ASP A 414 9.99 -36.91 6.42
N ASN A 415 8.82 -37.28 5.89
CA ASN A 415 8.75 -38.22 4.79
C ASN A 415 9.51 -37.69 3.59
N ALA A 416 9.55 -36.37 3.43
CA ALA A 416 10.25 -35.78 2.27
C ALA A 416 11.71 -35.45 2.55
N ARG A 417 12.11 -35.60 3.81
CA ARG A 417 13.47 -35.24 4.26
C ARG A 417 14.48 -36.37 4.45
N THR A 418 14.10 -37.59 4.17
CA THR A 418 15.05 -38.66 4.32
C THR A 418 16.08 -38.48 3.23
N PRO A 419 17.31 -38.90 3.48
CA PRO A 419 18.40 -38.76 2.50
C PRO A 419 18.14 -39.17 1.09
N PHE A 420 18.57 -38.35 0.15
CA PHE A 420 18.44 -38.64 -1.27
C PHE A 420 19.23 -39.92 -1.50
N GLN A 421 18.65 -40.82 -2.29
CA GLN A 421 19.18 -42.16 -2.60
C GLN A 421 19.98 -42.18 -3.89
N TRP A 422 21.27 -41.91 -3.77
CA TRP A 422 22.20 -41.85 -4.89
C TRP A 422 22.57 -43.20 -5.52
N ASP A 423 22.87 -44.18 -4.67
CA ASP A 423 23.25 -45.47 -5.21
C ASP A 423 22.94 -46.50 -4.16
N ASP A 424 23.46 -47.70 -4.30
CA ASP A 424 23.15 -48.68 -3.28
C ASP A 424 24.31 -48.94 -2.36
N SER A 425 25.15 -47.93 -2.14
CA SER A 425 26.24 -48.12 -1.19
C SER A 425 25.63 -47.83 0.20
N ALA A 426 26.47 -47.90 1.24
CA ALA A 426 26.00 -47.64 2.58
C ALA A 426 25.32 -46.29 2.59
N ASN A 427 24.15 -46.28 3.22
CA ASN A 427 23.30 -45.10 3.35
C ASN A 427 23.04 -44.44 2.02
N ALA A 428 22.82 -45.29 1.02
CA ALA A 428 22.52 -44.86 -0.36
C ALA A 428 23.53 -43.87 -0.97
N GLY A 429 24.75 -43.82 -0.44
CA GLY A 429 25.72 -42.91 -1.02
C GLY A 429 25.55 -41.47 -0.61
N PHE A 430 24.60 -41.22 0.28
CA PHE A 430 24.35 -39.86 0.79
C PHE A 430 25.48 -39.44 1.72
N THR A 431 26.03 -40.36 2.49
CA THR A 431 27.06 -39.99 3.45
C THR A 431 27.90 -41.19 3.85
N THR A 432 29.13 -40.92 4.26
CA THR A 432 30.03 -41.96 4.71
C THR A 432 29.86 -42.08 6.22
N GLY A 433 29.14 -41.13 6.81
CA GLY A 433 28.89 -41.17 8.24
C GLY A 433 27.50 -41.71 8.56
N LYS A 434 26.91 -41.20 9.65
CA LYS A 434 25.57 -41.61 10.07
C LYS A 434 24.61 -40.47 9.69
N PRO A 435 23.64 -40.75 8.80
CA PRO A 435 22.66 -39.74 8.35
C PRO A 435 21.88 -39.08 9.50
N TRP A 436 21.63 -37.75 9.43
CA TRP A 436 20.90 -37.03 10.47
C TRP A 436 19.45 -37.56 10.61
N LEU A 437 18.97 -38.17 9.53
CA LEU A 437 17.65 -38.81 9.48
C LEU A 437 17.83 -40.12 8.72
N LYS A 438 17.28 -41.19 9.25
CA LYS A 438 17.44 -42.50 8.59
C LYS A 438 17.08 -42.58 7.11
N VAL A 439 17.91 -43.34 6.37
CA VAL A 439 17.69 -43.52 4.94
C VAL A 439 16.62 -44.57 4.77
N ASN A 440 15.75 -44.35 3.79
CA ASN A 440 14.72 -45.34 3.55
C ASN A 440 15.32 -46.67 3.11
N PRO A 441 14.92 -47.78 3.75
CA PRO A 441 15.49 -49.08 3.32
C PRO A 441 15.26 -49.46 1.85
N ASN A 442 14.27 -48.86 1.20
CA ASN A 442 14.07 -49.21 -0.20
C ASN A 442 15.13 -48.58 -1.08
N TYR A 443 16.17 -48.01 -0.48
CA TYR A 443 17.21 -47.39 -1.31
C TYR A 443 17.91 -48.46 -2.16
N THR A 444 17.84 -49.72 -1.73
CA THR A 444 18.47 -50.78 -2.52
C THR A 444 17.83 -50.96 -3.90
N GLU A 445 16.53 -50.68 -4.01
CA GLU A 445 15.81 -50.77 -5.29
C GLU A 445 15.56 -49.41 -5.91
N ILE A 446 15.59 -48.35 -5.10
CA ILE A 446 15.31 -46.99 -5.57
C ILE A 446 16.49 -46.09 -5.36
N ASN A 447 17.27 -45.88 -6.42
CA ASN A 447 18.43 -45.02 -6.30
C ASN A 447 18.81 -44.55 -7.68
N ALA A 448 19.45 -43.40 -7.74
CA ALA A 448 19.84 -42.78 -9.01
C ALA A 448 20.80 -43.60 -9.89
N ALA A 449 21.81 -44.21 -9.30
CA ALA A 449 22.75 -44.98 -10.12
C ALA A 449 22.00 -46.10 -10.85
N ARG A 450 21.04 -46.72 -10.19
CA ARG A 450 20.28 -47.77 -10.80
C ARG A 450 19.40 -47.23 -11.93
N GLU A 451 18.85 -46.02 -11.75
CA GLU A 451 17.94 -45.48 -12.76
C GLU A 451 18.57 -44.70 -13.93
N ILE A 452 19.68 -44.04 -13.69
CA ILE A 452 20.25 -43.28 -14.77
C ILE A 452 20.58 -44.11 -16.03
N GLY A 453 21.07 -45.33 -15.87
CA GLY A 453 21.40 -46.10 -17.06
C GLY A 453 20.27 -46.92 -17.66
N ASP A 454 19.08 -46.76 -17.08
CA ASP A 454 17.92 -47.52 -17.53
C ASP A 454 16.91 -46.69 -18.29
N PRO A 455 16.77 -46.97 -19.59
CA PRO A 455 15.85 -46.28 -20.51
C PRO A 455 14.41 -46.28 -19.98
N LYS A 456 14.07 -47.30 -19.21
CA LYS A 456 12.71 -47.46 -18.69
C LYS A 456 12.50 -47.01 -17.25
N SER A 457 13.49 -46.34 -16.67
CA SER A 457 13.35 -45.96 -15.26
C SER A 457 12.49 -44.69 -15.07
N VAL A 458 12.11 -44.40 -13.82
CA VAL A 458 11.33 -43.21 -13.53
C VAL A 458 12.18 -42.00 -13.89
N TYR A 459 13.46 -42.07 -13.54
CA TYR A 459 14.37 -40.98 -13.88
C TYR A 459 14.38 -40.63 -15.38
N SER A 460 14.58 -41.64 -16.24
CA SER A 460 14.65 -41.42 -17.66
C SER A 460 13.35 -40.85 -18.16
N PHE A 461 12.23 -41.20 -17.51
CA PHE A 461 10.92 -40.71 -17.95
C PHE A 461 10.81 -39.20 -17.61
N TYR A 462 11.19 -38.83 -16.40
CA TYR A 462 11.20 -37.39 -16.07
C TYR A 462 12.12 -36.70 -17.07
N ARG A 463 13.33 -37.25 -17.28
CA ARG A 463 14.25 -36.62 -18.24
C ARG A 463 13.62 -36.39 -19.63
N ASN A 464 12.92 -37.38 -20.16
CA ASN A 464 12.33 -37.20 -21.48
C ASN A 464 11.17 -36.23 -21.43
N LEU A 465 10.39 -36.22 -20.33
CA LEU A 465 9.29 -35.26 -20.21
C LEU A 465 9.83 -33.83 -20.15
N ILE A 466 10.93 -33.61 -19.43
CA ILE A 466 11.49 -32.27 -19.34
C ILE A 466 11.94 -31.85 -20.74
N SER A 467 12.51 -32.76 -21.53
CA SER A 467 12.95 -32.43 -22.90
C SER A 467 11.78 -32.06 -23.78
N ILE A 468 10.73 -32.88 -23.70
CA ILE A 468 9.52 -32.62 -24.47
C ILE A 468 8.88 -31.28 -24.11
N ARG A 469 8.83 -30.98 -22.81
CA ARG A 469 8.27 -29.72 -22.36
C ARG A 469 9.13 -28.55 -22.88
N HIS A 470 10.45 -28.72 -22.82
CA HIS A 470 11.38 -27.70 -23.30
C HIS A 470 11.28 -27.40 -24.78
N GLU A 471 10.89 -28.40 -25.56
CA GLU A 471 10.76 -28.19 -27.00
C GLU A 471 9.33 -27.89 -27.42
N THR A 472 8.40 -27.84 -26.47
CA THR A 472 7.00 -27.62 -26.84
C THR A 472 6.39 -26.43 -26.09
N PRO A 473 6.36 -25.23 -26.69
CA PRO A 473 5.80 -24.03 -26.05
C PRO A 473 4.43 -24.15 -25.42
N ALA A 474 3.47 -24.78 -26.09
CA ALA A 474 2.15 -24.92 -25.51
C ALA A 474 2.18 -25.62 -24.13
N LEU A 475 3.23 -26.39 -23.86
CA LEU A 475 3.29 -27.13 -22.60
C LEU A 475 3.68 -26.30 -21.40
N SER A 476 4.27 -25.14 -21.65
CA SER A 476 4.60 -24.27 -20.53
C SER A 476 3.62 -23.09 -20.49
N THR A 477 3.60 -22.31 -21.57
CA THR A 477 2.75 -21.11 -21.60
C THR A 477 1.40 -21.16 -22.33
N GLY A 478 1.06 -22.31 -22.90
CA GLY A 478 -0.21 -22.43 -23.59
C GLY A 478 -1.35 -22.44 -22.57
N SER A 479 -2.59 -22.26 -23.04
CA SER A 479 -3.77 -22.26 -22.17
C SER A 479 -3.99 -23.67 -21.65
N TYR A 480 -4.81 -23.78 -20.61
CA TYR A 480 -5.14 -25.07 -20.02
C TYR A 480 -6.65 -25.29 -19.99
N ARG A 481 -7.10 -26.48 -20.35
CA ARG A 481 -8.54 -26.76 -20.29
C ARG A 481 -8.81 -28.16 -19.78
N ASP A 482 -9.49 -28.29 -18.63
CA ASP A 482 -9.82 -29.61 -18.10
C ASP A 482 -10.98 -30.16 -18.97
N ILE A 483 -10.78 -31.31 -19.58
CA ILE A 483 -11.84 -31.88 -20.43
C ILE A 483 -13.06 -32.36 -19.67
N ASP A 484 -12.89 -32.88 -18.46
CA ASP A 484 -14.05 -33.33 -17.68
C ASP A 484 -13.75 -33.34 -16.20
N PRO A 485 -14.12 -32.23 -15.53
CA PRO A 485 -13.91 -32.02 -14.10
C PRO A 485 -14.60 -33.07 -13.23
N SER A 486 -15.65 -33.69 -13.75
CA SER A 486 -16.37 -34.65 -12.97
C SER A 486 -15.81 -36.06 -12.90
N ASN A 487 -14.97 -36.41 -13.88
CA ASN A 487 -14.37 -37.73 -14.01
C ASN A 487 -13.38 -38.01 -12.87
N ALA A 488 -13.57 -39.13 -12.19
CA ALA A 488 -12.70 -39.51 -11.06
C ALA A 488 -11.78 -40.67 -11.42
N ASP A 489 -11.70 -40.98 -12.73
CA ASP A 489 -10.89 -42.09 -13.20
C ASP A 489 -9.69 -41.69 -14.05
N VAL A 490 -9.97 -40.91 -15.09
CA VAL A 490 -8.99 -40.47 -16.05
C VAL A 490 -8.91 -38.94 -16.13
N TYR A 491 -7.70 -38.44 -15.92
CA TYR A 491 -7.42 -37.02 -15.95
C TYR A 491 -7.02 -36.71 -17.36
N ALA A 492 -7.80 -35.87 -18.01
CA ALA A 492 -7.53 -35.49 -19.40
C ALA A 492 -7.67 -33.98 -19.57
N TYR A 493 -6.73 -33.40 -20.31
CA TYR A 493 -6.79 -31.96 -20.54
C TYR A 493 -5.96 -31.54 -21.74
N THR A 494 -6.21 -30.33 -22.22
CA THR A 494 -5.42 -29.83 -23.33
C THR A 494 -4.60 -28.63 -22.95
N ARG A 495 -3.56 -28.42 -23.76
CA ARG A 495 -2.69 -27.26 -23.65
C ARG A 495 -2.60 -26.75 -25.11
N SER A 496 -2.85 -25.46 -25.30
CA SER A 496 -2.84 -24.87 -26.63
C SER A 496 -2.10 -23.56 -26.73
N GLN A 497 -1.52 -23.33 -27.89
CA GLN A 497 -0.84 -22.08 -28.13
C GLN A 497 -0.54 -21.92 -29.62
N ASP A 498 -0.90 -20.76 -30.15
CA ASP A 498 -0.63 -20.46 -31.55
C ASP A 498 -1.09 -21.56 -32.50
N GLY A 499 -2.30 -22.06 -32.26
CA GLY A 499 -2.84 -23.10 -33.12
C GLY A 499 -2.43 -24.54 -32.86
N GLU A 500 -1.41 -24.74 -32.03
CA GLU A 500 -0.97 -26.10 -31.71
C GLU A 500 -1.72 -26.52 -30.44
N THR A 501 -2.32 -27.71 -30.43
CA THR A 501 -3.03 -28.21 -29.26
C THR A 501 -2.51 -29.59 -28.88
N TYR A 502 -2.26 -29.80 -27.59
CA TYR A 502 -1.77 -31.06 -27.08
C TYR A 502 -2.78 -31.61 -26.10
N LEU A 503 -2.88 -32.94 -26.07
CA LEU A 503 -3.79 -33.66 -25.20
C LEU A 503 -2.96 -34.46 -24.21
N VAL A 504 -3.34 -34.39 -22.94
CA VAL A 504 -2.67 -35.15 -21.90
C VAL A 504 -3.71 -36.05 -21.29
N VAL A 505 -3.40 -37.33 -21.22
CA VAL A 505 -4.35 -38.29 -20.65
C VAL A 505 -3.61 -39.20 -19.69
N VAL A 506 -4.11 -39.24 -18.46
CA VAL A 506 -3.50 -40.02 -17.41
C VAL A 506 -4.53 -40.86 -16.65
N ASN A 507 -4.33 -42.18 -16.63
CA ASN A 507 -5.26 -43.05 -15.88
C ASN A 507 -4.84 -43.06 -14.41
N PHE A 508 -5.73 -42.67 -13.50
CA PHE A 508 -5.36 -42.68 -12.07
C PHE A 508 -5.83 -43.96 -11.40
N LYS A 509 -6.30 -44.92 -12.21
CA LYS A 509 -6.76 -46.20 -11.64
C LYS A 509 -5.80 -47.31 -11.99
N ALA A 510 -5.66 -48.28 -11.08
CA ALA A 510 -4.80 -49.43 -11.31
C ALA A 510 -5.62 -50.53 -12.03
N GLU A 511 -6.46 -50.08 -12.96
CA GLU A 511 -7.32 -50.95 -13.77
C GLU A 511 -7.44 -50.32 -15.14
N PRO A 512 -7.67 -51.14 -16.18
CA PRO A 512 -7.80 -50.57 -17.51
C PRO A 512 -9.02 -49.66 -17.55
N ARG A 513 -8.91 -48.62 -18.36
CA ARG A 513 -9.97 -47.64 -18.53
C ARG A 513 -9.96 -47.19 -19.95
N SER A 514 -11.03 -46.53 -20.37
CA SER A 514 -11.10 -46.02 -21.72
C SER A 514 -11.25 -44.52 -21.67
N PHE A 515 -10.85 -43.86 -22.75
CA PHE A 515 -10.98 -42.42 -22.86
C PHE A 515 -11.39 -42.06 -24.27
N THR A 516 -12.52 -41.38 -24.41
CA THR A 516 -12.97 -40.98 -25.74
C THR A 516 -12.67 -39.50 -25.93
N LEU A 517 -11.94 -39.14 -26.99
CA LEU A 517 -11.61 -37.73 -27.20
C LEU A 517 -12.85 -36.93 -27.45
N PRO A 518 -12.79 -35.63 -27.16
CA PRO A 518 -13.95 -34.75 -27.37
C PRO A 518 -14.32 -34.67 -28.87
N ASP A 519 -15.61 -34.49 -29.14
CA ASP A 519 -16.13 -34.40 -30.52
C ASP A 519 -15.33 -33.51 -31.45
N GLY A 520 -14.83 -34.11 -32.53
CA GLY A 520 -14.09 -33.34 -33.50
C GLY A 520 -12.59 -33.35 -33.24
N MET A 521 -12.16 -34.05 -32.19
CA MET A 521 -10.74 -34.11 -31.87
C MET A 521 -10.24 -35.53 -32.12
N HIS A 522 -9.09 -35.63 -32.76
CA HIS A 522 -8.50 -36.93 -33.08
C HIS A 522 -7.00 -36.85 -32.84
N ILE A 523 -6.37 -37.98 -32.51
CA ILE A 523 -4.93 -37.98 -32.29
C ILE A 523 -4.21 -37.68 -33.60
N ALA A 524 -3.11 -36.94 -33.51
CA ALA A 524 -2.30 -36.59 -34.67
C ALA A 524 -0.91 -37.20 -34.52
N GLU A 525 -0.34 -37.11 -33.31
CA GLU A 525 0.99 -37.65 -33.05
C GLU A 525 1.13 -37.99 -31.57
N THR A 526 1.90 -39.01 -31.23
CA THR A 526 2.07 -39.37 -29.84
C THR A 526 3.45 -38.92 -29.42
N LEU A 527 3.57 -38.02 -28.45
CA LEU A 527 4.88 -37.57 -28.04
C LEU A 527 5.53 -38.54 -27.09
N ILE A 528 4.72 -39.12 -26.20
CA ILE A 528 5.28 -40.06 -25.23
C ILE A 528 4.17 -40.69 -24.42
N GLU A 529 4.44 -41.87 -23.85
CA GLU A 529 3.46 -42.56 -23.01
C GLU A 529 4.21 -43.34 -21.97
N SER A 530 3.54 -43.66 -20.86
CA SER A 530 4.16 -44.46 -19.81
C SER A 530 3.19 -45.62 -19.57
N SER A 531 3.76 -46.80 -19.33
CA SER A 531 2.97 -48.02 -19.07
C SER A 531 2.04 -48.39 -20.22
N SER A 532 2.44 -48.05 -21.45
CA SER A 532 1.61 -48.33 -22.62
C SER A 532 2.21 -49.36 -23.59
N PRO A 533 1.44 -50.40 -23.97
CA PRO A 533 1.97 -51.41 -24.90
C PRO A 533 2.00 -50.93 -26.35
N ALA A 534 1.24 -49.88 -26.65
CA ALA A 534 1.22 -49.38 -28.01
C ALA A 534 0.60 -48.00 -28.10
N ALA A 535 1.19 -47.18 -28.96
CA ALA A 535 0.72 -45.82 -29.23
C ALA A 535 -0.56 -45.88 -30.02
N PRO A 536 -1.49 -44.91 -29.83
CA PRO A 536 -2.73 -44.99 -30.62
C PRO A 536 -2.39 -44.68 -32.09
N ALA A 537 -3.32 -44.98 -32.99
CA ALA A 537 -3.08 -44.72 -34.42
C ALA A 537 -3.49 -43.31 -34.78
N ALA A 538 -2.78 -42.71 -35.72
CA ALA A 538 -3.12 -41.38 -36.18
C ALA A 538 -4.61 -41.42 -36.54
N GLY A 539 -5.36 -40.42 -36.08
CA GLY A 539 -6.79 -40.38 -36.33
C GLY A 539 -7.69 -40.92 -35.24
N ALA A 540 -7.11 -41.61 -34.25
CA ALA A 540 -7.91 -42.19 -33.15
C ALA A 540 -8.83 -41.21 -32.44
N ALA A 541 -10.06 -41.65 -32.23
CA ALA A 541 -11.10 -40.88 -31.58
C ALA A 541 -11.21 -41.33 -30.12
N SER A 542 -10.44 -42.36 -29.76
CA SER A 542 -10.49 -42.87 -28.41
C SER A 542 -9.20 -43.53 -27.99
N LEU A 543 -9.05 -43.75 -26.70
CA LEU A 543 -7.84 -44.40 -26.19
C LEU A 543 -8.17 -45.53 -25.27
N GLU A 544 -7.38 -46.59 -25.34
CA GLU A 544 -7.53 -47.72 -24.46
C GLU A 544 -6.36 -47.54 -23.51
N LEU A 545 -6.63 -47.53 -22.20
CA LEU A 545 -5.57 -47.30 -21.24
C LEU A 545 -5.27 -48.42 -20.22
N GLN A 546 -3.99 -48.67 -20.04
CA GLN A 546 -3.51 -49.64 -19.06
C GLN A 546 -3.54 -48.94 -17.69
N PRO A 547 -3.49 -49.74 -16.61
CA PRO A 547 -3.48 -49.22 -15.23
C PRO A 547 -2.39 -48.14 -15.17
N TRP A 548 -2.73 -46.96 -14.62
CA TRP A 548 -1.80 -45.85 -14.47
C TRP A 548 -1.12 -45.30 -15.74
N GLN A 549 -1.65 -45.66 -16.91
CA GLN A 549 -1.07 -45.16 -18.15
C GLN A 549 -1.11 -43.64 -18.26
N SER A 550 -0.02 -43.04 -18.77
CA SER A 550 -0.03 -41.60 -19.03
C SER A 550 0.45 -41.39 -20.47
N GLY A 551 0.10 -40.25 -21.04
CA GLY A 551 0.54 -39.94 -22.39
C GLY A 551 0.32 -38.49 -22.77
N ILE A 552 1.14 -37.98 -23.71
CA ILE A 552 1.00 -36.64 -24.24
C ILE A 552 0.88 -36.82 -25.79
N TYR A 553 -0.13 -36.22 -26.38
CA TYR A 553 -0.38 -36.33 -27.83
C TYR A 553 -0.70 -34.98 -28.46
N LYS A 554 -0.25 -34.80 -29.69
CA LYS A 554 -0.57 -33.59 -30.44
C LYS A 554 -1.86 -34.04 -31.08
N VAL A 555 -2.84 -33.17 -31.12
CA VAL A 555 -4.09 -33.53 -31.73
C VAL A 555 -4.30 -32.69 -32.96
N LYS A 556 -5.36 -33.00 -33.70
CA LYS A 556 -5.66 -32.26 -34.91
C LYS A 556 -7.17 -32.11 -34.93
N ALA B 3 23.90 27.29 76.82
CA ALA B 3 23.18 26.01 76.57
C ALA B 3 21.75 26.30 76.06
N PRO B 4 21.48 25.94 74.80
CA PRO B 4 20.18 26.14 74.14
C PRO B 4 19.00 25.47 74.85
N TRP B 5 17.79 25.89 74.48
CA TRP B 5 16.60 25.33 75.08
C TRP B 5 16.60 23.81 74.91
N TRP B 6 17.05 23.36 73.75
CA TRP B 6 17.03 21.91 73.51
C TRP B 6 17.92 21.08 74.44
N LYS B 7 19.04 21.61 74.92
CA LYS B 7 19.83 20.81 75.84
C LYS B 7 19.16 20.52 77.19
N SER B 8 18.18 21.33 77.58
CA SER B 8 17.52 21.10 78.89
C SER B 8 16.05 20.72 78.73
N ALA B 9 15.64 20.45 77.49
CA ALA B 9 14.24 20.08 77.20
C ALA B 9 13.94 18.60 77.42
N VAL B 10 12.66 18.26 77.66
CA VAL B 10 12.31 16.86 77.79
C VAL B 10 11.39 16.63 76.59
N PHE B 11 11.84 15.78 75.67
CA PHE B 11 11.03 15.48 74.49
C PHE B 11 10.16 14.24 74.63
N TYR B 12 9.06 14.25 73.90
CA TYR B 12 8.15 13.12 73.87
C TYR B 12 7.96 12.77 72.40
N GLN B 13 8.05 11.48 72.08
CA GLN B 13 7.89 11.04 70.69
C GLN B 13 6.50 10.46 70.46
N VAL B 14 5.79 11.03 69.49
CA VAL B 14 4.42 10.61 69.14
C VAL B 14 4.43 9.93 67.77
N TYR B 15 3.95 8.68 67.71
CA TYR B 15 3.85 7.95 66.46
C TYR B 15 2.35 8.22 66.20
N PRO B 16 2.03 9.26 65.38
CA PRO B 16 0.61 9.61 65.16
C PRO B 16 -0.31 8.48 64.83
N ARG B 17 0.15 7.58 63.97
CA ARG B 17 -0.64 6.40 63.56
C ARG B 17 -1.24 5.62 64.74
N SER B 18 -0.53 5.57 65.86
CA SER B 18 -0.96 4.80 67.00
C SER B 18 -1.17 5.59 68.25
N PHE B 19 -1.34 6.92 68.14
CA PHE B 19 -1.56 7.72 69.35
C PHE B 19 -3.07 7.91 69.68
N LYS B 20 -3.82 8.62 68.84
CA LYS B 20 -5.26 8.79 69.12
C LYS B 20 -6.06 8.99 67.83
N ASP B 21 -7.01 8.08 67.58
CA ASP B 21 -7.90 8.12 66.42
C ASP B 21 -9.16 8.96 66.79
N THR B 22 -9.61 9.86 65.90
CA THR B 22 -10.79 10.67 66.20
C THR B 22 -11.89 10.52 65.15
N ASN B 23 -11.74 9.57 64.23
CA ASN B 23 -12.79 9.42 63.22
C ASN B 23 -13.06 7.94 62.91
N GLY B 24 -12.78 7.08 63.88
CA GLY B 24 -13.04 5.66 63.77
C GLY B 24 -12.44 4.80 62.68
N ASP B 25 -11.46 5.28 61.93
CA ASP B 25 -10.90 4.42 60.91
C ASP B 25 -9.79 3.51 61.45
N GLY B 26 -9.55 3.54 62.75
CA GLY B 26 -8.53 2.70 63.37
C GLY B 26 -7.10 3.22 63.30
N ILE B 27 -6.92 4.42 62.76
CA ILE B 27 -5.57 5.00 62.65
C ILE B 27 -5.54 6.35 63.35
N GLY B 28 -4.50 6.61 64.15
CA GLY B 28 -4.42 7.88 64.86
C GLY B 28 -4.25 9.03 63.87
N ASP B 29 -4.51 10.25 64.34
CA ASP B 29 -4.47 11.43 63.47
C ASP B 29 -4.10 12.72 64.18
N PHE B 30 -4.00 13.79 63.42
CA PHE B 30 -3.64 15.09 63.99
C PHE B 30 -4.65 15.58 64.98
N LYS B 31 -5.94 15.42 64.68
CA LYS B 31 -6.95 15.89 65.63
C LYS B 31 -6.83 15.18 66.98
N GLY B 32 -6.50 13.90 66.96
CA GLY B 32 -6.35 13.19 68.21
C GLY B 32 -5.16 13.70 69.01
N LEU B 33 -4.02 13.90 68.35
CA LEU B 33 -2.85 14.41 69.04
C LEU B 33 -3.19 15.79 69.63
N THR B 34 -3.79 16.62 68.79
CA THR B 34 -4.15 17.99 69.21
C THR B 34 -5.02 17.89 70.47
N GLU B 35 -6.01 17.02 70.47
CA GLU B 35 -6.87 16.81 71.62
C GLU B 35 -6.15 16.36 72.89
N LYS B 36 -4.94 15.82 72.77
CA LYS B 36 -4.21 15.37 73.95
C LYS B 36 -3.01 16.21 74.40
N LEU B 37 -2.90 17.44 73.93
CA LEU B 37 -1.77 18.28 74.30
C LEU B 37 -1.77 18.61 75.81
N ASP B 38 -2.96 18.78 76.39
CA ASP B 38 -3.05 19.06 77.80
C ASP B 38 -2.45 17.88 78.56
N TYR B 39 -2.68 16.67 78.06
CA TYR B 39 -2.16 15.44 78.71
C TYR B 39 -0.65 15.53 78.68
N LEU B 40 -0.09 15.85 77.52
CA LEU B 40 1.36 15.95 77.42
C LEU B 40 1.90 17.15 78.19
N LYS B 41 1.21 18.28 78.14
CA LYS B 41 1.71 19.45 78.90
C LYS B 41 1.76 19.08 80.40
N GLY B 42 0.70 18.43 80.88
CA GLY B 42 0.65 18.03 82.27
C GLY B 42 1.77 17.10 82.72
N LEU B 43 2.19 16.22 81.82
CA LEU B 43 3.27 15.30 82.11
C LEU B 43 4.53 16.12 82.26
N GLY B 44 4.57 17.28 81.58
CA GLY B 44 5.72 18.17 81.67
C GLY B 44 6.58 18.21 80.42
N ILE B 45 6.04 17.71 79.31
CA ILE B 45 6.75 17.64 78.02
C ILE B 45 6.99 19.04 77.48
N ASP B 46 8.22 19.29 77.02
CA ASP B 46 8.62 20.57 76.48
C ASP B 46 8.46 20.60 74.98
N ALA B 47 8.69 19.46 74.37
CA ALA B 47 8.66 19.36 72.92
C ALA B 47 8.27 17.99 72.46
N ILE B 48 7.65 17.93 71.28
CA ILE B 48 7.24 16.64 70.74
C ILE B 48 7.88 16.38 69.39
N TRP B 49 8.37 15.16 69.18
CA TRP B 49 8.89 14.77 67.86
C TRP B 49 7.82 13.80 67.31
N ILE B 50 7.23 14.16 66.18
CA ILE B 50 6.20 13.29 65.53
C ILE B 50 6.79 12.55 64.34
N ASN B 51 6.46 11.27 64.22
CA ASN B 51 6.96 10.52 63.08
C ASN B 51 6.40 11.15 61.79
N PRO B 52 6.89 10.72 60.61
CA PRO B 52 6.41 11.33 59.36
C PRO B 52 4.91 11.54 59.24
N HIS B 53 4.56 12.76 58.81
CA HIS B 53 3.17 13.16 58.69
C HIS B 53 2.86 13.66 57.27
N TYR B 54 3.64 13.21 56.29
CA TYR B 54 3.48 13.62 54.89
C TYR B 54 2.68 12.64 54.07
N ALA B 55 2.29 13.06 52.85
CA ALA B 55 1.55 12.21 51.93
C ALA B 55 2.40 10.96 51.71
N SER B 56 1.76 9.79 51.85
CA SER B 56 2.48 8.52 51.76
C SER B 56 1.59 7.32 51.48
N PRO B 57 2.07 6.34 50.67
CA PRO B 57 1.35 5.11 50.34
C PRO B 57 1.38 4.18 51.59
N ASN B 58 2.22 4.55 52.55
CA ASN B 58 2.39 3.85 53.80
C ASN B 58 2.91 2.42 53.71
N THR B 59 3.74 2.12 52.73
CA THR B 59 4.31 0.75 52.70
C THR B 59 5.27 0.67 53.88
N ASP B 60 5.72 1.83 54.39
CA ASP B 60 6.62 1.83 55.58
C ASP B 60 6.17 2.91 56.58
N ASN B 61 4.84 2.95 56.79
CA ASN B 61 4.16 3.82 57.74
C ASN B 61 4.65 5.26 57.85
N GLY B 62 4.66 5.95 56.70
CA GLY B 62 5.10 7.35 56.70
C GLY B 62 6.50 7.58 56.16
N TYR B 63 7.38 6.57 56.24
CA TYR B 63 8.75 6.74 55.75
C TYR B 63 8.91 6.59 54.24
N ASP B 64 7.80 6.38 53.52
CA ASP B 64 7.82 6.33 52.05
C ASP B 64 6.92 7.51 51.62
N ILE B 65 7.56 8.65 51.42
CA ILE B 65 6.86 9.89 51.11
C ILE B 65 6.65 10.16 49.62
N SER B 66 5.37 10.37 49.25
CA SER B 66 5.01 10.64 47.85
C SER B 66 4.88 12.14 47.55
N ASP B 67 4.78 12.97 48.58
CA ASP B 67 4.74 14.45 48.36
C ASP B 67 5.20 15.07 49.69
N TYR B 68 6.33 15.77 49.67
CA TYR B 68 6.87 16.36 50.90
C TYR B 68 6.18 17.62 51.37
N ARG B 69 5.32 18.20 50.54
CA ARG B 69 4.63 19.42 50.91
C ARG B 69 3.15 19.27 51.23
N GLU B 70 2.69 18.03 51.35
CA GLU B 70 1.30 17.74 51.70
C GLU B 70 1.25 16.82 52.90
N VAL B 71 0.21 16.94 53.69
CA VAL B 71 0.06 16.09 54.86
C VAL B 71 -0.49 14.71 54.47
N MET B 72 -0.24 13.70 55.31
CA MET B 72 -0.75 12.39 55.06
C MET B 72 -2.27 12.42 55.19
N LYS B 73 -2.96 11.79 54.25
CA LYS B 73 -4.42 11.77 54.24
C LYS B 73 -4.95 11.17 55.54
N GLU B 74 -4.36 10.06 56.01
CA GLU B 74 -4.82 9.45 57.24
C GLU B 74 -4.74 10.42 58.43
N TYR B 75 -3.80 11.36 58.42
CA TYR B 75 -3.66 12.25 59.58
C TYR B 75 -4.51 13.50 59.54
N GLY B 76 -4.95 13.90 58.36
CA GLY B 76 -5.79 15.07 58.26
C GLY B 76 -5.41 15.95 57.08
N THR B 77 -5.56 17.27 57.28
CA THR B 77 -5.28 18.29 56.27
C THR B 77 -4.19 19.23 56.79
N MET B 78 -3.67 20.09 55.88
CA MET B 78 -2.65 21.09 56.23
C MET B 78 -3.22 21.96 57.38
N GLU B 79 -4.52 22.27 57.29
CA GLU B 79 -5.18 23.06 58.34
C GLU B 79 -5.06 22.34 59.69
N ASP B 80 -5.27 21.02 59.68
CA ASP B 80 -5.12 20.25 60.92
C ASP B 80 -3.65 20.38 61.40
N PHE B 81 -2.70 20.32 60.46
CA PHE B 81 -1.31 20.46 60.84
C PHE B 81 -1.11 21.84 61.48
N ASP B 82 -1.63 22.88 60.81
CA ASP B 82 -1.49 24.27 61.30
C ASP B 82 -2.09 24.49 62.66
N ARG B 83 -3.21 23.79 62.92
CA ARG B 83 -3.94 23.84 64.19
C ARG B 83 -3.13 23.20 65.33
N LEU B 84 -2.50 22.06 65.07
CA LEU B 84 -1.66 21.40 66.06
C LEU B 84 -0.51 22.35 66.45
N MET B 85 0.05 23.01 65.44
CA MET B 85 1.13 23.95 65.63
C MET B 85 0.69 25.12 66.47
N ALA B 86 -0.50 25.63 66.20
CA ALA B 86 -1.00 26.77 67.00
C ALA B 86 -1.32 26.35 68.45
N GLU B 87 -1.83 25.14 68.62
CA GLU B 87 -2.16 24.66 69.98
C GLU B 87 -0.93 24.35 70.82
N LEU B 88 0.11 23.86 70.18
CA LEU B 88 1.38 23.60 70.86
C LEU B 88 1.94 24.94 71.30
N LYS B 89 1.87 25.91 70.39
CA LYS B 89 2.42 27.23 70.70
C LYS B 89 1.71 27.89 71.90
N LYS B 90 0.38 27.74 72.01
CA LYS B 90 -0.40 28.32 73.12
C LYS B 90 0.03 27.74 74.46
N ARG B 91 0.59 26.54 74.40
CA ARG B 91 1.02 25.87 75.61
C ARG B 91 2.52 26.03 75.80
N GLY B 92 3.14 26.82 74.92
CA GLY B 92 4.57 27.08 75.00
C GLY B 92 5.41 25.85 74.67
N MET B 93 4.80 24.91 73.92
CA MET B 93 5.47 23.68 73.53
C MET B 93 6.06 23.80 72.12
N ARG B 94 7.03 22.94 71.81
CA ARG B 94 7.67 22.97 70.49
C ARG B 94 7.48 21.68 69.68
N LEU B 95 7.55 21.80 68.36
CA LEU B 95 7.40 20.64 67.50
C LEU B 95 8.63 20.32 66.63
N MET B 96 9.02 19.05 66.63
CA MET B 96 10.10 18.51 65.82
C MET B 96 9.46 17.53 64.86
N VAL B 97 9.69 17.75 63.58
CA VAL B 97 9.14 16.87 62.56
C VAL B 97 10.22 15.91 62.06
N ASP B 98 9.78 14.85 61.41
CA ASP B 98 10.67 13.84 60.90
C ASP B 98 10.99 14.20 59.43
N VAL B 99 12.25 14.15 59.07
CA VAL B 99 12.69 14.47 57.71
C VAL B 99 13.28 13.19 57.12
N VAL B 100 12.65 12.71 56.04
CA VAL B 100 13.07 11.45 55.38
C VAL B 100 13.56 11.79 53.97
N ILE B 101 14.87 12.05 53.84
CA ILE B 101 15.42 12.44 52.56
C ILE B 101 16.56 11.59 52.05
N ASN B 102 16.62 10.37 52.55
CA ASN B 102 17.59 9.43 52.03
C ASN B 102 16.88 8.77 50.84
N HIS B 103 15.56 8.84 50.89
CA HIS B 103 14.71 8.20 49.90
C HIS B 103 13.30 8.78 49.90
N SER B 104 12.57 8.47 48.82
CA SER B 104 11.19 8.90 48.68
C SER B 104 10.38 7.66 48.31
N SER B 105 9.06 7.81 48.20
CA SER B 105 8.14 6.74 47.77
C SER B 105 8.35 6.57 46.26
N ASP B 106 8.09 5.38 45.74
CA ASP B 106 8.21 5.19 44.30
C ASP B 106 6.97 5.85 43.64
N GLN B 107 6.07 6.37 44.48
CA GLN B 107 4.89 7.09 43.99
C GLN B 107 5.12 8.63 43.93
N HIS B 108 6.31 9.11 44.33
CA HIS B 108 6.60 10.54 44.25
C HIS B 108 6.68 10.92 42.78
N GLU B 109 6.28 12.14 42.42
CA GLU B 109 6.36 12.52 41.01
C GLU B 109 7.77 12.43 40.46
N TRP B 110 8.79 12.71 41.28
CA TRP B 110 10.18 12.65 40.78
C TRP B 110 10.55 11.26 40.28
N PHE B 111 10.11 10.22 41.01
CA PHE B 111 10.44 8.86 40.62
C PHE B 111 9.60 8.43 39.44
N LYS B 112 8.34 8.84 39.39
CA LYS B 112 7.52 8.49 38.24
C LYS B 112 8.18 9.06 36.97
N SER B 113 8.70 10.29 37.07
CA SER B 113 9.34 10.90 35.92
C SER B 113 10.69 10.23 35.64
N SER B 114 11.47 10.03 36.69
CA SER B 114 12.80 9.44 36.60
C SER B 114 12.83 8.08 35.94
N ARG B 115 11.91 7.22 36.37
CA ARG B 115 11.87 5.86 35.86
C ARG B 115 11.31 5.72 34.42
N ALA B 116 10.69 6.75 33.89
CA ALA B 116 10.05 6.62 32.58
C ALA B 116 10.95 6.47 31.35
N SER B 117 12.18 6.97 31.44
CA SER B 117 13.14 6.89 30.33
C SER B 117 14.55 7.17 30.85
N LYS B 118 15.57 6.90 30.04
CA LYS B 118 16.91 7.18 30.52
C LYS B 118 17.37 8.62 30.36
N ASP B 119 16.73 9.37 29.48
CA ASP B 119 17.19 10.73 29.22
C ASP B 119 16.37 11.91 29.75
N ASN B 120 15.53 11.70 30.75
CA ASN B 120 14.73 12.80 31.26
C ASN B 120 15.44 13.62 32.37
N PRO B 121 14.89 14.82 32.69
CA PRO B 121 15.45 15.72 33.71
C PRO B 121 15.57 15.10 35.12
N TYR B 122 14.76 14.08 35.39
CA TYR B 122 14.77 13.47 36.72
C TYR B 122 15.48 12.14 36.82
N ARG B 123 16.17 11.73 35.76
CA ARG B 123 16.84 10.44 35.78
C ARG B 123 17.85 10.35 36.92
N ASP B 124 18.62 11.41 37.13
CA ASP B 124 19.60 11.35 38.22
C ASP B 124 19.11 11.89 39.58
N TYR B 125 17.81 11.88 39.83
CA TYR B 125 17.30 12.26 41.16
C TYR B 125 17.42 10.95 41.98
N TYR B 126 17.62 9.86 41.26
CA TYR B 126 17.79 8.53 41.88
C TYR B 126 19.02 7.87 41.30
N PHE B 127 19.26 6.61 41.68
CA PHE B 127 20.40 5.82 41.24
C PHE B 127 19.94 4.70 40.31
N TRP B 128 20.29 4.80 39.03
CA TRP B 128 19.90 3.81 38.02
C TRP B 128 21.17 3.20 37.47
N ARG B 129 21.23 1.88 37.37
CA ARG B 129 22.47 1.26 36.90
C ARG B 129 22.28 -0.07 36.17
N ASP B 130 23.18 -0.35 35.23
CA ASP B 130 23.12 -1.63 34.51
C ASP B 130 23.50 -2.78 35.44
N GLY B 131 22.83 -3.91 35.25
CA GLY B 131 23.20 -5.08 36.02
C GLY B 131 24.57 -5.57 35.55
N LYS B 132 25.09 -6.61 36.22
CA LYS B 132 26.40 -7.19 35.88
C LYS B 132 26.31 -8.70 35.89
N ASP B 133 27.06 -9.34 35.00
CA ASP B 133 27.14 -10.80 34.87
C ASP B 133 25.74 -11.41 34.88
N GLY B 134 24.81 -10.78 34.17
CA GLY B 134 23.45 -11.28 34.12
C GLY B 134 22.60 -11.03 35.36
N HIS B 135 23.07 -10.22 36.32
CA HIS B 135 22.25 -9.97 37.53
C HIS B 135 22.30 -8.53 38.01
N GLU B 136 22.03 -8.30 39.31
CA GLU B 136 22.05 -6.94 39.87
C GLU B 136 23.42 -6.25 39.74
N PRO B 137 23.44 -4.90 39.76
CA PRO B 137 24.68 -4.13 39.63
C PRO B 137 25.76 -4.61 40.62
N ASN B 138 25.34 -5.00 41.80
CA ASN B 138 26.30 -5.52 42.77
C ASN B 138 25.56 -6.31 43.84
N ASN B 139 26.27 -6.71 44.89
CA ASN B 139 25.67 -7.56 45.89
C ASN B 139 24.98 -6.87 47.08
N TYR B 140 24.73 -5.56 46.99
CA TYR B 140 24.07 -4.87 48.11
C TYR B 140 22.76 -5.49 48.57
N PRO B 141 22.63 -5.76 49.86
CA PRO B 141 21.36 -6.32 50.34
C PRO B 141 20.50 -5.14 50.84
N SER B 142 19.17 -5.34 50.89
CA SER B 142 18.21 -4.36 51.41
C SER B 142 17.77 -4.73 52.87
N PHE B 143 17.61 -3.71 53.72
CA PHE B 143 17.12 -3.88 55.10
C PHE B 143 15.76 -4.58 55.15
N PHE B 144 14.95 -4.36 54.10
CA PHE B 144 13.60 -4.93 54.06
C PHE B 144 13.41 -6.16 53.17
N GLY B 145 14.52 -6.85 52.87
CA GLY B 145 14.38 -8.09 52.11
C GLY B 145 14.98 -8.11 50.72
N GLY B 146 15.68 -9.20 50.43
CA GLY B 146 16.27 -9.33 49.11
C GLY B 146 17.32 -8.27 48.75
N SER B 147 17.50 -8.06 47.45
CA SER B 147 18.49 -7.15 46.93
C SER B 147 18.14 -5.68 47.09
N ALA B 148 19.18 -4.84 47.17
CA ALA B 148 18.97 -3.40 47.26
C ALA B 148 18.81 -2.85 45.85
N TRP B 149 18.83 -3.72 44.82
CA TRP B 149 18.64 -3.26 43.44
C TRP B 149 17.35 -3.85 42.83
N GLU B 150 16.54 -3.00 42.22
CA GLU B 150 15.29 -3.47 41.62
C GLU B 150 15.28 -3.15 40.14
N LYS B 151 15.03 -4.16 39.31
CA LYS B 151 15.05 -3.91 37.86
C LYS B 151 13.78 -3.32 37.38
N ASP B 152 13.87 -2.45 36.37
CA ASP B 152 12.69 -1.78 35.82
C ASP B 152 12.79 -2.07 34.33
N PRO B 153 11.87 -2.91 33.80
CA PRO B 153 11.87 -3.27 32.37
C PRO B 153 11.73 -2.15 31.34
N VAL B 154 11.21 -1.01 31.76
CA VAL B 154 11.07 0.14 30.86
C VAL B 154 12.44 0.57 30.34
N THR B 155 13.47 0.52 31.21
CA THR B 155 14.84 0.89 30.80
C THR B 155 15.83 -0.26 30.93
N GLY B 156 15.45 -1.32 31.64
CA GLY B 156 16.32 -2.45 31.82
C GLY B 156 17.41 -2.17 32.85
N GLN B 157 17.38 -1.01 33.52
CA GLN B 157 18.40 -0.74 34.54
C GLN B 157 17.76 -1.01 35.90
N TYR B 158 18.57 -1.04 36.94
CA TYR B 158 18.05 -1.28 38.29
C TYR B 158 18.16 0.05 39.05
N TYR B 159 17.24 0.28 39.97
CA TYR B 159 17.31 1.49 40.80
C TYR B 159 17.65 1.00 42.22
N LEU B 160 18.33 1.87 42.95
CA LEU B 160 18.78 1.53 44.32
C LEU B 160 17.74 1.81 45.40
N HIS B 161 17.62 0.90 46.36
CA HIS B 161 16.74 1.07 47.49
C HIS B 161 17.33 0.35 48.72
N TYR B 162 17.98 1.08 49.60
CA TYR B 162 18.50 0.43 50.82
C TYR B 162 17.32 -0.12 51.61
N PHE B 163 16.20 0.61 51.66
CA PHE B 163 15.06 0.09 52.39
C PHE B 163 14.07 -0.66 51.48
N GLY B 164 12.78 -0.42 51.59
CA GLY B 164 11.82 -1.13 50.75
C GLY B 164 11.96 -0.91 49.23
N ARG B 165 11.40 -1.81 48.45
CA ARG B 165 11.46 -1.70 47.00
C ARG B 165 10.68 -0.44 46.59
N GLN B 166 9.75 -0.01 47.44
CA GLN B 166 8.93 1.17 47.13
C GLN B 166 9.45 2.46 47.81
N GLN B 167 10.74 2.40 48.17
CA GLN B 167 11.56 3.49 48.77
C GLN B 167 12.90 3.72 48.03
N PRO B 168 12.84 4.16 46.74
CA PRO B 168 14.08 4.40 46.00
C PRO B 168 14.92 5.51 46.64
N ASP B 169 16.23 5.27 46.74
CA ASP B 169 17.11 6.27 47.31
C ASP B 169 17.31 7.49 46.44
N LEU B 170 17.21 8.65 47.05
CA LEU B 170 17.44 9.91 46.37
C LEU B 170 18.95 10.06 46.13
N ASN B 171 19.32 10.64 44.99
CA ASN B 171 20.72 10.83 44.59
C ASN B 171 21.30 12.17 45.04
N TRP B 172 21.92 12.20 46.21
CA TRP B 172 22.46 13.45 46.70
C TRP B 172 23.63 13.97 45.86
N ASP B 173 24.09 13.17 44.92
CA ASP B 173 25.21 13.55 44.06
C ASP B 173 24.76 14.55 42.99
N THR B 174 23.47 14.73 42.88
CA THR B 174 22.90 15.65 41.89
C THR B 174 22.51 16.98 42.51
N PRO B 175 23.23 18.05 42.15
CA PRO B 175 22.95 19.39 42.70
C PRO B 175 21.48 19.80 42.70
N LYS B 176 20.81 19.57 41.57
CA LYS B 176 19.41 19.96 41.48
C LYS B 176 18.56 19.23 42.48
N LEU B 177 18.89 17.98 42.74
CA LEU B 177 18.16 17.20 43.73
C LEU B 177 18.48 17.82 45.10
N ARG B 178 19.75 18.16 45.38
CA ARG B 178 20.03 18.74 46.70
C ARG B 178 19.26 20.05 46.91
N GLU B 179 19.24 20.91 45.90
CA GLU B 179 18.52 22.16 46.02
C GLU B 179 17.03 21.94 46.25
N GLU B 180 16.42 20.92 45.62
CA GLU B 180 14.99 20.66 45.83
C GLU B 180 14.69 20.27 47.29
N LEU B 181 15.56 19.42 47.82
CA LEU B 181 15.39 19.02 49.21
C LEU B 181 15.54 20.26 50.11
N TYR B 182 16.47 21.17 49.80
CA TYR B 182 16.62 22.36 50.67
C TYR B 182 15.39 23.27 50.58
N ALA B 183 14.78 23.39 49.40
CA ALA B 183 13.61 24.23 49.32
C ALA B 183 12.47 23.56 50.11
N MET B 184 12.49 22.23 50.14
CA MET B 184 11.46 21.48 50.85
C MET B 184 11.60 21.70 52.34
N LEU B 185 12.83 21.72 52.84
CA LEU B 185 12.98 21.92 54.25
C LEU B 185 12.50 23.33 54.60
N ARG B 186 12.84 24.33 53.77
CA ARG B 186 12.40 25.70 54.07
C ARG B 186 10.90 25.81 54.13
N PHE B 187 10.21 25.00 53.36
CA PHE B 187 8.76 25.06 53.35
C PHE B 187 8.21 24.75 54.74
N TRP B 188 8.80 23.76 55.42
CA TRP B 188 8.34 23.45 56.75
C TRP B 188 8.94 24.42 57.80
N LEU B 189 10.20 24.78 57.62
CA LEU B 189 10.86 25.68 58.55
C LEU B 189 10.16 27.01 58.52
N ASP B 190 9.64 27.38 57.33
CA ASP B 190 8.93 28.65 57.22
C ASP B 190 7.63 28.64 57.96
N LYS B 191 7.10 27.44 58.24
CA LYS B 191 5.86 27.31 58.98
C LYS B 191 6.06 27.42 60.48
N GLY B 192 7.32 27.55 60.91
CA GLY B 192 7.61 27.66 62.32
C GLY B 192 8.02 26.36 63.05
N VAL B 193 8.31 25.29 62.31
CA VAL B 193 8.71 24.05 62.98
C VAL B 193 10.01 24.34 63.79
N SER B 194 10.05 23.84 65.04
CA SER B 194 11.19 24.11 65.92
C SER B 194 12.32 23.12 65.85
N GLY B 195 12.13 22.02 65.13
CA GLY B 195 13.19 21.04 65.05
C GLY B 195 12.95 19.98 64.00
N MET B 196 14.03 19.37 63.55
CA MET B 196 13.95 18.35 62.53
C MET B 196 14.80 17.15 62.91
N ARG B 197 14.23 15.95 62.75
CA ARG B 197 14.90 14.67 63.04
C ARG B 197 15.14 14.02 61.69
N PHE B 198 16.42 13.82 61.37
CA PHE B 198 16.83 13.29 60.08
C PHE B 198 16.95 11.74 60.04
N ALA B 199 15.98 11.14 59.37
CA ALA B 199 15.90 9.70 59.22
C ALA B 199 17.14 9.19 58.48
N THR B 200 17.76 8.14 59.03
CA THR B 200 18.95 7.49 58.47
C THR B 200 19.88 8.55 57.79
N VAL B 201 20.27 9.55 58.56
CA VAL B 201 21.09 10.64 58.03
C VAL B 201 22.48 10.23 57.56
N ALA B 202 22.95 9.07 57.97
CA ALA B 202 24.31 8.65 57.61
C ALA B 202 24.45 7.94 56.26
N THR B 203 23.34 7.63 55.61
CA THR B 203 23.41 6.92 54.34
C THR B 203 23.23 7.76 53.08
N TYR B 204 23.21 9.07 53.27
CA TYR B 204 22.99 9.96 52.14
C TYR B 204 24.02 9.83 51.01
N SER B 205 25.30 9.63 51.35
CA SER B 205 26.31 9.58 50.30
C SER B 205 26.54 8.15 49.91
N LYS B 206 26.45 7.86 48.62
CA LYS B 206 26.66 6.50 48.14
C LYS B 206 28.11 6.38 47.64
N THR B 207 28.57 5.15 47.57
CA THR B 207 29.93 4.87 47.13
C THR B 207 30.05 4.91 45.61
N PRO B 208 30.88 5.84 45.11
CA PRO B 208 31.09 5.98 43.66
C PRO B 208 31.48 4.64 42.98
N GLY B 209 30.76 4.28 41.91
CA GLY B 209 31.10 3.05 41.21
C GLY B 209 30.45 1.79 41.77
N PHE B 210 29.77 1.93 42.90
CA PHE B 210 29.07 0.81 43.50
C PHE B 210 29.77 -0.53 43.49
N PRO B 211 31.00 -0.56 43.99
CA PRO B 211 31.74 -1.82 44.04
C PRO B 211 31.00 -2.77 44.94
N ASP B 212 31.31 -4.07 44.85
CA ASP B 212 30.64 -5.03 45.72
C ASP B 212 31.17 -4.89 47.13
N LEU B 213 30.36 -5.27 48.09
CA LEU B 213 30.76 -5.26 49.47
C LEU B 213 31.58 -6.53 49.64
N THR B 214 32.66 -6.42 50.40
CA THR B 214 33.48 -7.58 50.65
C THR B 214 32.71 -8.48 51.61
N PRO B 215 33.23 -9.69 51.87
CA PRO B 215 32.55 -10.61 52.77
C PRO B 215 32.42 -10.03 54.19
N GLU B 216 33.36 -9.20 54.59
CA GLU B 216 33.35 -8.61 55.93
C GLU B 216 32.28 -7.51 56.03
N GLN B 217 32.25 -6.65 55.03
CA GLN B 217 31.28 -5.58 55.01
C GLN B 217 29.92 -6.19 54.89
N MET B 218 29.83 -7.32 54.20
CA MET B 218 28.56 -7.99 53.99
C MET B 218 27.98 -8.41 55.34
N LYS B 219 28.86 -8.66 56.29
CA LYS B 219 28.44 -9.11 57.62
C LYS B 219 27.67 -8.01 58.35
N ASN B 220 27.93 -6.78 57.94
CA ASN B 220 27.33 -5.63 58.59
C ASN B 220 27.22 -4.54 57.54
N PHE B 221 26.39 -4.78 56.53
CA PHE B 221 26.27 -3.79 55.46
C PHE B 221 25.75 -2.44 55.93
N ALA B 222 25.03 -2.42 57.04
CA ALA B 222 24.48 -1.19 57.59
C ALA B 222 25.58 -0.13 57.75
N GLU B 223 26.79 -0.59 58.09
CA GLU B 223 27.90 0.31 58.31
C GLU B 223 28.55 0.76 57.01
N ALA B 224 28.65 -0.18 56.05
CA ALA B 224 29.25 0.17 54.77
C ALA B 224 28.40 1.27 54.12
N TYR B 225 27.07 1.20 54.30
CA TYR B 225 26.19 2.22 53.72
C TYR B 225 26.37 3.63 54.34
N THR B 226 27.10 3.73 55.45
CA THR B 226 27.32 5.03 56.10
C THR B 226 28.72 5.57 55.78
N GLN B 227 29.44 4.89 54.91
CA GLN B 227 30.79 5.33 54.57
C GLN B 227 30.93 6.08 53.23
N GLY B 228 29.84 6.70 52.75
CA GLY B 228 29.91 7.47 51.52
C GLY B 228 30.93 8.60 51.69
N PRO B 229 31.80 8.82 50.70
CA PRO B 229 32.85 9.85 50.76
C PRO B 229 32.41 11.29 50.77
N ASN B 230 31.15 11.54 50.41
CA ASN B 230 30.67 12.91 50.37
C ASN B 230 29.66 13.25 51.46
N LEU B 231 29.49 12.34 52.43
CA LEU B 231 28.51 12.55 53.48
C LEU B 231 28.57 13.90 54.24
N HIS B 232 29.73 14.20 54.83
CA HIS B 232 29.81 15.44 55.61
C HIS B 232 29.81 16.72 54.80
N ARG B 233 30.26 16.63 53.56
CA ARG B 233 30.23 17.73 52.62
C ARG B 233 28.74 18.05 52.38
N TYR B 234 27.91 17.02 52.18
CA TYR B 234 26.47 17.25 51.96
C TYR B 234 25.77 17.75 53.23
N LEU B 235 26.11 17.21 54.41
CA LEU B 235 25.49 17.71 55.65
C LEU B 235 25.91 19.15 55.94
N GLN B 236 27.17 19.48 55.63
CA GLN B 236 27.64 20.83 55.87
C GLN B 236 26.98 21.77 54.88
N GLU B 237 26.72 21.30 53.66
CA GLU B 237 26.04 22.14 52.68
C GLU B 237 24.60 22.46 53.13
N MET B 238 23.88 21.46 53.63
CA MET B 238 22.49 21.62 54.07
C MET B 238 22.44 22.62 55.21
N HIS B 239 23.43 22.55 56.08
CA HIS B 239 23.44 23.47 57.23
C HIS B 239 23.65 24.92 56.76
N GLU B 240 24.54 25.08 55.80
CA GLU B 240 24.90 26.36 55.24
C GLU B 240 23.76 27.01 54.46
N LYS B 241 23.04 26.21 53.69
CA LYS B 241 21.97 26.73 52.86
C LYS B 241 20.61 26.83 53.50
N VAL B 242 20.40 26.02 54.54
CA VAL B 242 19.16 26.00 55.25
C VAL B 242 19.22 26.38 56.74
N PHE B 243 19.74 25.48 57.55
CA PHE B 243 19.74 25.69 58.98
C PHE B 243 20.39 26.94 59.52
N ASP B 244 21.35 27.50 58.79
CA ASP B 244 21.98 28.73 59.24
C ASP B 244 21.04 29.92 59.16
N HIS B 245 19.88 29.73 58.54
CA HIS B 245 18.93 30.81 58.41
C HIS B 245 17.71 30.67 59.33
N TYR B 246 17.69 29.62 60.14
CA TYR B 246 16.56 29.43 61.04
C TYR B 246 17.09 29.14 62.42
N ASP B 247 16.21 28.93 63.40
CA ASP B 247 16.78 28.60 64.70
C ASP B 247 16.12 27.34 65.20
N ALA B 248 16.11 26.35 64.32
CA ALA B 248 15.53 25.04 64.58
C ALA B 248 16.64 24.06 65.01
N VAL B 249 16.33 23.16 65.93
CA VAL B 249 17.33 22.19 66.34
C VAL B 249 17.26 20.99 65.37
N THR B 250 18.42 20.44 65.03
CA THR B 250 18.53 19.30 64.13
C THR B 250 19.08 18.14 64.89
N ALA B 251 18.45 16.98 64.67
CA ALA B 251 18.85 15.75 65.34
C ALA B 251 19.01 14.62 64.30
N GLY B 252 20.20 14.04 64.17
CA GLY B 252 20.39 12.99 63.19
C GLY B 252 20.24 11.57 63.74
N GLU B 253 19.55 10.70 62.97
CA GLU B 253 19.40 9.30 63.34
C GLU B 253 20.59 8.70 62.61
N ILE B 254 21.64 8.46 63.35
CA ILE B 254 22.87 7.97 62.75
C ILE B 254 22.85 6.47 62.83
N PHE B 255 21.98 5.88 62.02
CA PHE B 255 21.85 4.43 61.99
C PHE B 255 22.96 3.72 61.23
N GLY B 256 23.54 2.73 61.88
CA GLY B 256 24.63 1.96 61.26
C GLY B 256 26.05 2.49 61.32
N ALA B 257 26.28 3.75 61.73
CA ALA B 257 27.66 4.25 61.76
C ALA B 257 28.42 3.85 63.02
N PRO B 258 29.75 3.65 62.89
CA PRO B 258 30.59 3.29 64.04
C PRO B 258 30.52 4.48 64.99
N LEU B 259 30.46 4.23 66.29
CA LEU B 259 30.31 5.34 67.22
C LEU B 259 31.46 6.34 67.15
N ASN B 260 32.66 5.92 66.74
CA ASN B 260 33.76 6.86 66.70
C ASN B 260 33.58 7.98 65.66
N GLN B 261 32.58 7.84 64.79
CA GLN B 261 32.36 8.82 63.74
C GLN B 261 31.28 9.83 64.10
N VAL B 262 30.52 9.55 65.15
CA VAL B 262 29.44 10.38 65.57
C VAL B 262 29.80 11.85 65.81
N PRO B 263 31.00 12.13 66.34
CA PRO B 263 31.36 13.53 66.56
C PRO B 263 31.43 14.32 65.24
N LEU B 264 31.65 13.67 64.10
CA LEU B 264 31.73 14.42 62.85
C LEU B 264 30.35 14.99 62.54
N PHE B 265 29.33 14.34 63.08
CA PHE B 265 27.97 14.81 62.86
C PHE B 265 27.46 15.85 63.87
N ILE B 266 27.97 15.80 65.10
CA ILE B 266 27.47 16.66 66.14
C ILE B 266 28.35 17.73 66.70
N ASP B 267 29.66 17.67 66.44
CA ASP B 267 30.54 18.73 66.98
C ASP B 267 29.98 20.07 66.52
N SER B 268 29.58 20.91 67.45
CA SER B 268 28.99 22.20 67.05
C SER B 268 29.91 23.01 66.13
N ARG B 269 31.22 22.82 66.26
CA ARG B 269 32.18 23.56 65.42
C ARG B 269 32.12 23.17 63.94
N ARG B 270 31.68 21.96 63.65
CA ARG B 270 31.62 21.48 62.27
C ARG B 270 30.44 21.99 61.49
N LYS B 271 29.47 22.56 62.21
CA LYS B 271 28.25 23.08 61.60
C LYS B 271 27.49 22.06 60.74
N GLU B 272 27.12 20.95 61.39
CA GLU B 272 26.35 19.94 60.72
C GLU B 272 25.06 19.74 61.47
N LEU B 273 25.02 18.81 62.40
CA LEU B 273 23.81 18.58 63.19
C LEU B 273 24.02 19.02 64.65
N ASP B 274 22.93 19.18 65.40
CA ASP B 274 23.03 19.60 66.82
C ASP B 274 23.11 18.43 67.76
N MET B 275 22.37 17.38 67.46
CA MET B 275 22.45 16.23 68.32
C MET B 275 22.24 14.91 67.62
N ALA B 276 22.57 13.85 68.34
CA ALA B 276 22.53 12.50 67.80
C ALA B 276 21.62 11.51 68.46
N PHE B 277 21.04 10.66 67.61
CA PHE B 277 20.26 9.53 68.08
C PHE B 277 21.26 8.47 67.64
N THR B 278 21.78 7.69 68.59
CA THR B 278 22.71 6.60 68.23
C THR B 278 22.03 5.27 68.54
N PHE B 279 22.55 4.18 67.98
CA PHE B 279 21.94 2.87 68.17
C PHE B 279 22.71 1.92 69.05
N ASP B 280 23.89 2.35 69.49
CA ASP B 280 24.74 1.51 70.33
C ASP B 280 24.03 0.93 71.57
N LEU B 281 23.36 1.75 72.36
CA LEU B 281 22.63 1.27 73.54
C LEU B 281 21.33 0.50 73.17
N ILE B 282 20.46 1.10 72.35
CA ILE B 282 19.20 0.44 72.05
C ILE B 282 19.29 -0.93 71.35
N ARG B 283 20.32 -1.11 70.54
CA ARG B 283 20.60 -2.37 69.86
C ARG B 283 21.83 -3.10 70.52
N TYR B 284 22.16 -2.79 71.78
CA TYR B 284 23.34 -3.42 72.42
C TYR B 284 23.22 -4.94 72.58
N ASP B 285 22.00 -5.44 72.53
CA ASP B 285 21.79 -6.89 72.66
C ASP B 285 21.13 -7.43 71.41
N ARG B 286 21.33 -6.78 70.27
CA ARG B 286 20.73 -7.27 69.04
C ARG B 286 21.77 -7.97 68.17
N ALA B 287 21.42 -9.12 67.60
CA ALA B 287 22.39 -9.79 66.71
C ALA B 287 22.49 -8.97 65.43
N LEU B 288 23.53 -9.23 64.65
CA LEU B 288 23.74 -8.52 63.41
C LEU B 288 22.61 -8.66 62.39
N ASP B 289 21.81 -9.73 62.51
CA ASP B 289 20.69 -9.94 61.59
C ASP B 289 19.45 -9.16 61.99
N ARG B 290 19.52 -8.49 63.15
CA ARG B 290 18.46 -7.65 63.71
C ARG B 290 17.18 -8.37 64.18
N TRP B 291 17.14 -9.69 64.16
CA TRP B 291 15.96 -10.37 64.68
C TRP B 291 16.24 -11.40 65.74
N HIS B 292 17.50 -11.49 66.15
CA HIS B 292 17.84 -12.39 67.23
C HIS B 292 18.39 -11.51 68.33
N THR B 293 18.45 -12.04 69.54
CA THR B 293 18.97 -11.26 70.64
C THR B 293 20.16 -12.02 71.24
N ILE B 294 21.04 -11.29 71.89
CA ILE B 294 22.24 -11.85 72.51
C ILE B 294 22.19 -11.42 73.97
N PRO B 295 22.37 -12.39 74.88
CA PRO B 295 22.32 -12.03 76.29
C PRO B 295 23.39 -10.97 76.63
N ARG B 296 23.00 -9.95 77.40
CA ARG B 296 23.93 -8.90 77.87
C ARG B 296 23.63 -8.72 79.36
N THR B 297 24.39 -7.84 80.02
CA THR B 297 24.17 -7.52 81.42
C THR B 297 24.24 -6.01 81.61
N LEU B 298 23.91 -5.54 82.80
CA LEU B 298 23.98 -4.11 83.09
C LEU B 298 25.40 -3.59 82.82
N ALA B 299 26.40 -4.45 82.97
CA ALA B 299 27.75 -4.01 82.72
C ALA B 299 27.90 -3.59 81.24
N ASP B 300 27.22 -4.28 80.32
CA ASP B 300 27.31 -3.90 78.91
C ASP B 300 26.52 -2.61 78.72
N PHE B 301 25.35 -2.55 79.34
CA PHE B 301 24.44 -1.39 79.29
C PHE B 301 25.20 -0.13 79.74
N ARG B 302 25.68 -0.09 80.99
CA ARG B 302 26.36 1.12 81.46
C ARG B 302 27.65 1.48 80.71
N GLN B 303 28.42 0.48 80.32
CA GLN B 303 29.63 0.76 79.57
C GLN B 303 29.34 1.36 78.19
N THR B 304 28.20 0.98 77.61
CA THR B 304 27.84 1.53 76.30
C THR B 304 27.47 3.00 76.49
N ILE B 305 26.67 3.29 77.50
CA ILE B 305 26.26 4.65 77.81
C ILE B 305 27.52 5.49 78.02
N ASP B 306 28.48 4.92 78.71
CA ASP B 306 29.72 5.64 79.01
C ASP B 306 30.45 6.00 77.69
N LYS B 307 30.59 5.03 76.79
CA LYS B 307 31.24 5.26 75.49
C LYS B 307 30.51 6.32 74.65
N VAL B 308 29.18 6.25 74.68
CA VAL B 308 28.37 7.18 73.93
C VAL B 308 28.45 8.57 74.57
N ASP B 309 28.41 8.66 75.91
CA ASP B 309 28.55 9.96 76.51
C ASP B 309 29.91 10.62 76.19
N ALA B 310 30.98 9.81 76.20
CA ALA B 310 32.32 10.31 75.94
C ALA B 310 32.39 10.94 74.59
N ILE B 311 31.64 10.36 73.66
CA ILE B 311 31.61 10.82 72.29
C ILE B 311 31.12 12.27 72.14
N ALA B 312 30.16 12.67 72.95
CA ALA B 312 29.64 14.02 72.83
C ALA B 312 30.74 15.04 73.14
N GLY B 313 31.80 14.57 73.80
CA GLY B 313 32.89 15.47 74.15
C GLY B 313 32.40 16.79 74.70
N GLU B 314 33.12 17.86 74.37
CA GLU B 314 32.81 19.21 74.82
C GLU B 314 31.90 20.01 73.89
N TYR B 315 31.95 19.73 72.60
CA TYR B 315 31.15 20.51 71.64
C TYR B 315 29.99 19.74 70.97
N GLY B 316 29.77 18.50 71.37
CA GLY B 316 28.69 17.71 70.77
C GLY B 316 27.55 17.55 71.77
N TRP B 317 26.48 16.85 71.38
CA TRP B 317 25.35 16.63 72.30
C TRP B 317 24.59 15.40 71.86
N ASN B 318 24.17 14.60 72.84
CA ASN B 318 23.45 13.38 72.58
C ASN B 318 22.02 13.51 73.02
N THR B 319 21.18 12.69 72.40
CA THR B 319 19.78 12.57 72.78
C THR B 319 19.92 11.33 73.66
N PHE B 320 18.91 11.04 74.50
CA PHE B 320 18.94 9.77 75.26
C PHE B 320 17.54 9.17 75.16
N PHE B 321 17.45 7.86 74.93
CA PHE B 321 16.15 7.22 74.82
C PHE B 321 16.30 5.73 75.11
N LEU B 322 15.24 5.13 75.62
CA LEU B 322 15.30 3.69 75.87
C LEU B 322 14.28 3.05 74.96
N GLY B 323 13.62 3.88 74.15
CA GLY B 323 12.64 3.29 73.27
C GLY B 323 12.25 4.23 72.16
N ASN B 324 11.67 3.66 71.11
CA ASN B 324 11.19 4.39 69.98
C ASN B 324 10.31 3.48 69.13
N HIS B 325 9.90 3.92 67.95
CA HIS B 325 8.96 3.15 67.11
C HIS B 325 9.65 2.03 66.34
N ASP B 326 10.97 1.91 66.49
CA ASP B 326 11.71 0.87 65.75
C ASP B 326 12.29 -0.19 66.68
N ASN B 327 11.84 -0.23 67.93
CA ASN B 327 12.39 -1.15 68.89
C ASN B 327 11.38 -1.67 69.87
N PRO B 328 11.73 -2.76 70.56
CA PRO B 328 10.83 -3.34 71.55
C PRO B 328 10.62 -2.34 72.71
N ARG B 329 9.54 -2.53 73.47
CA ARG B 329 9.19 -1.65 74.57
C ARG B 329 10.27 -1.64 75.66
N ALA B 330 10.60 -0.42 76.10
CA ALA B 330 11.65 -0.23 77.11
C ALA B 330 11.58 -1.20 78.28
N VAL B 331 10.42 -1.27 78.95
CA VAL B 331 10.32 -2.11 80.12
C VAL B 331 10.53 -3.59 79.84
N SER B 332 10.09 -4.04 78.67
CA SER B 332 10.24 -5.44 78.28
C SER B 332 11.68 -5.75 77.91
N HIS B 333 12.31 -4.79 77.25
CA HIS B 333 13.68 -4.93 76.75
C HIS B 333 14.78 -4.78 77.80
N PHE B 334 14.70 -3.71 78.59
CA PHE B 334 15.71 -3.42 79.63
C PHE B 334 15.21 -3.67 81.04
N GLY B 335 13.89 -3.84 81.20
CA GLY B 335 13.37 -4.07 82.54
C GLY B 335 12.90 -5.50 82.71
N ASP B 336 11.84 -5.69 83.51
CA ASP B 336 11.25 -7.00 83.74
C ASP B 336 9.74 -6.78 83.55
N ASP B 337 9.19 -7.23 82.43
CA ASP B 337 7.77 -6.96 82.27
C ASP B 337 6.79 -7.93 82.87
N ARG B 338 7.29 -8.86 83.70
CA ARG B 338 6.39 -9.83 84.36
C ARG B 338 5.50 -9.01 85.26
N PRO B 339 4.25 -9.46 85.50
CA PRO B 339 3.36 -8.65 86.36
C PRO B 339 3.87 -8.14 87.71
N GLN B 340 4.66 -8.92 88.42
CA GLN B 340 5.09 -8.47 89.74
C GLN B 340 6.27 -7.52 89.68
N TRP B 341 6.89 -7.35 88.50
CA TRP B 341 8.03 -6.43 88.42
C TRP B 341 7.90 -5.32 87.37
N ARG B 342 6.85 -5.35 86.57
CA ARG B 342 6.69 -4.36 85.47
C ARG B 342 6.72 -2.89 85.98
N GLU B 343 5.90 -2.59 86.97
CA GLU B 343 5.84 -1.23 87.51
C GLU B 343 7.14 -0.82 88.20
N ALA B 344 7.74 -1.72 88.98
CA ALA B 344 8.98 -1.36 89.68
C ALA B 344 10.09 -1.08 88.65
N SER B 345 10.31 -2.04 87.75
CA SER B 345 11.34 -1.84 86.73
C SER B 345 11.05 -0.66 85.76
N ALA B 346 9.77 -0.39 85.40
CA ALA B 346 9.52 0.74 84.50
C ALA B 346 9.88 2.05 85.24
N LYS B 347 9.70 2.09 86.57
CA LYS B 347 10.06 3.30 87.31
C LYS B 347 11.57 3.44 87.36
N ALA B 348 12.28 2.35 87.58
CA ALA B 348 13.76 2.41 87.60
C ALA B 348 14.30 2.91 86.26
N LEU B 349 13.81 2.37 85.17
CA LEU B 349 14.22 2.83 83.84
C LEU B 349 13.89 4.32 83.63
N ALA B 350 12.82 4.81 84.20
CA ALA B 350 12.46 6.23 84.06
C ALA B 350 13.49 7.12 84.73
N THR B 351 13.88 6.75 85.94
CA THR B 351 14.89 7.50 86.69
C THR B 351 16.15 7.56 85.84
N VAL B 352 16.50 6.45 85.21
CA VAL B 352 17.69 6.43 84.34
C VAL B 352 17.52 7.43 83.19
N THR B 353 16.41 7.31 82.48
CA THR B 353 16.14 8.16 81.34
C THR B 353 16.27 9.63 81.65
N LEU B 354 15.62 10.03 82.73
CA LEU B 354 15.58 11.42 83.10
C LEU B 354 16.73 12.00 83.88
N THR B 355 17.79 11.21 84.10
CA THR B 355 18.97 11.71 84.79
C THR B 355 20.22 11.47 83.91
N GLN B 356 19.99 11.15 82.62
CA GLN B 356 21.11 10.95 81.67
C GLN B 356 21.60 12.28 81.10
N ARG B 357 22.88 12.36 80.72
CA ARG B 357 23.36 13.60 80.16
C ARG B 357 22.95 13.56 78.70
N GLY B 358 22.27 14.59 78.25
CA GLY B 358 21.77 14.64 76.87
C GLY B 358 20.29 15.04 76.91
N THR B 359 19.62 15.06 75.77
CA THR B 359 18.20 15.44 75.75
C THR B 359 17.39 14.18 75.74
N PRO B 360 16.58 13.96 76.79
CA PRO B 360 15.82 12.72 76.77
C PRO B 360 14.56 12.79 75.90
N PHE B 361 14.26 11.63 75.32
CA PHE B 361 13.07 11.44 74.49
C PHE B 361 12.30 10.29 75.12
N ILE B 362 11.07 10.57 75.53
CA ILE B 362 10.20 9.55 76.12
C ILE B 362 9.27 9.04 74.99
N PHE B 363 9.29 7.75 74.72
CA PHE B 363 8.41 7.25 73.65
C PHE B 363 6.99 7.03 74.18
N GLN B 364 6.00 7.41 73.38
CA GLN B 364 4.62 7.30 73.82
C GLN B 364 4.26 5.97 74.44
N GLY B 365 3.66 6.05 75.64
CA GLY B 365 3.26 4.83 76.33
C GLY B 365 4.29 4.32 77.35
N ASP B 366 5.56 4.68 77.17
CA ASP B 366 6.52 4.27 78.17
C ASP B 366 6.24 4.92 79.53
N GLU B 367 5.60 6.09 79.54
CA GLU B 367 5.26 6.74 80.80
C GLU B 367 4.14 5.96 81.51
N LEU B 368 3.54 4.98 80.83
CA LEU B 368 2.51 4.17 81.47
C LEU B 368 3.06 2.77 81.86
N GLY B 369 4.23 2.43 81.31
CA GLY B 369 4.77 1.11 81.54
C GLY B 369 4.18 0.13 80.51
N MET B 370 3.88 0.60 79.29
CA MET B 370 3.34 -0.28 78.28
C MET B 370 4.39 -1.35 77.96
N THR B 371 3.94 -2.56 77.60
CA THR B 371 4.88 -3.65 77.33
C THR B 371 4.87 -4.15 75.88
N ASN B 372 5.74 -5.12 75.59
CA ASN B 372 5.74 -5.80 74.28
C ASN B 372 4.36 -6.47 74.16
N TYR B 373 3.97 -6.74 72.92
CA TYR B 373 2.68 -7.35 72.61
C TYR B 373 2.83 -8.87 72.49
N PRO B 374 1.79 -9.63 72.87
CA PRO B 374 1.88 -11.09 72.77
C PRO B 374 1.53 -11.61 71.38
N PHE B 375 2.46 -11.48 70.43
CA PHE B 375 2.20 -11.95 69.08
C PHE B 375 1.94 -13.46 69.08
N LYS B 376 0.95 -13.91 68.31
CA LYS B 376 0.67 -15.35 68.27
C LYS B 376 1.09 -16.04 66.98
N THR B 377 1.02 -15.31 65.87
CA THR B 377 1.40 -15.85 64.58
C THR B 377 2.09 -14.74 63.81
N LEU B 378 2.79 -15.09 62.74
CA LEU B 378 3.44 -14.09 61.90
C LEU B 378 2.42 -13.11 61.29
N GLN B 379 1.16 -13.53 61.20
CA GLN B 379 0.14 -12.64 60.65
C GLN B 379 -0.25 -11.50 61.64
N ASP B 380 0.21 -11.57 62.88
CA ASP B 380 -0.10 -10.52 63.85
C ASP B 380 0.86 -9.31 63.67
N PHE B 381 1.90 -9.47 62.85
CA PHE B 381 2.82 -8.36 62.61
C PHE B 381 2.34 -7.60 61.39
N ASP B 382 2.45 -6.27 61.40
CA ASP B 382 2.09 -5.48 60.20
C ASP B 382 3.38 -5.13 59.45
N ASP B 383 4.44 -5.01 60.22
CA ASP B 383 5.73 -4.56 59.75
C ASP B 383 6.39 -5.14 58.50
N ILE B 384 6.62 -4.27 57.51
CA ILE B 384 7.33 -4.64 56.30
C ILE B 384 8.70 -5.31 56.62
N GLU B 385 9.37 -4.86 57.67
CA GLU B 385 10.67 -5.44 58.02
C GLU B 385 10.57 -6.95 58.33
N VAL B 386 9.46 -7.36 58.95
CA VAL B 386 9.24 -8.77 59.27
C VAL B 386 9.00 -9.57 57.97
N LYS B 387 8.22 -9.00 57.06
CA LYS B 387 7.99 -9.66 55.77
C LYS B 387 9.36 -9.85 55.12
N GLY B 388 10.25 -8.89 55.34
CA GLY B 388 11.59 -8.95 54.80
C GLY B 388 12.36 -10.10 55.44
N PHE B 389 12.20 -10.30 56.74
CA PHE B 389 12.91 -11.38 57.39
C PHE B 389 12.34 -12.73 56.91
N PHE B 390 11.04 -12.75 56.60
CA PHE B 390 10.43 -14.01 56.13
C PHE B 390 11.03 -14.37 54.75
N GLN B 391 11.14 -13.35 53.88
CA GLN B 391 11.73 -13.52 52.55
C GLN B 391 13.20 -13.97 52.65
N ASP B 392 13.96 -13.26 53.47
CA ASP B 392 15.38 -13.55 53.58
C ASP B 392 15.80 -14.78 54.33
N TYR B 393 15.00 -15.17 55.31
CA TYR B 393 15.31 -16.31 56.17
C TYR B 393 14.37 -17.52 56.13
N VAL B 394 13.07 -17.31 55.92
CA VAL B 394 12.15 -18.45 55.89
C VAL B 394 12.02 -19.04 54.49
N GLU B 395 11.82 -18.20 53.49
CA GLU B 395 11.71 -18.68 52.09
C GLU B 395 13.00 -19.30 51.57
N THR B 396 14.11 -18.87 52.15
CA THR B 396 15.44 -19.36 51.80
C THR B 396 15.81 -20.66 52.57
N GLY B 397 14.98 -21.06 53.51
CA GLY B 397 15.29 -22.27 54.26
C GLY B 397 16.24 -22.11 55.44
N LYS B 398 16.74 -20.90 55.71
CA LYS B 398 17.69 -20.72 56.83
C LYS B 398 17.00 -20.85 58.19
N ALA B 399 15.70 -20.62 58.22
CA ALA B 399 14.98 -20.73 59.49
C ALA B 399 13.52 -21.07 59.28
N THR B 400 12.86 -21.58 60.31
CA THR B 400 11.45 -21.92 60.13
C THR B 400 10.59 -20.73 60.52
N ALA B 401 9.33 -20.81 60.13
CA ALA B 401 8.38 -19.77 60.42
C ALA B 401 8.24 -19.63 61.95
N GLU B 402 8.30 -20.75 62.68
CA GLU B 402 8.17 -20.68 64.13
C GLU B 402 9.42 -20.04 64.76
N GLU B 403 10.59 -20.36 64.24
CA GLU B 403 11.80 -19.76 64.79
C GLU B 403 11.76 -18.25 64.55
N LEU B 404 11.34 -17.84 63.36
CA LEU B 404 11.25 -16.39 63.10
C LEU B 404 10.32 -15.76 64.12
N LEU B 405 9.11 -16.31 64.24
CA LEU B 405 8.12 -15.82 65.22
C LEU B 405 8.66 -15.70 66.65
N THR B 406 9.28 -16.77 67.09
CA THR B 406 9.84 -16.83 68.44
C THR B 406 10.77 -15.68 68.74
N ASN B 407 11.68 -15.46 67.82
CA ASN B 407 12.69 -14.45 68.01
C ASN B 407 12.20 -13.06 67.68
N VAL B 408 11.49 -12.95 66.57
CA VAL B 408 11.06 -11.63 66.19
C VAL B 408 10.03 -11.06 67.16
N ALA B 409 9.31 -11.91 67.90
CA ALA B 409 8.35 -11.40 68.90
C ALA B 409 9.05 -10.49 69.96
N LEU B 410 10.32 -10.76 70.22
CA LEU B 410 11.11 -10.00 71.20
C LEU B 410 11.87 -8.82 70.60
N THR B 411 11.89 -8.71 69.29
CA THR B 411 12.65 -7.63 68.71
C THR B 411 11.87 -6.72 67.75
N SER B 412 10.71 -7.16 67.30
CA SER B 412 9.97 -6.36 66.33
C SER B 412 9.55 -4.94 66.69
N ARG B 413 9.58 -4.08 65.67
CA ARG B 413 9.21 -2.67 65.79
C ARG B 413 7.72 -2.61 66.12
N ASP B 414 6.96 -3.62 65.70
CA ASP B 414 5.54 -3.63 66.00
C ASP B 414 5.23 -3.62 67.50
N ASN B 415 6.15 -4.10 68.34
CA ASN B 415 5.91 -4.06 69.77
C ASN B 415 5.69 -2.62 70.25
N ALA B 416 6.26 -1.65 69.54
CA ALA B 416 6.15 -0.23 69.95
C ALA B 416 5.02 0.48 69.27
N ARG B 417 4.34 -0.22 68.38
CA ARG B 417 3.31 0.41 67.57
C ARG B 417 1.88 0.08 67.92
N THR B 418 1.66 -0.72 68.96
CA THR B 418 0.28 -1.04 69.34
C THR B 418 -0.35 0.27 69.85
N PRO B 419 -1.66 0.46 69.65
CA PRO B 419 -2.26 1.73 70.11
C PRO B 419 -2.00 2.14 71.54
N PHE B 420 -1.87 3.44 71.74
CA PHE B 420 -1.65 4.03 73.05
C PHE B 420 -2.86 3.67 73.91
N GLN B 421 -2.59 3.26 75.13
CA GLN B 421 -3.65 2.83 76.02
C GLN B 421 -4.16 3.95 76.92
N TRP B 422 -5.20 4.66 76.45
CA TRP B 422 -5.79 5.80 77.14
C TRP B 422 -6.67 5.47 78.34
N ASP B 423 -7.44 4.40 78.26
CA ASP B 423 -8.30 4.02 79.39
C ASP B 423 -8.80 2.59 79.20
N ASP B 424 -9.76 2.14 80.00
CA ASP B 424 -10.22 0.76 79.80
C ASP B 424 -11.50 0.58 79.01
N SER B 425 -11.82 1.51 78.12
CA SER B 425 -12.99 1.36 77.27
C SER B 425 -12.58 0.52 76.07
N ALA B 426 -13.46 0.38 75.07
CA ALA B 426 -13.16 -0.44 73.89
C ALA B 426 -11.85 -0.01 73.22
N ASN B 427 -10.99 -0.99 72.98
CA ASN B 427 -9.67 -0.77 72.38
C ASN B 427 -8.89 0.34 73.08
N ALA B 428 -9.08 0.38 74.40
CA ALA B 428 -8.43 1.28 75.35
C ALA B 428 -8.57 2.75 75.07
N GLY B 429 -9.72 3.11 74.49
CA GLY B 429 -9.97 4.53 74.23
C GLY B 429 -9.19 5.11 73.08
N PHE B 430 -8.46 4.27 72.35
CA PHE B 430 -7.66 4.76 71.22
C PHE B 430 -8.55 5.06 70.03
N THR B 431 -9.52 4.17 69.79
CA THR B 431 -10.42 4.28 68.66
C THR B 431 -11.83 3.71 68.92
N THR B 432 -12.81 4.22 68.17
CA THR B 432 -14.18 3.73 68.29
C THR B 432 -14.35 2.67 67.21
N GLY B 433 -13.35 2.60 66.33
CA GLY B 433 -13.38 1.65 65.23
C GLY B 433 -12.52 0.43 65.50
N LYS B 434 -11.92 -0.11 64.44
CA LYS B 434 -11.09 -1.32 64.56
C LYS B 434 -9.66 -0.86 64.36
N PRO B 435 -8.80 -1.01 65.38
CA PRO B 435 -7.40 -0.56 65.21
C PRO B 435 -6.60 -1.16 64.07
N TRP B 436 -5.77 -0.34 63.44
CA TRP B 436 -4.96 -0.83 62.33
C TRP B 436 -4.04 -1.96 62.84
N LEU B 437 -3.72 -1.92 64.12
CA LEU B 437 -2.86 -2.94 64.78
C LEU B 437 -3.50 -3.27 66.14
N LYS B 438 -3.52 -4.55 66.53
CA LYS B 438 -4.20 -4.89 67.78
C LYS B 438 -3.72 -4.26 69.08
N VAL B 439 -4.67 -3.96 69.97
CA VAL B 439 -4.37 -3.38 71.26
C VAL B 439 -3.94 -4.48 72.22
N ASN B 440 -2.89 -4.23 72.96
CA ASN B 440 -2.40 -5.20 73.92
C ASN B 440 -3.50 -5.49 74.95
N PRO B 441 -3.89 -6.76 75.13
CA PRO B 441 -4.94 -6.99 76.13
C PRO B 441 -4.63 -6.50 77.56
N ASN B 442 -3.38 -6.23 77.88
CA ASN B 442 -3.11 -5.74 79.23
C ASN B 442 -3.56 -4.28 79.45
N TYR B 443 -4.26 -3.69 78.48
CA TYR B 443 -4.73 -2.30 78.61
C TYR B 443 -5.74 -2.18 79.75
N THR B 444 -6.38 -3.28 80.13
CA THR B 444 -7.34 -3.22 81.23
C THR B 444 -6.62 -2.89 82.54
N GLU B 445 -5.32 -3.17 82.60
CA GLU B 445 -4.52 -2.86 83.80
C GLU B 445 -3.59 -1.68 83.54
N ILE B 446 -3.09 -1.57 82.31
CA ILE B 446 -2.17 -0.46 81.99
C ILE B 446 -2.81 0.56 81.09
N ASN B 447 -3.25 1.69 81.62
CA ASN B 447 -3.88 2.72 80.79
C ASN B 447 -3.77 4.09 81.49
N ALA B 448 -3.75 5.18 80.72
CA ALA B 448 -3.58 6.50 81.31
C ALA B 448 -4.61 6.95 82.32
N ALA B 449 -5.88 6.77 81.98
CA ALA B 449 -6.93 7.21 82.90
C ALA B 449 -6.68 6.64 84.30
N ARG B 450 -6.36 5.35 84.38
CA ARG B 450 -6.13 4.69 85.65
C ARG B 450 -4.85 5.18 86.33
N GLU B 451 -3.87 5.56 85.54
CA GLU B 451 -2.64 5.99 86.12
C GLU B 451 -2.59 7.46 86.51
N ILE B 452 -3.27 8.32 85.78
CA ILE B 452 -3.17 9.73 86.10
C ILE B 452 -3.56 10.15 87.51
N GLY B 453 -4.57 9.52 88.09
CA GLY B 453 -4.99 9.92 89.42
C GLY B 453 -4.35 9.18 90.58
N ASP B 454 -3.37 8.35 90.29
CA ASP B 454 -2.68 7.55 91.31
C ASP B 454 -1.25 8.02 91.56
N PRO B 455 -0.98 8.57 92.75
CA PRO B 455 0.33 9.09 93.19
C PRO B 455 1.45 8.07 93.05
N LYS B 456 1.07 6.80 93.09
CA LYS B 456 2.08 5.76 92.99
C LYS B 456 2.22 5.15 91.60
N SER B 457 1.50 5.64 90.59
CA SER B 457 1.57 5.01 89.26
C SER B 457 2.87 5.29 88.52
N VAL B 458 3.12 4.53 87.45
CA VAL B 458 4.31 4.76 86.64
C VAL B 458 4.21 6.17 86.06
N TYR B 459 3.02 6.54 85.60
CA TYR B 459 2.81 7.87 85.06
C TYR B 459 3.22 8.98 86.06
N SER B 460 2.77 8.88 87.31
CA SER B 460 3.04 9.89 88.32
C SER B 460 4.50 9.97 88.63
N PHE B 461 5.17 8.84 88.56
CA PHE B 461 6.59 8.84 88.82
C PHE B 461 7.37 9.57 87.69
N TYR B 462 6.96 9.34 86.45
CA TYR B 462 7.58 10.02 85.31
C TYR B 462 7.34 11.52 85.46
N ARG B 463 6.11 11.89 85.81
CA ARG B 463 5.80 13.30 86.01
C ARG B 463 6.71 13.94 87.06
N ASN B 464 6.85 13.27 88.20
CA ASN B 464 7.68 13.74 89.29
C ASN B 464 9.13 13.88 88.84
N LEU B 465 9.63 12.91 88.08
CA LEU B 465 11.00 12.96 87.60
C LEU B 465 11.23 14.09 86.62
N ILE B 466 10.27 14.32 85.73
CA ILE B 466 10.43 15.39 84.76
C ILE B 466 10.50 16.75 85.49
N SER B 467 9.73 16.91 86.57
CA SER B 467 9.71 18.18 87.32
C SER B 467 11.04 18.37 87.96
N ILE B 468 11.50 17.31 88.61
CA ILE B 468 12.77 17.33 89.28
C ILE B 468 13.89 17.71 88.33
N ARG B 469 13.89 17.06 87.14
CA ARG B 469 14.93 17.37 86.16
C ARG B 469 14.80 18.83 85.72
N HIS B 470 13.58 19.31 85.56
CA HIS B 470 13.42 20.69 85.14
C HIS B 470 13.96 21.61 86.23
N GLU B 471 13.89 21.20 87.49
CA GLU B 471 14.35 22.07 88.58
C GLU B 471 15.81 21.90 88.96
N THR B 472 16.49 20.96 88.33
CA THR B 472 17.89 20.70 88.68
C THR B 472 18.78 20.75 87.45
N PRO B 473 19.46 21.88 87.22
CA PRO B 473 20.36 22.06 86.08
C PRO B 473 21.38 20.92 85.90
N ALA B 474 22.00 20.48 86.99
CA ALA B 474 23.00 19.43 86.85
C ALA B 474 22.45 18.16 86.18
N LEU B 475 21.16 17.88 86.35
CA LEU B 475 20.59 16.65 85.77
C LEU B 475 20.36 16.70 84.27
N SER B 476 20.59 17.86 83.66
CA SER B 476 20.44 17.94 82.21
C SER B 476 21.81 18.27 81.64
N THR B 477 22.40 19.39 82.05
CA THR B 477 23.68 19.76 81.47
C THR B 477 24.91 19.51 82.32
N GLY B 478 24.76 18.90 83.49
CA GLY B 478 25.93 18.68 84.32
C GLY B 478 26.76 17.53 83.77
N SER B 479 27.96 17.38 84.27
CA SER B 479 28.82 16.31 83.80
C SER B 479 28.25 14.97 84.25
N TYR B 480 28.74 13.90 83.67
CA TYR B 480 28.30 12.55 84.01
C TYR B 480 29.48 11.65 84.35
N ARG B 481 29.34 10.83 85.37
CA ARG B 481 30.44 9.96 85.71
C ARG B 481 29.90 8.65 86.26
N ASP B 482 30.25 7.56 85.59
CA ASP B 482 29.85 6.24 86.01
C ASP B 482 30.75 5.86 87.18
N ILE B 483 30.14 5.58 88.33
CA ILE B 483 30.89 5.21 89.52
C ILE B 483 31.61 3.86 89.42
N ASP B 484 31.05 2.92 88.67
CA ASP B 484 31.71 1.61 88.53
C ASP B 484 31.18 0.86 87.34
N PRO B 485 31.85 1.03 86.20
CA PRO B 485 31.50 0.41 84.91
C PRO B 485 31.48 -1.12 84.90
N SER B 486 32.16 -1.74 85.87
CA SER B 486 32.20 -3.20 85.90
C SER B 486 31.03 -3.83 86.68
N ASN B 487 30.34 -3.05 87.50
CA ASN B 487 29.24 -3.56 88.32
C ASN B 487 28.02 -3.98 87.45
N ALA B 488 27.62 -5.24 87.57
CA ALA B 488 26.51 -5.77 86.81
C ALA B 488 25.18 -5.82 87.55
N ASP B 489 25.14 -5.26 88.77
CA ASP B 489 23.91 -5.26 89.58
C ASP B 489 23.25 -3.91 89.83
N VAL B 490 24.07 -2.94 90.23
CA VAL B 490 23.58 -1.62 90.59
C VAL B 490 24.28 -0.59 89.73
N TYR B 491 23.47 0.24 89.08
CA TYR B 491 23.96 1.29 88.17
C TYR B 491 23.95 2.57 88.99
N ALA B 492 25.15 3.09 89.23
CA ALA B 492 25.31 4.27 90.05
C ALA B 492 26.19 5.27 89.34
N TYR B 493 25.79 6.54 89.35
CA TYR B 493 26.56 7.57 88.69
C TYR B 493 26.27 8.94 89.24
N THR B 494 27.13 9.90 88.94
CA THR B 494 26.89 11.24 89.43
C THR B 494 26.68 12.24 88.29
N ARG B 495 26.01 13.35 88.62
CA ARG B 495 25.78 14.44 87.69
C ARG B 495 26.17 15.68 88.52
N SER B 496 27.10 16.48 88.01
CA SER B 496 27.56 17.68 88.71
C SER B 496 27.54 18.94 87.87
N GLN B 497 27.35 20.08 88.53
CA GLN B 497 27.37 21.35 87.84
C GLN B 497 27.44 22.50 88.84
N ASP B 498 28.36 23.43 88.60
CA ASP B 498 28.48 24.60 89.45
C ASP B 498 28.43 24.28 90.94
N GLY B 499 29.24 23.31 91.35
CA GLY B 499 29.29 22.97 92.76
C GLY B 499 28.22 22.04 93.31
N GLU B 500 27.16 21.79 92.53
CA GLU B 500 26.09 20.88 92.98
C GLU B 500 26.43 19.48 92.44
N THR B 501 26.23 18.43 93.24
CA THR B 501 26.47 17.08 92.75
C THR B 501 25.30 16.22 93.19
N TYR B 502 24.77 15.42 92.28
CA TYR B 502 23.65 14.58 92.59
C TYR B 502 24.07 13.18 92.26
N LEU B 503 23.53 12.23 92.99
CA LEU B 503 23.93 10.80 92.80
C LEU B 503 22.69 10.03 92.36
N VAL B 504 22.83 9.11 91.41
CA VAL B 504 21.68 8.32 90.95
C VAL B 504 22.07 6.86 91.15
N VAL B 505 21.22 6.10 91.85
CA VAL B 505 21.51 4.69 92.10
C VAL B 505 20.27 3.89 91.70
N VAL B 506 20.46 2.89 90.83
CA VAL B 506 19.33 2.11 90.35
C VAL B 506 19.65 0.62 90.42
N ASN B 507 18.84 -0.11 91.17
CA ASN B 507 19.04 -1.55 91.28
C ASN B 507 18.40 -2.30 90.10
N PHE B 508 19.19 -2.92 89.25
CA PHE B 508 18.63 -3.68 88.11
C PHE B 508 18.34 -5.15 88.47
N LYS B 509 18.51 -5.53 89.73
CA LYS B 509 18.26 -6.92 90.13
C LYS B 509 16.93 -7.02 90.91
N ALA B 510 16.20 -8.10 90.69
CA ALA B 510 14.93 -8.32 91.38
C ALA B 510 15.13 -8.94 92.76
N GLU B 511 16.14 -8.45 93.48
CA GLU B 511 16.44 -8.92 94.82
C GLU B 511 17.22 -7.81 95.49
N PRO B 512 17.32 -7.83 96.84
CA PRO B 512 18.03 -6.81 97.62
C PRO B 512 19.51 -6.74 97.22
N ARG B 513 20.06 -5.53 97.26
CA ARG B 513 21.46 -5.27 96.93
C ARG B 513 21.90 -4.06 97.73
N SER B 514 23.20 -3.89 97.91
CA SER B 514 23.69 -2.75 98.68
C SER B 514 24.52 -1.84 97.81
N PHE B 515 24.62 -0.59 98.21
CA PHE B 515 25.47 0.31 97.46
C PHE B 515 26.26 1.17 98.43
N THR B 516 27.58 1.21 98.23
CA THR B 516 28.46 2.02 99.07
C THR B 516 28.92 3.22 98.25
N LEU B 517 28.63 4.43 98.72
CA LEU B 517 29.01 5.61 97.96
C LEU B 517 30.52 5.72 97.92
N PRO B 518 31.04 6.44 96.92
CA PRO B 518 32.50 6.62 96.80
C PRO B 518 33.04 7.21 98.11
N ASP B 519 34.32 6.98 98.37
CA ASP B 519 34.95 7.50 99.59
C ASP B 519 34.82 9.01 99.72
N GLY B 520 34.34 9.45 100.87
CA GLY B 520 34.17 10.87 101.12
C GLY B 520 32.78 11.38 100.79
N MET B 521 32.07 10.66 99.90
CA MET B 521 30.74 11.07 99.51
C MET B 521 29.70 10.63 100.50
N HIS B 522 28.77 11.54 100.81
CA HIS B 522 27.68 11.27 101.74
C HIS B 522 26.36 11.85 101.25
N ILE B 523 25.26 11.16 101.53
CA ILE B 523 23.94 11.64 101.14
C ILE B 523 23.61 12.94 101.86
N ALA B 524 23.20 13.96 101.12
CA ALA B 524 22.80 15.21 101.75
C ALA B 524 21.28 15.28 101.77
N GLU B 525 20.64 14.88 100.66
CA GLU B 525 19.19 14.91 100.59
C GLU B 525 18.65 13.91 99.58
N THR B 526 17.47 13.37 99.83
CA THR B 526 16.85 12.44 98.91
C THR B 526 15.78 13.16 98.10
N LEU B 527 15.96 13.24 96.78
CA LEU B 527 15.00 13.92 95.93
C LEU B 527 13.81 13.04 95.63
N ILE B 528 14.05 11.77 95.32
CA ILE B 528 12.95 10.88 95.02
C ILE B 528 13.48 9.47 95.02
N GLU B 529 12.60 8.49 95.20
CA GLU B 529 12.99 7.06 95.16
C GLU B 529 11.81 6.23 94.69
N SER B 530 12.08 5.09 94.10
CA SER B 530 10.99 4.23 93.67
C SER B 530 11.25 2.89 94.35
N SER B 531 10.17 2.22 94.74
CA SER B 531 10.26 0.91 95.40
C SER B 531 11.12 0.92 96.69
N SER B 532 11.06 2.03 97.42
CA SER B 532 11.82 2.17 98.68
C SER B 532 10.89 2.41 99.86
N PRO B 533 11.13 1.72 100.98
CA PRO B 533 10.24 1.93 102.13
C PRO B 533 10.74 3.06 103.03
N ALA B 534 11.99 3.44 102.82
CA ALA B 534 12.56 4.51 103.63
C ALA B 534 13.78 5.14 102.95
N ALA B 535 13.84 6.46 103.01
CA ALA B 535 14.95 7.23 102.43
C ALA B 535 16.15 7.10 103.38
N PRO B 536 17.38 7.20 102.83
CA PRO B 536 18.53 7.10 103.73
C PRO B 536 18.62 8.36 104.61
N ALA B 537 19.33 8.22 105.72
CA ALA B 537 19.51 9.34 106.63
C ALA B 537 20.43 10.39 106.01
N ALA B 538 20.26 11.64 106.42
CA ALA B 538 21.13 12.69 105.93
C ALA B 538 22.50 12.24 106.43
N GLY B 539 23.51 12.35 105.59
CA GLY B 539 24.85 11.94 105.97
C GLY B 539 25.16 10.47 105.71
N ALA B 540 24.18 9.72 105.23
CA ALA B 540 24.41 8.30 105.00
C ALA B 540 25.59 8.06 104.05
N ALA B 541 26.32 6.97 104.25
CA ALA B 541 27.46 6.66 103.40
C ALA B 541 27.27 5.40 102.56
N SER B 542 26.08 4.81 102.65
CA SER B 542 25.77 3.61 101.88
C SER B 542 24.26 3.52 101.78
N LEU B 543 23.79 2.63 100.94
CA LEU B 543 22.36 2.44 100.72
C LEU B 543 21.94 0.96 100.70
N GLU B 544 20.74 0.70 101.18
CA GLU B 544 20.19 -0.64 101.14
C GLU B 544 19.12 -0.51 100.07
N LEU B 545 19.23 -1.34 99.02
CA LEU B 545 18.29 -1.31 97.92
C LEU B 545 17.32 -2.47 97.88
N GLN B 546 16.06 -2.16 97.66
CA GLN B 546 15.03 -3.17 97.51
C GLN B 546 15.10 -3.57 96.02
N PRO B 547 14.56 -4.76 95.66
CA PRO B 547 14.62 -5.13 94.25
C PRO B 547 14.16 -3.96 93.37
N TRP B 548 14.84 -3.70 92.24
CA TRP B 548 14.47 -2.60 91.33
C TRP B 548 14.29 -1.19 91.93
N GLN B 549 14.84 -0.99 93.11
CA GLN B 549 14.75 0.32 93.72
C GLN B 549 15.57 1.33 92.91
N SER B 550 15.07 2.55 92.83
CA SER B 550 15.82 3.59 92.12
C SER B 550 15.67 4.88 92.94
N GLY B 551 16.57 5.83 92.71
CA GLY B 551 16.49 7.07 93.44
C GLY B 551 17.52 8.09 93.01
N ILE B 552 17.29 9.33 93.43
CA ILE B 552 18.17 10.44 93.12
C ILE B 552 18.49 11.15 94.39
N TYR B 553 19.78 11.35 94.67
CA TYR B 553 20.22 11.99 95.91
C TYR B 553 21.14 13.19 95.70
N LYS B 554 20.98 14.22 96.53
CA LYS B 554 21.91 15.33 96.41
C LYS B 554 22.99 14.93 97.39
N VAL B 555 24.25 15.02 96.97
CA VAL B 555 25.31 14.60 97.87
C VAL B 555 26.12 15.72 98.50
N LYS B 556 26.71 15.40 99.65
CA LYS B 556 27.58 16.31 100.37
C LYS B 556 28.91 15.92 99.75
N PRO C 1 -17.85 10.77 -93.44
CA PRO C 1 -16.52 11.07 -92.86
C PRO C 1 -15.90 9.81 -92.26
N GLY C 2 -14.57 9.68 -92.38
CA GLY C 2 -13.88 8.52 -91.83
C GLY C 2 -14.15 8.25 -90.36
N ALA C 3 -14.55 7.02 -90.04
CA ALA C 3 -14.88 6.61 -88.68
C ALA C 3 -13.65 6.52 -87.78
N PRO C 4 -13.81 6.83 -86.49
CA PRO C 4 -12.64 6.75 -85.59
C PRO C 4 -12.06 5.34 -85.61
N TRP C 5 -10.75 5.25 -85.38
CA TRP C 5 -10.09 3.96 -85.36
C TRP C 5 -10.70 3.04 -84.33
N TRP C 6 -11.06 3.58 -83.17
CA TRP C 6 -11.62 2.72 -82.12
C TRP C 6 -12.95 2.04 -82.45
N LYS C 7 -13.73 2.60 -83.37
CA LYS C 7 -14.98 1.96 -83.71
C LYS C 7 -14.78 0.66 -84.48
N SER C 8 -13.67 0.55 -85.20
CA SER C 8 -13.46 -0.65 -86.00
C SER C 8 -12.38 -1.55 -85.43
N ALA C 9 -11.88 -1.22 -84.24
CA ALA C 9 -10.81 -2.00 -83.61
C ALA C 9 -11.32 -3.15 -82.76
N VAL C 10 -10.45 -4.12 -82.55
CA VAL C 10 -10.77 -5.28 -81.74
C VAL C 10 -9.82 -5.16 -80.57
N PHE C 11 -10.37 -4.99 -79.38
CA PHE C 11 -9.56 -4.89 -78.16
C PHE C 11 -9.41 -6.21 -77.44
N TYR C 12 -8.38 -6.30 -76.62
CA TYR C 12 -8.13 -7.49 -75.79
C TYR C 12 -7.84 -6.98 -74.40
N GLN C 13 -8.48 -7.56 -73.37
CA GLN C 13 -8.23 -7.11 -72.01
C GLN C 13 -7.27 -8.07 -71.30
N VAL C 14 -6.21 -7.48 -70.74
CA VAL C 14 -5.22 -8.22 -69.99
C VAL C 14 -5.31 -7.81 -68.53
N TYR C 15 -5.48 -8.81 -67.67
CA TYR C 15 -5.55 -8.64 -66.22
C TYR C 15 -4.09 -9.05 -65.93
N PRO C 16 -3.14 -8.09 -65.87
CA PRO C 16 -1.72 -8.43 -65.65
C PRO C 16 -1.36 -9.41 -64.57
N ARG C 17 -1.99 -9.27 -63.43
CA ARG C 17 -1.74 -10.15 -62.30
C ARG C 17 -1.90 -11.64 -62.67
N SER C 18 -2.73 -11.94 -63.66
CA SER C 18 -2.97 -13.33 -64.06
C SER C 18 -2.60 -13.66 -65.49
N PHE C 19 -1.83 -12.80 -66.17
CA PHE C 19 -1.51 -13.12 -67.57
C PHE C 19 -0.21 -13.88 -67.71
N LYS C 20 0.91 -13.29 -67.30
CA LYS C 20 2.21 -14.02 -67.44
C LYS C 20 3.27 -13.59 -66.47
N ASP C 21 3.70 -14.53 -65.63
CA ASP C 21 4.75 -14.28 -64.63
C ASP C 21 6.12 -14.61 -65.26
N THR C 22 7.07 -13.71 -65.09
CA THR C 22 8.40 -13.94 -65.62
C THR C 22 9.44 -13.98 -64.52
N ASN C 23 9.05 -13.94 -63.25
CA ASN C 23 10.05 -14.00 -62.16
C ASN C 23 9.77 -14.99 -61.01
N GLY C 24 8.86 -15.93 -61.25
CA GLY C 24 8.55 -16.95 -60.27
C GLY C 24 7.82 -16.62 -58.97
N ASP C 25 7.31 -15.41 -58.84
CA ASP C 25 6.61 -15.04 -57.62
C ASP C 25 5.12 -15.36 -57.62
N GLY C 26 4.63 -15.97 -58.70
CA GLY C 26 3.23 -16.36 -58.76
C GLY C 26 2.27 -15.28 -59.23
N ILE C 27 2.82 -14.10 -59.52
CA ILE C 27 2.02 -12.96 -60.00
C ILE C 27 2.50 -12.46 -61.40
N GLY C 28 1.58 -12.26 -62.33
CA GLY C 28 1.96 -11.78 -63.64
C GLY C 28 2.55 -10.39 -63.57
N ASP C 29 3.30 -10.04 -64.62
CA ASP C 29 4.01 -8.79 -64.64
C ASP C 29 4.14 -8.23 -66.07
N PHE C 30 4.67 -7.00 -66.16
CA PHE C 30 4.85 -6.30 -67.44
C PHE C 30 5.77 -7.02 -68.39
N LYS C 31 6.86 -7.57 -67.87
CA LYS C 31 7.78 -8.27 -68.74
C LYS C 31 7.04 -9.45 -69.34
N GLY C 32 6.19 -10.07 -68.53
CA GLY C 32 5.40 -11.17 -69.05
C GLY C 32 4.47 -10.77 -70.20
N LEU C 33 3.72 -9.68 -69.99
CA LEU C 33 2.79 -9.20 -71.02
C LEU C 33 3.57 -8.81 -72.30
N THR C 34 4.69 -8.11 -72.11
CA THR C 34 5.54 -7.65 -73.22
C THR C 34 6.03 -8.84 -74.02
N GLU C 35 6.41 -9.90 -73.33
CA GLU C 35 6.89 -11.08 -74.02
C GLU C 35 5.86 -11.79 -74.89
N LYS C 36 4.60 -11.55 -74.61
CA LYS C 36 3.52 -12.18 -75.32
C LYS C 36 2.81 -11.31 -76.36
N LEU C 37 3.33 -10.12 -76.59
CA LEU C 37 2.70 -9.24 -77.58
C LEU C 37 2.54 -9.87 -78.95
N ASP C 38 3.53 -10.66 -79.38
CA ASP C 38 3.47 -11.32 -80.69
C ASP C 38 2.29 -12.26 -80.76
N TYR C 39 2.01 -12.92 -79.64
CA TYR C 39 0.87 -13.82 -79.53
C TYR C 39 -0.39 -13.04 -79.78
N LEU C 40 -0.47 -11.89 -79.14
CA LEU C 40 -1.62 -11.02 -79.28
C LEU C 40 -1.69 -10.42 -80.67
N LYS C 41 -0.54 -9.97 -81.20
CA LYS C 41 -0.51 -9.39 -82.54
C LYS C 41 -1.01 -10.50 -83.50
N GLY C 42 -0.46 -11.71 -83.36
CA GLY C 42 -0.87 -12.82 -84.20
C GLY C 42 -2.36 -13.16 -84.15
N LEU C 43 -3.01 -12.92 -83.02
CA LEU C 43 -4.44 -13.20 -82.89
C LEU C 43 -5.22 -12.16 -83.71
N GLY C 44 -4.63 -11.00 -83.90
CA GLY C 44 -5.25 -9.93 -84.68
C GLY C 44 -5.72 -8.75 -83.85
N ILE C 45 -5.22 -8.66 -82.61
CA ILE C 45 -5.61 -7.60 -81.65
C ILE C 45 -4.99 -6.27 -82.03
N ASP C 46 -5.81 -5.22 -81.99
CA ASP C 46 -5.40 -3.86 -82.34
C ASP C 46 -5.05 -3.08 -81.09
N ALA C 47 -5.66 -3.43 -79.97
CA ALA C 47 -5.42 -2.67 -78.76
C ALA C 47 -5.68 -3.48 -77.54
N ILE C 48 -4.94 -3.18 -76.49
CA ILE C 48 -5.07 -3.87 -75.24
C ILE C 48 -5.48 -2.92 -74.14
N TRP C 49 -6.45 -3.34 -73.35
CA TRP C 49 -6.85 -2.57 -72.20
C TRP C 49 -6.23 -3.37 -71.02
N ILE C 50 -5.30 -2.76 -70.26
CA ILE C 50 -4.74 -3.50 -69.11
C ILE C 50 -5.44 -2.99 -67.85
N ASN C 51 -5.67 -3.88 -66.88
CA ASN C 51 -6.31 -3.45 -65.62
C ASN C 51 -5.28 -2.58 -64.84
N PRO C 52 -5.70 -1.93 -63.72
CA PRO C 52 -4.77 -1.04 -62.99
C PRO C 52 -3.37 -1.54 -62.81
N HIS C 53 -2.41 -0.65 -63.12
CA HIS C 53 -0.99 -0.99 -63.02
C HIS C 53 -0.22 0.00 -62.13
N TYR C 54 -0.93 0.69 -61.24
CA TYR C 54 -0.34 1.71 -60.39
C TYR C 54 0.02 1.21 -59.01
N ALA C 55 0.86 1.94 -58.27
CA ALA C 55 1.21 1.51 -56.92
C ALA C 55 -0.06 1.17 -56.12
N SER C 56 -0.07 0.02 -55.46
CA SER C 56 -1.29 -0.41 -54.76
C SER C 56 -1.03 -1.43 -53.65
N PRO C 57 -1.78 -1.38 -52.53
CA PRO C 57 -1.59 -2.37 -51.45
C PRO C 57 -2.26 -3.71 -51.92
N ASN C 58 -3.02 -3.60 -53.01
CA ASN C 58 -3.73 -4.73 -53.58
C ASN C 58 -4.84 -5.36 -52.76
N THR C 59 -5.53 -4.57 -51.94
CA THR C 59 -6.65 -5.15 -51.21
C THR C 59 -7.73 -5.45 -52.25
N ASP C 60 -7.70 -4.73 -53.38
CA ASP C 60 -8.67 -4.98 -54.46
C ASP C 60 -7.90 -5.09 -55.78
N ASN C 61 -6.79 -5.82 -55.73
CA ASN C 61 -5.93 -6.12 -56.86
C ASN C 61 -5.75 -4.99 -57.90
N GLY C 62 -5.23 -3.85 -57.43
CA GLY C 62 -4.99 -2.77 -58.37
C GLY C 62 -5.93 -1.61 -58.28
N TYR C 63 -7.14 -1.87 -57.85
CA TYR C 63 -8.13 -0.83 -57.77
C TYR C 63 -8.10 0.04 -56.50
N ASP C 64 -7.09 -0.16 -55.67
CA ASP C 64 -6.91 0.68 -54.46
C ASP C 64 -5.49 1.24 -54.67
N ILE C 65 -5.44 2.38 -55.33
CA ILE C 65 -4.19 3.04 -55.72
C ILE C 65 -3.59 3.97 -54.70
N SER C 66 -2.34 3.69 -54.38
CA SER C 66 -1.62 4.49 -53.40
C SER C 66 -0.68 5.53 -54.01
N ASP C 67 -0.51 5.54 -55.32
CA ASP C 67 0.30 6.59 -55.97
C ASP C 67 -0.03 6.49 -57.46
N TYR C 68 -0.75 7.46 -58.00
CA TYR C 68 -1.12 7.37 -59.41
C TYR C 68 0.04 7.56 -60.39
N ARG C 69 1.21 7.97 -59.90
CA ARG C 69 2.30 8.18 -60.84
C ARG C 69 3.42 7.18 -60.80
N GLU C 70 3.21 6.10 -60.05
CA GLU C 70 4.19 5.01 -59.95
C GLU C 70 3.54 3.69 -60.37
N VAL C 71 4.35 2.81 -60.93
CA VAL C 71 3.91 1.49 -61.38
C VAL C 71 3.81 0.53 -60.17
N MET C 72 2.96 -0.49 -60.31
CA MET C 72 2.79 -1.47 -59.24
C MET C 72 4.07 -2.29 -59.08
N LYS C 73 4.56 -2.41 -57.84
CA LYS C 73 5.80 -3.14 -57.58
C LYS C 73 5.74 -4.52 -58.19
N GLU C 74 4.60 -5.20 -58.04
CA GLU C 74 4.48 -6.53 -58.58
C GLU C 74 4.67 -6.58 -60.10
N TYR C 75 4.28 -5.50 -60.80
CA TYR C 75 4.37 -5.55 -62.27
C TYR C 75 5.68 -5.12 -62.86
N GLY C 76 6.44 -4.30 -62.14
CA GLY C 76 7.73 -3.91 -62.67
C GLY C 76 8.09 -2.50 -62.32
N THR C 77 8.78 -1.82 -63.24
CA THR C 77 9.18 -0.46 -62.98
C THR C 77 8.59 0.42 -64.07
N MET C 78 8.76 1.72 -63.94
CA MET C 78 8.26 2.66 -64.95
C MET C 78 8.99 2.35 -66.25
N GLU C 79 10.21 1.86 -66.10
CA GLU C 79 11.02 1.46 -67.25
C GLU C 79 10.35 0.29 -67.98
N ASP C 80 9.77 -0.63 -67.20
CA ASP C 80 9.09 -1.78 -67.81
C ASP C 80 7.84 -1.30 -68.53
N PHE C 81 7.15 -0.35 -67.91
CA PHE C 81 5.93 0.19 -68.51
C PHE C 81 6.32 0.85 -69.81
N ASP C 82 7.41 1.63 -69.80
CA ASP C 82 7.88 2.30 -71.00
C ASP C 82 8.23 1.31 -72.09
N ARG C 83 8.74 0.14 -71.69
CA ARG C 83 9.14 -0.88 -72.63
C ARG C 83 7.93 -1.51 -73.30
N LEU C 84 6.87 -1.74 -72.52
CA LEU C 84 5.66 -2.32 -73.07
C LEU C 84 5.09 -1.36 -74.15
N MET C 85 4.98 -0.08 -73.81
CA MET C 85 4.47 0.94 -74.74
C MET C 85 5.26 0.95 -76.05
N ALA C 86 6.59 0.92 -75.91
CA ALA C 86 7.45 0.93 -77.08
C ALA C 86 7.30 -0.34 -77.92
N GLU C 87 7.21 -1.52 -77.30
CA GLU C 87 7.03 -2.74 -78.09
C GLU C 87 5.63 -2.73 -78.76
N LEU C 88 4.62 -2.27 -78.04
CA LEU C 88 3.29 -2.19 -78.66
C LEU C 88 3.34 -1.33 -79.95
N LYS C 89 4.00 -0.19 -79.82
CA LYS C 89 4.08 0.74 -80.94
C LYS C 89 4.81 0.08 -82.08
N LYS C 90 5.89 -0.63 -81.80
CA LYS C 90 6.63 -1.32 -82.87
C LYS C 90 5.73 -2.26 -83.63
N ARG C 91 4.63 -2.67 -82.99
CA ARG C 91 3.67 -3.60 -83.63
C ARG C 91 2.43 -2.87 -84.07
N GLY C 92 2.41 -1.53 -83.90
CA GLY C 92 1.27 -0.74 -84.35
C GLY C 92 0.03 -1.02 -83.54
N MET C 93 0.27 -1.46 -82.33
CA MET C 93 -0.81 -1.76 -81.41
C MET C 93 -0.95 -0.58 -80.46
N ARG C 94 -2.10 -0.45 -79.80
CA ARG C 94 -2.30 0.68 -78.86
C ARG C 94 -2.63 0.18 -77.45
N LEU C 95 -2.41 1.02 -76.44
CA LEU C 95 -2.69 0.62 -75.06
C LEU C 95 -3.77 1.50 -74.42
N MET C 96 -4.70 0.90 -73.68
CA MET C 96 -5.72 1.67 -72.97
C MET C 96 -5.47 1.31 -71.47
N VAL C 97 -5.26 2.30 -70.63
CA VAL C 97 -5.03 2.02 -69.21
C VAL C 97 -6.27 2.19 -68.42
N ASP C 98 -6.26 1.65 -67.20
CA ASP C 98 -7.45 1.74 -66.34
C ASP C 98 -7.29 3.00 -65.51
N VAL C 99 -8.37 3.76 -65.35
CA VAL C 99 -8.30 4.95 -64.54
C VAL C 99 -9.36 4.77 -63.45
N VAL C 100 -8.85 4.73 -62.23
CA VAL C 100 -9.65 4.53 -61.00
C VAL C 100 -9.61 5.80 -60.16
N ILE C 101 -10.55 6.68 -60.41
CA ILE C 101 -10.58 7.96 -59.70
C ILE C 101 -11.87 8.24 -58.95
N ASN C 102 -12.59 7.17 -58.66
CA ASN C 102 -13.79 7.32 -57.84
C ASN C 102 -13.33 7.29 -56.39
N HIS C 103 -12.23 6.58 -56.18
CA HIS C 103 -11.67 6.38 -54.86
C HIS C 103 -10.18 6.11 -55.04
N SER C 104 -9.44 6.21 -53.93
CA SER C 104 -8.01 5.92 -53.90
C SER C 104 -7.80 4.88 -52.78
N SER C 105 -6.56 4.48 -52.55
CA SER C 105 -6.24 3.57 -51.45
C SER C 105 -6.13 4.43 -50.16
N ASP C 106 -6.31 3.83 -48.99
CA ASP C 106 -6.18 4.64 -47.79
C ASP C 106 -4.70 4.90 -47.51
N GLN C 107 -3.83 4.23 -48.25
CA GLN C 107 -2.39 4.44 -48.10
C GLN C 107 -1.84 5.55 -49.02
N HIS C 108 -2.70 6.15 -49.82
CA HIS C 108 -2.27 7.26 -50.71
C HIS C 108 -1.94 8.45 -49.81
N GLU C 109 -0.91 9.23 -50.15
CA GLU C 109 -0.53 10.38 -49.32
C GLU C 109 -1.63 11.40 -49.08
N TRP C 110 -2.58 11.53 -50.01
CA TRP C 110 -3.67 12.46 -49.82
C TRP C 110 -4.54 11.99 -48.66
N PHE C 111 -4.76 10.69 -48.54
CA PHE C 111 -5.59 10.19 -47.43
C PHE C 111 -4.79 10.19 -46.11
N LYS C 112 -3.51 9.88 -46.17
CA LYS C 112 -2.73 9.91 -44.93
C LYS C 112 -2.76 11.35 -44.37
N SER C 113 -2.72 12.36 -45.25
CA SER C 113 -2.78 13.73 -44.78
C SER C 113 -4.21 14.09 -44.36
N SER C 114 -5.15 13.73 -45.21
CA SER C 114 -6.55 14.05 -44.97
C SER C 114 -7.14 13.62 -43.62
N ARG C 115 -6.83 12.41 -43.19
CA ARG C 115 -7.36 11.89 -41.92
C ARG C 115 -6.65 12.43 -40.65
N ALA C 116 -5.55 13.14 -40.81
CA ALA C 116 -4.78 13.62 -39.67
C ALA C 116 -5.50 14.63 -38.75
N SER C 117 -6.30 15.50 -39.35
CA SER C 117 -7.02 16.50 -38.58
C SER C 117 -8.15 17.08 -39.45
N LYS C 118 -9.12 17.72 -38.81
CA LYS C 118 -10.21 18.32 -39.56
C LYS C 118 -9.74 19.56 -40.30
N ASP C 119 -8.53 20.05 -40.00
CA ASP C 119 -8.02 21.26 -40.64
C ASP C 119 -6.88 21.06 -41.63
N ASN C 120 -6.58 19.83 -41.99
CA ASN C 120 -5.52 19.52 -42.95
C ASN C 120 -5.92 20.05 -44.34
N PRO C 121 -4.93 20.49 -45.16
CA PRO C 121 -5.19 21.01 -46.52
C PRO C 121 -5.94 19.97 -47.40
N TYR C 122 -5.62 18.69 -47.16
CA TYR C 122 -6.23 17.59 -47.91
C TYR C 122 -7.48 16.98 -47.24
N ARG C 123 -8.08 17.66 -46.26
CA ARG C 123 -9.23 17.07 -45.60
C ARG C 123 -10.33 16.82 -46.60
N ASP C 124 -10.60 17.82 -47.45
CA ASP C 124 -11.68 17.69 -48.39
C ASP C 124 -11.35 16.97 -49.67
N TYR C 125 -10.27 16.20 -49.65
CA TYR C 125 -9.92 15.39 -50.82
C TYR C 125 -10.81 14.14 -50.70
N TYR C 126 -11.43 13.96 -49.55
CA TYR C 126 -12.32 12.80 -49.34
C TYR C 126 -13.59 13.29 -48.65
N PHE C 127 -14.44 12.37 -48.22
CA PHE C 127 -15.69 12.72 -47.52
C PHE C 127 -15.62 12.33 -46.05
N TRP C 128 -15.65 13.35 -45.18
CA TRP C 128 -15.62 13.13 -43.76
C TRP C 128 -16.90 13.68 -43.15
N ARG C 129 -17.56 12.88 -42.32
CA ARG C 129 -18.81 13.32 -41.70
C ARG C 129 -18.98 12.77 -40.27
N ASP C 130 -19.74 13.47 -39.46
CA ASP C 130 -20.00 13.00 -38.10
C ASP C 130 -21.10 11.93 -38.17
N GLY C 131 -21.05 10.98 -37.27
CA GLY C 131 -22.06 9.95 -37.26
C GLY C 131 -23.33 10.59 -36.73
N LYS C 132 -24.37 9.79 -36.55
CA LYS C 132 -25.62 10.34 -36.04
C LYS C 132 -26.31 9.27 -35.20
N ASP C 133 -26.81 9.68 -34.04
CA ASP C 133 -27.49 8.77 -33.14
C ASP C 133 -26.54 7.66 -32.70
N GLY C 134 -25.26 8.01 -32.56
CA GLY C 134 -24.28 7.03 -32.12
C GLY C 134 -23.71 6.12 -33.19
N HIS C 135 -24.32 6.11 -34.38
CA HIS C 135 -23.83 5.23 -35.46
C HIS C 135 -23.32 5.99 -36.68
N GLU C 136 -23.28 5.30 -37.82
CA GLU C 136 -22.81 5.88 -39.07
C GLU C 136 -23.58 7.14 -39.49
N PRO C 137 -22.97 7.97 -40.36
CA PRO C 137 -23.63 9.18 -40.83
C PRO C 137 -24.99 8.85 -41.45
N ASN C 138 -25.07 7.71 -42.15
CA ASN C 138 -26.34 7.30 -42.75
C ASN C 138 -26.35 5.80 -43.04
N ASN C 139 -27.38 5.32 -43.74
CA ASN C 139 -27.49 3.90 -43.98
C ASN C 139 -26.82 3.33 -45.24
N TYR C 140 -25.91 4.08 -45.87
CA TYR C 140 -25.24 3.58 -47.08
C TYR C 140 -24.47 2.28 -46.86
N PRO C 141 -24.72 1.28 -47.71
CA PRO C 141 -24.00 0.00 -47.60
C PRO C 141 -22.81 -0.01 -48.58
N SER C 142 -21.79 -0.77 -48.26
CA SER C 142 -20.63 -0.90 -49.15
C SER C 142 -20.80 -2.13 -50.03
N PHE C 143 -20.29 -2.03 -51.27
CA PHE C 143 -20.35 -3.13 -52.22
C PHE C 143 -19.54 -4.29 -51.67
N PHE C 144 -18.53 -3.98 -50.84
CA PHE C 144 -17.66 -5.01 -50.34
C PHE C 144 -17.84 -5.40 -48.88
N GLY C 145 -19.03 -5.13 -48.34
CA GLY C 145 -19.31 -5.56 -46.98
C GLY C 145 -19.55 -4.48 -45.98
N GLY C 146 -20.62 -4.60 -45.20
CA GLY C 146 -20.92 -3.62 -44.16
C GLY C 146 -21.29 -2.22 -44.65
N SER C 147 -21.11 -1.24 -43.75
CA SER C 147 -21.42 0.18 -44.01
C SER C 147 -20.36 0.81 -44.92
N ALA C 148 -20.78 1.81 -45.68
CA ALA C 148 -19.92 2.54 -46.59
C ALA C 148 -19.22 3.66 -45.82
N TRP C 149 -19.38 3.65 -44.48
CA TRP C 149 -18.77 4.67 -43.62
C TRP C 149 -17.92 3.99 -42.57
N GLU C 150 -16.69 4.47 -42.43
CA GLU C 150 -15.74 3.90 -41.51
C GLU C 150 -15.24 5.02 -40.57
N LYS C 151 -15.44 4.81 -39.27
CA LYS C 151 -15.00 5.79 -38.30
C LYS C 151 -13.48 5.78 -38.13
N ASP C 152 -12.87 6.97 -38.11
CA ASP C 152 -11.44 7.09 -37.93
C ASP C 152 -11.25 7.72 -36.55
N PRO C 153 -10.68 6.96 -35.60
CA PRO C 153 -10.45 7.46 -34.24
C PRO C 153 -9.54 8.71 -34.18
N VAL C 154 -8.69 8.88 -35.17
CA VAL C 154 -7.80 10.04 -35.21
C VAL C 154 -8.57 11.37 -35.16
N THR C 155 -9.81 11.38 -35.62
CA THR C 155 -10.62 12.60 -35.61
C THR C 155 -12.03 12.35 -35.14
N GLY C 156 -12.40 11.08 -35.01
CA GLY C 156 -13.75 10.77 -34.56
C GLY C 156 -14.80 10.82 -35.66
N GLN C 157 -14.45 11.26 -36.86
CA GLN C 157 -15.45 11.29 -37.91
C GLN C 157 -15.31 10.05 -38.78
N TYR C 158 -16.31 9.86 -39.63
CA TYR C 158 -16.36 8.74 -40.57
C TYR C 158 -16.03 9.17 -42.01
N TYR C 159 -15.32 8.31 -42.74
CA TYR C 159 -15.05 8.60 -44.14
C TYR C 159 -15.87 7.62 -44.99
N LEU C 160 -16.23 8.10 -46.18
CA LEU C 160 -17.04 7.32 -47.11
C LEU C 160 -16.20 6.42 -48.00
N HIS C 161 -16.70 5.20 -48.24
CA HIS C 161 -16.04 4.25 -49.14
C HIS C 161 -17.17 3.34 -49.69
N TYR C 162 -17.52 3.57 -50.95
CA TYR C 162 -18.55 2.76 -51.64
C TYR C 162 -18.01 1.34 -51.78
N PHE C 163 -16.70 1.21 -51.97
CA PHE C 163 -16.16 -0.11 -52.05
C PHE C 163 -15.45 -0.52 -50.75
N GLY C 164 -14.23 -1.03 -50.84
CA GLY C 164 -13.58 -1.48 -49.62
C GLY C 164 -13.30 -0.40 -48.60
N ARG C 165 -13.18 -0.82 -47.34
CA ARG C 165 -12.86 0.09 -46.26
C ARG C 165 -11.52 0.75 -46.60
N GLN C 166 -10.69 0.05 -47.37
CA GLN C 166 -9.40 0.60 -47.73
C GLN C 166 -9.44 1.30 -49.06
N GLN C 167 -10.66 1.66 -49.46
CA GLN C 167 -10.82 2.40 -50.73
C GLN C 167 -11.68 3.63 -50.54
N PRO C 168 -11.19 4.64 -49.77
CA PRO C 168 -11.94 5.88 -49.54
C PRO C 168 -12.25 6.67 -50.82
N ASP C 169 -13.51 7.06 -50.96
CA ASP C 169 -13.99 7.83 -52.11
C ASP C 169 -13.45 9.24 -52.20
N LEU C 170 -12.95 9.59 -53.40
CA LEU C 170 -12.42 10.92 -53.66
C LEU C 170 -13.54 11.96 -53.77
N ASN C 171 -13.28 13.19 -53.34
CA ASN C 171 -14.29 14.25 -53.32
C ASN C 171 -14.23 15.14 -54.53
N TRP C 172 -15.02 14.81 -55.55
CA TRP C 172 -15.05 15.57 -56.77
C TRP C 172 -15.64 16.97 -56.61
N ASP C 173 -16.29 17.20 -55.46
CA ASP C 173 -16.92 18.49 -55.15
C ASP C 173 -15.87 19.56 -54.85
N THR C 174 -14.64 19.10 -54.60
CA THR C 174 -13.49 19.95 -54.27
C THR C 174 -12.64 20.24 -55.52
N PRO C 175 -12.69 21.48 -56.01
CA PRO C 175 -11.92 21.83 -57.22
C PRO C 175 -10.43 21.48 -57.24
N LYS C 176 -9.75 21.64 -56.09
CA LYS C 176 -8.34 21.31 -56.03
C LYS C 176 -8.15 19.79 -56.24
N LEU C 177 -9.13 19.01 -55.82
CA LEU C 177 -9.04 17.56 -56.00
C LEU C 177 -9.25 17.32 -57.47
N ARG C 178 -10.25 17.96 -58.05
CA ARG C 178 -10.45 17.78 -59.48
C ARG C 178 -9.22 18.14 -60.33
N GLU C 179 -8.57 19.26 -60.02
CA GLU C 179 -7.38 19.65 -60.79
C GLU C 179 -6.25 18.65 -60.63
N GLU C 180 -6.11 18.09 -59.43
CA GLU C 180 -5.06 17.09 -59.20
C GLU C 180 -5.27 15.86 -60.09
N LEU C 181 -6.52 15.40 -60.12
CA LEU C 181 -6.83 14.25 -60.96
C LEU C 181 -6.56 14.62 -62.45
N TYR C 182 -6.91 15.84 -62.90
CA TYR C 182 -6.64 16.21 -64.31
C TYR C 182 -5.15 16.22 -64.59
N ALA C 183 -4.36 16.66 -63.63
CA ALA C 183 -2.91 16.69 -63.84
C ALA C 183 -2.38 15.23 -63.87
N MET C 184 -3.01 14.39 -63.08
CA MET C 184 -2.62 13.00 -63.06
C MET C 184 -2.93 12.38 -64.42
N LEU C 185 -4.10 12.65 -64.99
CA LEU C 185 -4.39 12.07 -66.29
C LEU C 185 -3.40 12.54 -67.39
N ARG C 186 -3.01 13.82 -67.36
CA ARG C 186 -2.07 14.32 -68.38
C ARG C 186 -0.73 13.65 -68.19
N PHE C 187 -0.42 13.27 -66.96
CA PHE C 187 0.88 12.62 -66.75
C PHE C 187 0.92 11.35 -67.64
N TRP C 188 -0.15 10.57 -67.62
CA TRP C 188 -0.16 9.36 -68.45
C TRP C 188 -0.42 9.66 -69.95
N LEU C 189 -1.27 10.63 -70.25
CA LEU C 189 -1.56 10.94 -71.64
C LEU C 189 -0.32 11.48 -72.36
N ASP C 190 0.53 12.16 -71.59
CA ASP C 190 1.78 12.72 -72.12
C ASP C 190 2.78 11.65 -72.46
N LYS C 191 2.58 10.47 -71.86
CA LYS C 191 3.47 9.34 -72.10
C LYS C 191 3.06 8.63 -73.36
N GLY C 192 1.91 9.03 -73.91
CA GLY C 192 1.43 8.41 -75.14
C GLY C 192 0.29 7.39 -75.09
N VAL C 193 -0.33 7.20 -73.93
CA VAL C 193 -1.43 6.23 -73.84
C VAL C 193 -2.56 6.56 -74.86
N SER C 194 -3.09 5.53 -75.54
CA SER C 194 -4.12 5.65 -76.56
C SER C 194 -5.58 5.60 -76.06
N GLY C 195 -5.80 5.16 -74.81
CA GLY C 195 -7.15 5.15 -74.30
C GLY C 195 -7.22 5.02 -72.80
N MET C 196 -8.34 5.43 -72.22
CA MET C 196 -8.55 5.28 -70.79
C MET C 196 -9.95 4.74 -70.56
N ARG C 197 -10.02 3.75 -69.67
CA ARG C 197 -11.27 3.12 -69.32
C ARG C 197 -11.46 3.60 -67.90
N PHE C 198 -12.57 4.29 -67.66
CA PHE C 198 -12.87 4.85 -66.33
C PHE C 198 -13.73 3.93 -65.47
N ALA C 199 -13.12 3.48 -64.37
CA ALA C 199 -13.74 2.58 -63.41
C ALA C 199 -14.89 3.28 -62.65
N THR C 200 -16.03 2.61 -62.55
CA THR C 200 -17.26 3.14 -61.90
C THR C 200 -17.40 4.66 -62.09
N VAL C 201 -17.40 5.05 -63.36
CA VAL C 201 -17.48 6.43 -63.76
C VAL C 201 -18.78 7.12 -63.38
N ALA C 202 -19.84 6.35 -63.13
CA ALA C 202 -21.13 6.93 -62.81
C ALA C 202 -21.34 7.29 -61.34
N THR C 203 -20.37 6.98 -60.49
CA THR C 203 -20.51 7.26 -59.06
C THR C 203 -19.64 8.41 -58.52
N TYR C 204 -19.06 9.22 -59.42
CA TYR C 204 -18.18 10.32 -58.98
C TYR C 204 -18.88 11.43 -58.18
N SER C 205 -20.13 11.72 -58.53
CA SER C 205 -20.86 12.77 -57.87
C SER C 205 -21.71 12.24 -56.74
N LYS C 206 -21.44 12.72 -55.53
CA LYS C 206 -22.15 12.32 -54.32
C LYS C 206 -23.38 13.17 -54.09
N THR C 207 -24.36 12.61 -53.40
CA THR C 207 -25.57 13.39 -53.16
C THR C 207 -25.34 14.36 -52.00
N PRO C 208 -25.63 15.65 -52.22
CA PRO C 208 -25.47 16.68 -51.19
C PRO C 208 -26.32 16.43 -49.95
N GLY C 209 -25.69 16.42 -48.79
CA GLY C 209 -26.42 16.21 -47.55
C GLY C 209 -26.40 14.78 -47.04
N PHE C 210 -26.00 13.86 -47.91
CA PHE C 210 -25.95 12.44 -47.58
C PHE C 210 -27.19 11.89 -46.86
N PRO C 211 -28.41 12.24 -47.35
CA PRO C 211 -29.63 11.72 -46.70
C PRO C 211 -29.64 10.20 -46.80
N ASP C 212 -30.34 9.53 -45.89
CA ASP C 212 -30.41 8.07 -45.95
C ASP C 212 -31.10 7.66 -47.23
N LEU C 213 -30.88 6.42 -47.63
CA LEU C 213 -31.54 5.92 -48.82
C LEU C 213 -32.88 5.43 -48.30
N THR C 214 -33.93 5.59 -49.10
CA THR C 214 -35.24 5.09 -48.70
C THR C 214 -35.21 3.57 -48.83
N PRO C 215 -36.18 2.87 -48.21
CA PRO C 215 -36.21 1.42 -48.30
C PRO C 215 -36.13 0.93 -49.75
N GLU C 216 -36.75 1.67 -50.67
CA GLU C 216 -36.72 1.33 -52.11
C GLU C 216 -35.28 1.39 -52.63
N GLN C 217 -34.70 2.59 -52.58
CA GLN C 217 -33.33 2.79 -53.06
C GLN C 217 -32.42 1.77 -52.40
N MET C 218 -32.73 1.42 -51.16
CA MET C 218 -31.89 0.48 -50.43
C MET C 218 -31.83 -0.88 -51.13
N LYS C 219 -32.88 -1.19 -51.88
CA LYS C 219 -33.01 -2.44 -52.63
C LYS C 219 -32.02 -2.49 -53.81
N ASN C 220 -31.73 -1.35 -54.41
CA ASN C 220 -30.80 -1.31 -55.53
C ASN C 220 -29.96 -0.09 -55.27
N PHE C 221 -29.19 -0.13 -54.18
CA PHE C 221 -28.38 1.02 -53.79
C PHE C 221 -27.35 1.40 -54.84
N ALA C 222 -26.95 0.48 -55.71
CA ALA C 222 -25.97 0.82 -56.74
C ALA C 222 -26.46 1.93 -57.67
N GLU C 223 -27.76 1.93 -57.97
CA GLU C 223 -28.37 2.94 -58.83
C GLU C 223 -28.39 4.34 -58.17
N ALA C 224 -28.71 4.37 -56.88
CA ALA C 224 -28.72 5.61 -56.13
C ALA C 224 -27.35 6.30 -56.18
N TYR C 225 -26.28 5.53 -56.05
CA TYR C 225 -24.94 6.09 -56.08
C TYR C 225 -24.57 6.67 -57.44
N THR C 226 -25.39 6.42 -58.47
CA THR C 226 -25.06 6.98 -59.80
C THR C 226 -25.91 8.20 -60.10
N GLN C 227 -26.69 8.66 -59.12
CA GLN C 227 -27.53 9.79 -59.43
C GLN C 227 -27.10 11.07 -58.74
N GLY C 228 -25.77 11.26 -58.60
CA GLY C 228 -25.22 12.46 -57.99
C GLY C 228 -25.54 13.59 -58.94
N PRO C 229 -26.03 14.74 -58.43
CA PRO C 229 -26.40 15.88 -59.26
C PRO C 229 -25.38 16.54 -60.10
N ASN C 230 -24.09 16.33 -59.80
CA ASN C 230 -23.04 16.99 -60.62
C ASN C 230 -22.20 16.11 -61.53
N LEU C 231 -22.63 14.88 -61.70
CA LEU C 231 -21.92 13.92 -62.49
C LEU C 231 -21.49 14.38 -63.88
N HIS C 232 -22.45 14.74 -64.72
CA HIS C 232 -22.12 15.12 -66.07
C HIS C 232 -21.33 16.39 -66.23
N ARG C 233 -21.53 17.29 -65.28
CA ARG C 233 -20.81 18.55 -65.23
C ARG C 233 -19.34 18.16 -64.97
N TYR C 234 -19.14 17.18 -64.08
CA TYR C 234 -17.79 16.72 -63.78
C TYR C 234 -17.12 15.99 -64.98
N LEU C 235 -17.87 15.12 -65.65
CA LEU C 235 -17.29 14.45 -66.83
C LEU C 235 -17.08 15.46 -67.97
N GLN C 236 -17.98 16.43 -68.10
CA GLN C 236 -17.81 17.43 -69.17
C GLN C 236 -16.59 18.28 -68.84
N GLU C 237 -16.39 18.58 -67.55
CA GLU C 237 -15.24 19.38 -67.22
C GLU C 237 -13.93 18.61 -67.49
N MET C 238 -13.90 17.32 -67.17
CA MET C 238 -12.72 16.49 -67.39
C MET C 238 -12.34 16.40 -68.87
N HIS C 239 -13.36 16.31 -69.72
CA HIS C 239 -13.15 16.23 -71.16
C HIS C 239 -12.60 17.56 -71.66
N GLU C 240 -13.10 18.63 -71.07
CA GLU C 240 -12.72 19.98 -71.46
C GLU C 240 -11.27 20.31 -71.03
N LYS C 241 -10.90 19.98 -69.81
CA LYS C 241 -9.56 20.32 -69.36
C LYS C 241 -8.50 19.31 -69.72
N VAL C 242 -8.93 18.13 -70.12
CA VAL C 242 -8.02 17.07 -70.45
C VAL C 242 -8.19 16.44 -71.85
N PHE C 243 -9.27 15.69 -72.07
CA PHE C 243 -9.38 14.97 -73.33
C PHE C 243 -9.43 15.76 -74.60
N ASP C 244 -9.89 16.98 -74.45
CA ASP C 244 -9.95 17.91 -75.54
C ASP C 244 -8.53 18.20 -76.10
N HIS C 245 -7.50 18.00 -75.29
CA HIS C 245 -6.13 18.30 -75.70
C HIS C 245 -5.32 17.11 -76.19
N TYR C 246 -5.95 15.93 -76.23
CA TYR C 246 -5.32 14.70 -76.67
C TYR C 246 -6.24 13.99 -77.65
N ASP C 247 -5.80 12.88 -78.22
CA ASP C 247 -6.64 12.13 -79.13
C ASP C 247 -6.67 10.66 -78.68
N ALA C 248 -6.88 10.48 -77.39
CA ALA C 248 -6.99 9.15 -76.79
C ALA C 248 -8.49 8.85 -76.69
N VAL C 249 -8.87 7.58 -76.76
CA VAL C 249 -10.25 7.19 -76.66
C VAL C 249 -10.62 7.01 -75.18
N THR C 250 -11.83 7.40 -74.82
CA THR C 250 -12.27 7.22 -73.42
C THR C 250 -13.44 6.25 -73.39
N ALA C 251 -13.41 5.31 -72.44
CA ALA C 251 -14.47 4.32 -72.32
C ALA C 251 -14.90 4.37 -70.88
N GLY C 252 -16.20 4.38 -70.63
CA GLY C 252 -16.61 4.43 -69.23
C GLY C 252 -17.35 3.21 -68.70
N GLU C 253 -16.98 2.75 -67.52
CA GLU C 253 -17.67 1.63 -66.92
C GLU C 253 -18.80 2.27 -66.18
N ILE C 254 -19.99 2.18 -66.74
CA ILE C 254 -21.17 2.79 -66.17
C ILE C 254 -21.86 1.79 -65.25
N PHE C 255 -21.24 1.53 -64.11
CA PHE C 255 -21.79 0.55 -63.17
C PHE C 255 -22.97 1.09 -62.34
N GLY C 256 -24.11 0.40 -62.36
CA GLY C 256 -25.27 0.82 -61.60
C GLY C 256 -26.27 1.75 -62.27
N ALA C 257 -25.88 2.44 -63.34
CA ALA C 257 -26.79 3.38 -63.99
C ALA C 257 -27.82 2.67 -64.82
N PRO C 258 -29.07 3.19 -64.83
CA PRO C 258 -30.15 2.59 -65.61
C PRO C 258 -29.75 2.84 -67.06
N LEU C 259 -30.10 1.91 -67.93
CA LEU C 259 -29.78 2.00 -69.32
C LEU C 259 -30.15 3.30 -69.99
N ASN C 260 -31.28 3.92 -69.60
CA ASN C 260 -31.70 5.16 -70.29
C ASN C 260 -30.84 6.41 -70.04
N GLN C 261 -29.89 6.32 -69.12
CA GLN C 261 -28.99 7.43 -68.83
C GLN C 261 -27.67 7.29 -69.59
N VAL C 262 -27.40 6.09 -70.12
CA VAL C 262 -26.16 5.84 -70.85
C VAL C 262 -25.89 6.86 -71.94
N PRO C 263 -26.95 7.29 -72.66
CA PRO C 263 -26.73 8.28 -73.72
C PRO C 263 -26.03 9.55 -73.23
N LEU C 264 -26.24 9.93 -71.96
CA LEU C 264 -25.61 11.15 -71.43
C LEU C 264 -24.07 11.02 -71.39
N PHE C 265 -23.57 9.81 -71.15
CA PHE C 265 -22.13 9.57 -71.08
C PHE C 265 -21.45 9.41 -72.45
N ILE C 266 -22.19 8.86 -73.43
CA ILE C 266 -21.55 8.57 -74.72
C ILE C 266 -22.00 9.32 -75.95
N ASP C 267 -23.03 10.17 -75.84
CA ASP C 267 -23.44 10.93 -77.04
C ASP C 267 -22.24 11.81 -77.39
N SER C 268 -21.64 11.61 -78.56
CA SER C 268 -20.45 12.39 -78.93
C SER C 268 -20.67 13.90 -78.89
N ARG C 269 -21.90 14.35 -79.11
CA ARG C 269 -22.16 15.80 -79.07
C ARG C 269 -22.05 16.43 -77.65
N ARG C 270 -22.22 15.62 -76.60
CA ARG C 270 -22.12 16.09 -75.20
C ARG C 270 -20.66 16.23 -74.74
N LYS C 271 -19.73 15.62 -75.47
CA LYS C 271 -18.32 15.72 -75.09
C LYS C 271 -18.05 15.29 -73.63
N GLU C 272 -18.30 14.01 -73.40
CA GLU C 272 -18.03 13.39 -72.10
C GLU C 272 -17.19 12.16 -72.38
N LEU C 273 -17.81 11.02 -72.71
CA LEU C 273 -17.05 9.81 -72.99
C LEU C 273 -17.29 9.28 -74.42
N ASP C 274 -16.32 8.56 -74.98
CA ASP C 274 -16.47 8.01 -76.34
C ASP C 274 -17.32 6.74 -76.46
N MET C 275 -17.15 5.83 -75.52
CA MET C 275 -17.91 4.59 -75.56
C MET C 275 -18.19 4.06 -74.18
N ALA C 276 -19.16 3.16 -74.08
CA ALA C 276 -19.53 2.66 -72.76
C ALA C 276 -19.45 1.17 -72.53
N PHE C 277 -19.09 0.81 -71.29
CA PHE C 277 -19.11 -0.58 -70.88
C PHE C 277 -20.40 -0.53 -70.01
N THR C 278 -21.44 -1.27 -70.39
CA THR C 278 -22.68 -1.34 -69.58
C THR C 278 -22.73 -2.74 -68.94
N PHE C 279 -23.60 -2.90 -67.94
CA PHE C 279 -23.71 -4.18 -67.22
C PHE C 279 -24.96 -4.99 -67.54
N ASP C 280 -25.85 -4.39 -68.31
CA ASP C 280 -27.13 -5.05 -68.59
C ASP C 280 -27.05 -6.48 -69.11
N LEU C 281 -26.18 -6.71 -70.09
CA LEU C 281 -26.07 -8.02 -70.65
C LEU C 281 -25.28 -8.94 -69.75
N ILE C 282 -24.12 -8.52 -69.27
CA ILE C 282 -23.33 -9.43 -68.47
C ILE C 282 -23.92 -9.78 -67.11
N ARG C 283 -24.83 -8.95 -66.59
CA ARG C 283 -25.47 -9.30 -65.33
C ARG C 283 -26.96 -9.54 -65.57
N TYR C 284 -27.35 -9.83 -66.82
CA TYR C 284 -28.76 -10.04 -67.18
C TYR C 284 -29.41 -11.18 -66.41
N ASP C 285 -28.57 -12.07 -65.88
CA ASP C 285 -29.08 -13.19 -65.09
C ASP C 285 -28.53 -13.16 -63.68
N ARG C 286 -28.21 -11.97 -63.20
CA ARG C 286 -27.70 -11.85 -61.83
C ARG C 286 -28.74 -11.27 -60.87
N ALA C 287 -28.89 -11.89 -59.71
CA ALA C 287 -29.80 -11.38 -58.68
C ALA C 287 -29.26 -10.05 -58.17
N LEU C 288 -30.11 -9.19 -57.58
CA LEU C 288 -29.68 -7.89 -57.05
C LEU C 288 -28.58 -7.97 -56.00
N ASP C 289 -28.47 -9.12 -55.33
CA ASP C 289 -27.43 -9.29 -54.31
C ASP C 289 -26.10 -9.61 -54.91
N ARG C 290 -26.08 -9.84 -56.23
CA ARG C 290 -24.86 -10.11 -56.98
C ARG C 290 -24.18 -11.43 -56.77
N TRP C 291 -24.80 -12.33 -56.00
CA TRP C 291 -24.19 -13.64 -55.85
C TRP C 291 -25.15 -14.76 -56.17
N HIS C 292 -26.40 -14.46 -56.50
CA HIS C 292 -27.27 -15.54 -56.92
C HIS C 292 -27.46 -15.32 -58.42
N THR C 293 -27.92 -16.36 -59.10
CA THR C 293 -28.18 -16.26 -60.51
C THR C 293 -29.68 -16.49 -60.67
N ILE C 294 -30.21 -16.08 -61.81
CA ILE C 294 -31.64 -16.22 -62.12
C ILE C 294 -31.69 -16.76 -63.53
N PRO C 295 -32.40 -17.88 -63.73
CA PRO C 295 -32.49 -18.44 -65.08
C PRO C 295 -33.05 -17.46 -66.14
N ARG C 296 -32.34 -17.37 -67.26
CA ARG C 296 -32.73 -16.55 -68.39
C ARG C 296 -32.65 -17.41 -69.67
N THR C 297 -33.10 -16.87 -70.80
CA THR C 297 -33.03 -17.63 -72.05
C THR C 297 -32.44 -16.73 -73.11
N LEU C 298 -32.26 -17.27 -74.30
CA LEU C 298 -31.70 -16.49 -75.40
C LEU C 298 -32.61 -15.30 -75.69
N ALA C 299 -33.92 -15.46 -75.44
CA ALA C 299 -34.85 -14.35 -75.66
C ALA C 299 -34.41 -13.15 -74.80
N ASP C 300 -34.07 -13.40 -73.54
CA ASP C 300 -33.60 -12.33 -72.65
C ASP C 300 -32.28 -11.72 -73.12
N PHE C 301 -31.36 -12.59 -73.51
CA PHE C 301 -30.02 -12.21 -73.95
C PHE C 301 -30.10 -11.32 -75.18
N ARG C 302 -30.92 -11.69 -76.17
CA ARG C 302 -30.98 -10.88 -77.37
C ARG C 302 -31.74 -9.60 -77.18
N GLN C 303 -32.81 -9.63 -76.38
CA GLN C 303 -33.58 -8.41 -76.18
C GLN C 303 -32.75 -7.38 -75.44
N THR C 304 -31.90 -7.88 -74.55
CA THR C 304 -31.01 -6.97 -73.82
C THR C 304 -30.01 -6.34 -74.78
N ILE C 305 -29.36 -7.15 -75.63
CA ILE C 305 -28.46 -6.60 -76.63
C ILE C 305 -29.21 -5.53 -77.48
N ASP C 306 -30.40 -5.87 -77.93
CA ASP C 306 -31.18 -4.92 -78.77
C ASP C 306 -31.40 -3.60 -78.10
N LYS C 307 -31.76 -3.60 -76.82
CA LYS C 307 -32.01 -2.35 -76.05
C LYS C 307 -30.74 -1.50 -75.86
N VAL C 308 -29.65 -2.19 -75.56
CA VAL C 308 -28.36 -1.56 -75.35
C VAL C 308 -27.94 -0.96 -76.72
N ASP C 309 -28.02 -1.71 -77.82
CA ASP C 309 -27.66 -1.15 -79.12
C ASP C 309 -28.54 0.09 -79.48
N ALA C 310 -29.83 0.03 -79.19
CA ALA C 310 -30.72 1.15 -79.48
C ALA C 310 -30.28 2.38 -78.70
N ILE C 311 -29.74 2.15 -77.51
CA ILE C 311 -29.28 3.24 -76.66
C ILE C 311 -28.13 4.07 -77.24
N ALA C 312 -27.28 3.47 -78.06
CA ALA C 312 -26.17 4.22 -78.64
C ALA C 312 -26.73 5.27 -79.60
N GLY C 313 -27.95 5.01 -80.07
CA GLY C 313 -28.58 5.94 -81.00
C GLY C 313 -27.73 6.16 -82.22
N GLU C 314 -27.60 7.42 -82.63
CA GLU C 314 -26.82 7.82 -83.78
C GLU C 314 -25.47 8.45 -83.41
N TYR C 315 -25.38 9.06 -82.22
CA TYR C 315 -24.11 9.70 -81.84
C TYR C 315 -23.33 8.98 -80.74
N GLY C 316 -23.87 7.88 -80.23
CA GLY C 316 -23.19 7.17 -79.16
C GLY C 316 -22.49 5.93 -79.70
N TRP C 317 -21.68 5.29 -78.86
CA TRP C 317 -20.98 4.08 -79.31
C TRP C 317 -20.84 3.13 -78.12
N ASN C 318 -21.09 1.84 -78.35
CA ASN C 318 -20.98 0.86 -77.26
C ASN C 318 -19.77 0.01 -77.49
N THR C 319 -19.30 -0.57 -76.38
CA THR C 319 -18.24 -1.59 -76.39
C THR C 319 -19.11 -2.85 -76.35
N PHE C 320 -18.56 -4.01 -76.67
CA PHE C 320 -19.34 -5.25 -76.52
C PHE C 320 -18.41 -6.28 -75.93
N PHE C 321 -18.87 -7.02 -74.92
CA PHE C 321 -18.03 -8.05 -74.29
C PHE C 321 -18.90 -9.11 -73.63
N LEU C 322 -18.39 -10.34 -73.52
CA LEU C 322 -19.09 -11.44 -72.86
C LEU C 322 -18.33 -11.82 -71.59
N GLY C 323 -17.19 -11.17 -71.41
CA GLY C 323 -16.43 -11.46 -70.22
C GLY C 323 -15.46 -10.38 -69.81
N ASN C 324 -15.15 -10.34 -68.51
CA ASN C 324 -14.13 -9.47 -67.96
C ASN C 324 -13.67 -10.01 -66.63
N HIS C 325 -12.81 -9.25 -65.96
CA HIS C 325 -12.20 -9.68 -64.69
C HIS C 325 -13.14 -9.61 -63.49
N ASP C 326 -14.39 -9.18 -63.73
CA ASP C 326 -15.41 -9.01 -62.68
C ASP C 326 -16.62 -9.96 -62.87
N ASN C 327 -16.49 -11.01 -63.68
CA ASN C 327 -17.65 -11.86 -63.96
C ASN C 327 -17.25 -13.26 -64.31
N PRO C 328 -18.19 -14.22 -64.25
CA PRO C 328 -17.88 -15.62 -64.59
C PRO C 328 -17.40 -15.70 -66.04
N ARG C 329 -16.71 -16.79 -66.38
CA ARG C 329 -16.19 -16.98 -67.74
C ARG C 329 -17.30 -17.08 -68.79
N ALA C 330 -17.08 -16.42 -69.93
CA ALA C 330 -18.07 -16.40 -71.01
C ALA C 330 -18.67 -17.76 -71.36
N VAL C 331 -17.83 -18.77 -71.64
CA VAL C 331 -18.38 -20.05 -72.02
C VAL C 331 -19.20 -20.72 -70.88
N SER C 332 -18.80 -20.55 -69.64
CA SER C 332 -19.56 -21.18 -68.56
C SER C 332 -20.87 -20.44 -68.37
N HIS C 333 -20.79 -19.12 -68.46
CA HIS C 333 -21.93 -18.26 -68.24
C HIS C 333 -23.00 -18.27 -69.34
N PHE C 334 -22.58 -18.05 -70.56
CA PHE C 334 -23.48 -17.97 -71.69
C PHE C 334 -23.48 -19.20 -72.54
N GLY C 335 -22.49 -20.06 -72.39
CA GLY C 335 -22.45 -21.23 -73.25
C GLY C 335 -22.77 -22.49 -72.48
N ASP C 336 -22.09 -23.56 -72.85
CA ASP C 336 -22.28 -24.83 -72.16
C ASP C 336 -20.85 -25.31 -71.95
N ASP C 337 -20.35 -25.26 -70.72
CA ASP C 337 -18.97 -25.65 -70.50
C ASP C 337 -18.70 -27.13 -70.26
N ARG C 338 -19.71 -27.99 -70.46
CA ARG C 338 -19.51 -29.43 -70.31
C ARG C 338 -18.51 -29.78 -71.40
N PRO C 339 -17.59 -30.73 -71.13
CA PRO C 339 -16.56 -31.16 -72.08
C PRO C 339 -16.96 -31.40 -73.54
N GLN C 340 -18.12 -31.98 -73.77
CA GLN C 340 -18.54 -32.26 -75.14
C GLN C 340 -19.14 -31.07 -75.90
N TRP C 341 -19.43 -29.97 -75.19
CA TRP C 341 -20.05 -28.78 -75.81
C TRP C 341 -19.19 -27.54 -75.69
N ARG C 342 -18.18 -27.59 -74.82
CA ARG C 342 -17.37 -26.41 -74.54
C ARG C 342 -16.82 -25.69 -75.74
N GLU C 343 -16.16 -26.44 -76.62
CA GLU C 343 -15.57 -25.82 -77.80
C GLU C 343 -16.57 -25.29 -78.81
N ALA C 344 -17.64 -26.04 -79.04
CA ALA C 344 -18.66 -25.61 -79.98
C ALA C 344 -19.36 -24.35 -79.50
N SER C 345 -19.72 -24.32 -78.22
CA SER C 345 -20.39 -23.13 -77.67
C SER C 345 -19.42 -21.93 -77.54
N ALA C 346 -18.15 -22.18 -77.21
CA ALA C 346 -17.19 -21.10 -77.12
C ALA C 346 -17.04 -20.50 -78.52
N LYS C 347 -17.06 -21.32 -79.58
CA LYS C 347 -16.96 -20.76 -80.93
C LYS C 347 -18.25 -19.95 -81.28
N ALA C 348 -19.40 -20.47 -80.86
CA ALA C 348 -20.65 -19.80 -81.14
C ALA C 348 -20.57 -18.40 -80.48
N LEU C 349 -20.11 -18.32 -79.24
CA LEU C 349 -20.02 -17.04 -78.55
C LEU C 349 -18.97 -16.13 -79.22
N ALA C 350 -17.94 -16.68 -79.82
CA ALA C 350 -16.96 -15.83 -80.49
C ALA C 350 -17.67 -15.17 -81.69
N THR C 351 -18.45 -15.96 -82.41
CA THR C 351 -19.15 -15.45 -83.59
C THR C 351 -19.98 -14.22 -83.23
N VAL C 352 -20.76 -14.34 -82.14
CA VAL C 352 -21.55 -13.23 -81.65
C VAL C 352 -20.65 -12.04 -81.32
N THR C 353 -19.65 -12.27 -80.48
CA THR C 353 -18.73 -11.22 -80.04
C THR C 353 -18.15 -10.41 -81.18
N LEU C 354 -17.68 -11.09 -82.21
CA LEU C 354 -17.04 -10.40 -83.30
C LEU C 354 -17.92 -9.89 -84.41
N THR C 355 -19.23 -10.08 -84.27
CA THR C 355 -20.14 -9.55 -85.26
C THR C 355 -21.11 -8.56 -84.63
N GLN C 356 -20.86 -8.16 -83.39
CA GLN C 356 -21.77 -7.21 -82.74
C GLN C 356 -21.47 -5.78 -83.15
N ARG C 357 -22.47 -4.90 -83.10
CA ARG C 357 -22.27 -3.48 -83.41
C ARG C 357 -21.67 -2.90 -82.15
N GLY C 358 -20.48 -2.36 -82.27
CA GLY C 358 -19.76 -1.81 -81.12
C GLY C 358 -18.30 -2.20 -81.22
N THR C 359 -17.53 -1.92 -80.19
CA THR C 359 -16.12 -2.23 -80.20
C THR C 359 -15.99 -3.48 -79.34
N PRO C 360 -15.62 -4.61 -79.95
CA PRO C 360 -15.53 -5.79 -79.09
C PRO C 360 -14.28 -5.86 -78.21
N PHE C 361 -14.44 -6.42 -77.02
CA PHE C 361 -13.33 -6.62 -76.12
C PHE C 361 -13.32 -8.13 -75.80
N ILE C 362 -12.19 -8.78 -76.06
CA ILE C 362 -12.03 -10.20 -75.78
C ILE C 362 -11.26 -10.25 -74.45
N PHE C 363 -11.83 -10.91 -73.43
CA PHE C 363 -11.14 -11.00 -72.14
C PHE C 363 -10.15 -12.17 -72.23
N GLN C 364 -8.96 -11.96 -71.71
CA GLN C 364 -7.94 -12.98 -71.80
C GLN C 364 -8.35 -14.43 -71.46
N GLY C 365 -8.07 -15.37 -72.37
CA GLY C 365 -8.40 -16.76 -72.11
C GLY C 365 -9.70 -17.22 -72.75
N ASP C 366 -10.58 -16.27 -73.08
CA ASP C 366 -11.80 -16.68 -73.75
C ASP C 366 -11.49 -17.12 -75.17
N GLU C 367 -10.39 -16.65 -75.74
CA GLU C 367 -10.08 -17.09 -77.10
C GLU C 367 -9.56 -18.54 -77.02
N LEU C 368 -9.43 -19.07 -75.80
CA LEU C 368 -9.02 -20.47 -75.64
C LEU C 368 -10.22 -21.33 -75.19
N GLY C 369 -11.24 -20.68 -74.67
CA GLY C 369 -12.39 -21.44 -74.19
C GLY C 369 -12.18 -21.78 -72.73
N MET C 370 -11.43 -20.94 -71.99
CA MET C 370 -11.21 -21.21 -70.58
C MET C 370 -12.58 -21.17 -69.87
N THR C 371 -12.69 -21.91 -68.78
CA THR C 371 -13.98 -22.02 -68.06
C THR C 371 -13.92 -21.52 -66.62
N ASN C 372 -15.08 -21.57 -65.96
CA ASN C 372 -15.18 -21.23 -64.53
C ASN C 372 -14.26 -22.23 -63.82
N TYR C 373 -13.84 -21.89 -62.61
CA TYR C 373 -12.93 -22.71 -61.85
C TYR C 373 -13.71 -23.54 -60.82
N PRO C 374 -13.33 -24.83 -60.61
CA PRO C 374 -14.00 -25.72 -59.64
C PRO C 374 -13.63 -25.42 -58.16
N PHE C 375 -14.19 -24.35 -57.61
CA PHE C 375 -13.95 -23.97 -56.21
C PHE C 375 -14.55 -25.06 -55.30
N LYS C 376 -13.89 -25.36 -54.18
CA LYS C 376 -14.37 -26.39 -53.25
C LYS C 376 -14.71 -25.86 -51.87
N THR C 377 -14.08 -24.75 -51.48
CA THR C 377 -14.33 -24.14 -50.18
C THR C 377 -14.24 -22.63 -50.39
N LEU C 378 -14.70 -21.90 -49.40
CA LEU C 378 -14.67 -20.45 -49.45
C LEU C 378 -13.26 -19.93 -49.36
N GLN C 379 -12.36 -20.77 -48.85
CA GLN C 379 -10.94 -20.40 -48.75
C GLN C 379 -10.28 -20.39 -50.14
N ASP C 380 -10.95 -20.97 -51.14
CA ASP C 380 -10.39 -21.01 -52.50
C ASP C 380 -10.59 -19.69 -53.22
N PHE C 381 -11.39 -18.79 -52.67
CA PHE C 381 -11.59 -17.48 -53.30
C PHE C 381 -10.63 -16.51 -52.67
N ASP C 382 -10.07 -15.63 -53.50
CA ASP C 382 -9.18 -14.60 -53.00
C ASP C 382 -9.93 -13.28 -52.87
N ASP C 383 -10.92 -13.11 -53.74
CA ASP C 383 -11.68 -11.87 -53.89
C ASP C 383 -12.25 -11.27 -52.64
N ILE C 384 -12.00 -10.00 -52.44
CA ILE C 384 -12.51 -9.27 -51.30
C ILE C 384 -14.05 -9.22 -51.37
N GLU C 385 -14.60 -9.26 -52.58
CA GLU C 385 -16.05 -9.23 -52.71
C GLU C 385 -16.69 -10.46 -52.04
N VAL C 386 -16.05 -11.61 -52.14
CA VAL C 386 -16.61 -12.81 -51.51
C VAL C 386 -16.55 -12.67 -49.96
N LYS C 387 -15.47 -12.07 -49.45
CA LYS C 387 -15.38 -11.83 -48.01
C LYS C 387 -16.53 -10.91 -47.59
N GLY C 388 -16.86 -9.95 -48.43
CA GLY C 388 -17.96 -9.04 -48.17
C GLY C 388 -19.31 -9.78 -48.08
N PHE C 389 -19.57 -10.72 -48.98
CA PHE C 389 -20.84 -11.49 -48.94
C PHE C 389 -20.89 -12.32 -47.64
N PHE C 390 -19.74 -12.86 -47.25
CA PHE C 390 -19.71 -13.66 -46.02
C PHE C 390 -20.11 -12.72 -44.85
N GLN C 391 -19.58 -11.50 -44.86
CA GLN C 391 -19.90 -10.56 -43.79
C GLN C 391 -21.39 -10.17 -43.79
N ASP C 392 -21.94 -9.87 -44.98
CA ASP C 392 -23.32 -9.42 -45.00
C ASP C 392 -24.37 -10.49 -44.96
N TYR C 393 -24.02 -11.70 -45.40
CA TYR C 393 -25.01 -12.77 -45.47
C TYR C 393 -24.79 -14.00 -44.58
N VAL C 394 -23.56 -14.36 -44.29
CA VAL C 394 -23.28 -15.52 -43.44
C VAL C 394 -23.20 -15.14 -41.95
N GLU C 395 -22.43 -14.11 -41.63
CA GLU C 395 -22.35 -13.67 -40.24
C GLU C 395 -23.68 -13.12 -39.69
N THR C 396 -24.55 -12.62 -40.58
CA THR C 396 -25.84 -12.11 -40.16
C THR C 396 -26.90 -13.20 -40.10
N GLY C 397 -26.54 -14.44 -40.42
CA GLY C 397 -27.55 -15.52 -40.38
C GLY C 397 -28.48 -15.67 -41.58
N LYS C 398 -28.28 -14.89 -42.63
CA LYS C 398 -29.18 -14.97 -43.80
C LYS C 398 -28.94 -16.16 -44.71
N ALA C 399 -27.74 -16.70 -44.63
CA ALA C 399 -27.35 -17.83 -45.48
C ALA C 399 -26.23 -18.56 -44.78
N THR C 400 -26.07 -19.83 -45.11
CA THR C 400 -25.01 -20.66 -44.54
C THR C 400 -23.79 -20.50 -45.43
N ALA C 401 -22.64 -20.91 -44.91
CA ALA C 401 -21.43 -20.82 -45.68
C ALA C 401 -21.57 -21.73 -46.91
N GLU C 402 -22.27 -22.85 -46.76
CA GLU C 402 -22.45 -23.76 -47.88
C GLU C 402 -23.30 -23.11 -48.98
N GLU C 403 -24.37 -22.42 -48.60
CA GLU C 403 -25.20 -21.75 -49.60
C GLU C 403 -24.41 -20.67 -50.33
N LEU C 404 -23.57 -19.95 -49.60
CA LEU C 404 -22.76 -18.92 -50.24
C LEU C 404 -21.83 -19.56 -51.27
N LEU C 405 -21.09 -20.60 -50.86
CA LEU C 405 -20.18 -21.29 -51.75
C LEU C 405 -20.88 -21.77 -53.01
N THR C 406 -22.01 -22.45 -52.82
CA THR C 406 -22.77 -22.98 -53.93
C THR C 406 -23.12 -21.95 -55.00
N ASN C 407 -23.59 -20.79 -54.54
CA ASN C 407 -24.02 -19.73 -55.43
C ASN C 407 -22.86 -18.85 -55.89
N VAL C 408 -21.96 -18.44 -55.00
CA VAL C 408 -20.87 -17.61 -55.47
C VAL C 408 -19.89 -18.37 -56.40
N ALA C 409 -19.86 -19.70 -56.30
CA ALA C 409 -19.01 -20.46 -57.19
C ALA C 409 -19.39 -20.12 -58.64
N LEU C 410 -20.66 -19.79 -58.91
CA LEU C 410 -21.08 -19.50 -60.28
C LEU C 410 -21.04 -18.03 -60.67
N THR C 411 -20.86 -17.13 -59.72
CA THR C 411 -20.87 -15.71 -60.06
C THR C 411 -19.54 -15.01 -59.79
N SER C 412 -18.74 -15.57 -58.90
CA SER C 412 -17.49 -14.93 -58.49
C SER C 412 -16.55 -14.38 -59.55
N ARG C 413 -16.05 -13.17 -59.28
CA ARG C 413 -15.07 -12.54 -60.14
C ARG C 413 -13.80 -13.42 -60.22
N ASP C 414 -13.51 -14.23 -59.20
CA ASP C 414 -12.32 -15.08 -59.29
C ASP C 414 -12.34 -16.11 -60.42
N ASN C 415 -13.53 -16.43 -60.94
CA ASN C 415 -13.62 -17.40 -62.03
C ASN C 415 -12.84 -16.88 -63.23
N ALA C 416 -12.74 -15.56 -63.35
CA ALA C 416 -12.06 -14.92 -64.49
C ALA C 416 -10.63 -14.60 -64.16
N ARG C 417 -10.25 -14.83 -62.92
CA ARG C 417 -8.90 -14.45 -62.51
C ARG C 417 -7.88 -15.56 -62.36
N THR C 418 -8.27 -16.80 -62.65
CA THR C 418 -7.29 -17.88 -62.58
C THR C 418 -6.28 -17.64 -63.71
N PRO C 419 -5.01 -18.00 -63.48
CA PRO C 419 -3.98 -17.78 -64.51
C PRO C 419 -4.22 -18.27 -65.91
N PHE C 420 -3.82 -17.44 -66.88
CA PHE C 420 -3.95 -17.77 -68.30
C PHE C 420 -3.22 -19.08 -68.58
N GLN C 421 -3.87 -19.93 -69.36
CA GLN C 421 -3.33 -21.25 -69.66
C GLN C 421 -2.55 -21.30 -70.96
N TRP C 422 -1.22 -21.10 -70.80
CA TRP C 422 -0.28 -21.03 -71.93
C TRP C 422 0.08 -22.36 -72.55
N ASP C 423 0.28 -23.39 -71.73
CA ASP C 423 0.65 -24.71 -72.25
C ASP C 423 0.39 -25.73 -71.15
N ASP C 424 0.90 -26.95 -71.27
CA ASP C 424 0.61 -27.90 -70.20
C ASP C 424 1.73 -28.22 -69.22
N SER C 425 2.72 -27.33 -69.14
CA SER C 425 3.82 -27.49 -68.19
C SER C 425 3.25 -27.11 -66.83
N ALA C 426 4.07 -27.12 -65.78
CA ALA C 426 3.58 -26.79 -64.45
C ALA C 426 2.83 -25.47 -64.46
N ASN C 427 1.67 -25.47 -63.82
CA ASN C 427 0.82 -24.28 -63.72
C ASN C 427 0.62 -23.62 -65.08
N ALA C 428 0.45 -24.49 -66.08
CA ALA C 428 0.16 -24.09 -67.45
C ALA C 428 1.10 -23.07 -68.06
N GLY C 429 2.36 -23.07 -67.65
CA GLY C 429 3.32 -22.10 -68.18
C GLY C 429 3.11 -20.66 -67.73
N PHE C 430 2.19 -20.43 -66.78
CA PHE C 430 1.96 -19.07 -66.29
C PHE C 430 3.10 -18.57 -65.39
N THR C 431 3.58 -19.44 -64.51
CA THR C 431 4.63 -19.07 -63.56
C THR C 431 5.51 -20.28 -63.32
N THR C 432 6.71 -20.07 -62.75
CA THR C 432 7.60 -21.19 -62.43
C THR C 432 7.53 -21.39 -60.91
N GLY C 433 6.73 -20.56 -60.25
CA GLY C 433 6.56 -20.69 -58.81
C GLY C 433 5.15 -21.19 -58.48
N LYS C 434 4.57 -20.61 -57.45
CA LYS C 434 3.23 -20.99 -57.04
C LYS C 434 2.32 -19.81 -57.41
N PRO C 435 1.35 -20.05 -58.32
CA PRO C 435 0.42 -19.01 -58.76
C PRO C 435 -0.34 -18.39 -57.59
N TRP C 436 -0.59 -17.09 -57.66
CA TRP C 436 -1.27 -16.40 -56.59
C TRP C 436 -2.71 -16.93 -56.40
N LEU C 437 -3.28 -17.49 -57.47
CA LEU C 437 -4.61 -18.07 -57.43
C LEU C 437 -4.41 -19.35 -58.22
N LYS C 438 -4.95 -20.47 -57.75
CA LYS C 438 -4.74 -21.76 -58.42
C LYS C 438 -5.19 -21.88 -59.87
N VAL C 439 -4.37 -22.57 -60.67
CA VAL C 439 -4.67 -22.79 -62.08
C VAL C 439 -5.74 -23.87 -62.20
N ASN C 440 -6.66 -23.67 -63.14
CA ASN C 440 -7.75 -24.62 -63.38
C ASN C 440 -7.11 -25.90 -63.87
N PRO C 441 -7.45 -27.04 -63.24
CA PRO C 441 -6.88 -28.30 -63.67
C PRO C 441 -7.18 -28.65 -65.16
N ASN C 442 -8.16 -28.02 -65.79
CA ASN C 442 -8.44 -28.35 -67.19
C ASN C 442 -7.42 -27.73 -68.17
N TYR C 443 -6.32 -27.18 -67.63
CA TYR C 443 -5.26 -26.59 -68.45
C TYR C 443 -4.56 -27.68 -69.24
N THR C 444 -4.65 -28.92 -68.78
CA THR C 444 -4.01 -29.99 -69.53
C THR C 444 -4.71 -30.18 -70.88
N GLU C 445 -5.96 -29.75 -70.99
CA GLU C 445 -6.74 -29.85 -72.22
C GLU C 445 -6.87 -28.49 -72.94
N ILE C 446 -7.06 -27.44 -72.14
CA ILE C 446 -7.23 -26.10 -72.66
C ILE C 446 -5.99 -25.26 -72.44
N ASN C 447 -5.16 -25.09 -73.47
CA ASN C 447 -3.99 -24.24 -73.35
C ASN C 447 -3.63 -23.68 -74.73
N ALA C 448 -2.93 -22.54 -74.73
CA ALA C 448 -2.57 -21.85 -75.97
C ALA C 448 -1.68 -22.70 -76.89
N ALA C 449 -0.66 -23.32 -76.34
CA ALA C 449 0.22 -24.15 -77.16
C ALA C 449 -0.55 -25.24 -77.92
N ARG C 450 -1.53 -25.89 -77.29
CA ARG C 450 -2.28 -26.93 -77.99
C ARG C 450 -3.24 -26.34 -79.01
N GLU C 451 -3.73 -25.13 -78.77
CA GLU C 451 -4.66 -24.57 -79.74
C GLU C 451 -4.01 -23.80 -80.89
N ILE C 452 -2.83 -23.24 -80.71
CA ILE C 452 -2.26 -22.42 -81.78
C ILE C 452 -2.01 -23.04 -83.16
N GLY C 453 -1.48 -24.25 -83.19
CA GLY C 453 -1.22 -24.88 -84.47
C GLY C 453 -2.34 -25.76 -84.99
N ASP C 454 -3.47 -25.76 -84.29
CA ASP C 454 -4.64 -26.56 -84.64
C ASP C 454 -5.70 -25.69 -85.31
N PRO C 455 -5.89 -25.87 -86.62
CA PRO C 455 -6.88 -25.09 -87.40
C PRO C 455 -8.31 -25.20 -86.88
N LYS C 456 -8.60 -26.27 -86.16
CA LYS C 456 -9.97 -26.49 -85.63
C LYS C 456 -10.23 -25.97 -84.20
N SER C 457 -9.23 -25.35 -83.58
CA SER C 457 -9.37 -24.88 -82.19
C SER C 457 -10.21 -23.63 -82.01
N VAL C 458 -10.58 -23.37 -80.77
CA VAL C 458 -11.33 -22.18 -80.43
C VAL C 458 -10.45 -20.97 -80.80
N TYR C 459 -9.16 -21.06 -80.50
CA TYR C 459 -8.26 -19.97 -80.84
C TYR C 459 -8.25 -19.64 -82.34
N SER C 460 -8.18 -20.67 -83.17
CA SER C 460 -8.07 -20.45 -84.61
C SER C 460 -9.37 -19.87 -85.09
N PHE C 461 -10.48 -20.29 -84.48
CA PHE C 461 -11.78 -19.74 -84.90
C PHE C 461 -11.82 -18.25 -84.58
N TYR C 462 -11.37 -17.86 -83.36
CA TYR C 462 -11.35 -16.44 -82.96
C TYR C 462 -10.45 -15.65 -83.92
N ARG C 463 -9.28 -16.22 -84.24
CA ARG C 463 -8.37 -15.54 -85.16
C ARG C 463 -8.99 -15.35 -86.55
N ASN C 464 -9.68 -16.37 -87.05
CA ASN C 464 -10.31 -16.28 -88.36
C ASN C 464 -11.45 -15.27 -88.31
N LEU C 465 -12.13 -15.18 -87.17
CA LEU C 465 -13.22 -14.24 -87.04
C LEU C 465 -12.71 -12.81 -87.01
N ILE C 466 -11.63 -12.58 -86.27
CA ILE C 466 -11.07 -11.22 -86.15
C ILE C 466 -10.65 -10.73 -87.58
N SER C 467 -10.11 -11.63 -88.40
CA SER C 467 -9.72 -11.29 -89.77
C SER C 467 -10.94 -10.83 -90.59
N ILE C 468 -12.00 -11.62 -90.50
CA ILE C 468 -13.20 -11.34 -91.25
C ILE C 468 -13.80 -9.99 -90.82
N ARG C 469 -13.85 -9.75 -89.51
CA ARG C 469 -14.42 -8.48 -89.05
C ARG C 469 -13.56 -7.34 -89.62
N HIS C 470 -12.25 -7.47 -89.50
CA HIS C 470 -11.35 -6.46 -90.00
C HIS C 470 -11.58 -6.22 -91.52
N GLU C 471 -11.79 -7.28 -92.28
CA GLU C 471 -12.01 -7.15 -93.72
C GLU C 471 -13.44 -6.81 -94.13
N THR C 472 -14.36 -6.72 -93.16
CA THR C 472 -15.78 -6.46 -93.45
C THR C 472 -16.35 -5.25 -92.69
N PRO C 473 -16.28 -4.06 -93.29
CA PRO C 473 -16.79 -2.83 -92.66
C PRO C 473 -18.19 -2.97 -92.04
N ALA C 474 -19.10 -3.64 -92.72
CA ALA C 474 -20.42 -3.78 -92.13
C ALA C 474 -20.42 -4.50 -90.75
N LEU C 475 -19.43 -5.36 -90.52
CA LEU C 475 -19.40 -6.09 -89.25
C LEU C 475 -18.89 -5.28 -88.06
N SER C 476 -18.49 -4.03 -88.31
CA SER C 476 -18.06 -3.21 -87.18
C SER C 476 -19.00 -2.04 -87.02
N THR C 477 -19.11 -1.24 -88.06
CA THR C 477 -19.91 -0.04 -88.05
C THR C 477 -21.26 -0.10 -88.76
N GLY C 478 -21.64 -1.28 -89.24
CA GLY C 478 -22.92 -1.42 -89.94
C GLY C 478 -24.09 -1.34 -88.99
N SER C 479 -25.29 -1.13 -89.54
CA SER C 479 -26.48 -1.10 -88.70
C SER C 479 -26.65 -2.51 -88.13
N TYR C 480 -27.54 -2.67 -87.16
CA TYR C 480 -27.80 -3.98 -86.57
C TYR C 480 -29.31 -4.14 -86.44
N ARG C 481 -29.80 -5.32 -86.79
CA ARG C 481 -31.21 -5.62 -86.68
C ARG C 481 -31.39 -7.09 -86.27
N ASP C 482 -32.11 -7.27 -85.16
CA ASP C 482 -32.43 -8.59 -84.61
C ASP C 482 -33.62 -9.12 -85.43
N ILE C 483 -33.44 -10.26 -86.07
CA ILE C 483 -34.48 -10.82 -86.92
C ILE C 483 -35.70 -11.27 -86.16
N ASP C 484 -35.52 -11.65 -84.91
CA ASP C 484 -36.64 -12.10 -84.11
C ASP C 484 -36.34 -12.14 -82.60
N PRO C 485 -36.58 -11.02 -81.89
CA PRO C 485 -36.36 -10.86 -80.45
C PRO C 485 -36.95 -11.92 -79.51
N SER C 486 -38.04 -12.57 -79.94
CA SER C 486 -38.71 -13.56 -79.10
C SER C 486 -38.23 -15.01 -79.27
N ASN C 487 -37.44 -15.26 -80.29
CA ASN C 487 -36.93 -16.62 -80.55
C ASN C 487 -35.85 -16.96 -79.50
N ALA C 488 -36.11 -18.01 -78.73
CA ALA C 488 -35.20 -18.41 -77.66
C ALA C 488 -34.29 -19.56 -78.02
N ASP C 489 -34.25 -19.92 -79.30
CA ASP C 489 -33.41 -21.04 -79.75
C ASP C 489 -32.25 -20.63 -80.66
N VAL C 490 -32.54 -19.77 -81.62
CA VAL C 490 -31.53 -19.41 -82.62
C VAL C 490 -31.41 -17.94 -82.75
N TYR C 491 -30.23 -17.42 -82.43
CA TYR C 491 -29.97 -15.98 -82.52
C TYR C 491 -29.60 -15.61 -83.97
N ALA C 492 -30.38 -14.72 -84.58
CA ALA C 492 -30.09 -14.35 -85.94
C ALA C 492 -30.31 -12.88 -86.08
N TYR C 493 -29.40 -12.21 -86.79
CA TYR C 493 -29.46 -10.79 -87.02
C TYR C 493 -28.68 -10.41 -88.26
N THR C 494 -28.88 -9.18 -88.70
CA THR C 494 -28.17 -8.67 -89.87
C THR C 494 -27.32 -7.47 -89.49
N ARG C 495 -26.26 -7.26 -90.28
CA ARG C 495 -25.36 -6.12 -90.14
C ARG C 495 -25.29 -5.59 -91.57
N SER C 496 -25.58 -4.30 -91.77
CA SER C 496 -25.55 -3.77 -93.14
C SER C 496 -24.83 -2.44 -93.26
N GLN C 497 -24.17 -2.23 -94.40
CA GLN C 497 -23.49 -0.98 -94.63
C GLN C 497 -23.27 -0.79 -96.11
N ASP C 498 -23.46 0.43 -96.59
CA ASP C 498 -23.24 0.73 -98.00
C ASP C 498 -23.86 -0.32 -98.94
N GLY C 499 -25.07 -0.75 -98.61
CA GLY C 499 -25.74 -1.72 -99.46
C GLY C 499 -25.28 -3.17 -99.41
N GLU C 500 -24.36 -3.51 -98.51
CA GLU C 500 -23.88 -4.88 -98.33
C GLU C 500 -24.53 -5.33 -97.02
N THR C 501 -25.17 -6.48 -97.01
CA THR C 501 -25.83 -6.97 -95.79
C THR C 501 -25.28 -8.34 -95.44
N TYR C 502 -25.05 -8.59 -94.15
CA TYR C 502 -24.52 -9.87 -93.70
C TYR C 502 -25.53 -10.40 -92.68
N LEU C 503 -25.65 -11.72 -92.63
CA LEU C 503 -26.56 -12.40 -91.72
C LEU C 503 -25.73 -13.26 -90.76
N VAL C 504 -26.09 -13.25 -89.48
CA VAL C 504 -25.37 -14.05 -88.49
C VAL C 504 -26.43 -14.97 -87.93
N VAL C 505 -26.11 -16.25 -87.83
CA VAL C 505 -27.06 -17.22 -87.31
C VAL C 505 -26.32 -18.06 -86.31
N VAL C 506 -26.80 -18.08 -85.06
CA VAL C 506 -26.16 -18.84 -84.00
C VAL C 506 -27.16 -19.69 -83.21
N ASN C 507 -27.02 -21.00 -83.29
CA ASN C 507 -27.90 -21.91 -82.57
C ASN C 507 -27.40 -21.98 -81.12
N PHE C 508 -28.26 -21.56 -80.18
CA PHE C 508 -27.89 -21.59 -78.77
C PHE C 508 -28.34 -22.88 -78.05
N LYS C 509 -28.78 -23.89 -78.80
CA LYS C 509 -29.24 -25.16 -78.23
C LYS C 509 -28.28 -26.29 -78.66
N ALA C 510 -28.12 -27.30 -77.79
CA ALA C 510 -27.25 -28.43 -78.14
C ALA C 510 -28.15 -29.49 -78.77
N GLU C 511 -28.98 -29.06 -79.73
CA GLU C 511 -29.93 -29.92 -80.44
C GLU C 511 -30.08 -29.29 -81.81
N PRO C 512 -30.38 -30.10 -82.84
CA PRO C 512 -30.52 -29.44 -84.14
C PRO C 512 -31.70 -28.46 -84.18
N ARG C 513 -31.55 -27.43 -85.00
CA ARG C 513 -32.61 -26.45 -85.17
C ARG C 513 -32.56 -26.01 -86.63
N SER C 514 -33.66 -25.45 -87.12
CA SER C 514 -33.64 -24.99 -88.51
C SER C 514 -33.90 -23.49 -88.47
N PHE C 515 -33.49 -22.77 -89.51
CA PHE C 515 -33.69 -21.32 -89.53
C PHE C 515 -34.20 -20.86 -90.87
N THR C 516 -35.32 -20.14 -90.88
CA THR C 516 -35.87 -19.66 -92.14
C THR C 516 -35.49 -18.21 -92.32
N LEU C 517 -34.76 -17.89 -93.39
CA LEU C 517 -34.34 -16.51 -93.61
C LEU C 517 -35.54 -15.63 -93.83
N PRO C 518 -35.38 -14.31 -93.61
CA PRO C 518 -36.49 -13.37 -93.81
C PRO C 518 -36.97 -13.45 -95.25
N ASP C 519 -38.24 -13.14 -95.47
CA ASP C 519 -38.81 -13.20 -96.81
C ASP C 519 -38.03 -12.36 -97.80
N GLY C 520 -37.63 -12.96 -98.91
CA GLY C 520 -36.89 -12.23 -99.93
C GLY C 520 -35.39 -12.29 -99.78
N MET C 521 -34.95 -12.65 -98.59
CA MET C 521 -33.52 -12.74 -98.31
C MET C 521 -33.00 -14.12 -98.67
N HIS C 522 -31.84 -14.15 -99.31
CA HIS C 522 -31.23 -15.40 -99.72
C HIS C 522 -29.73 -15.39 -99.49
N ILE C 523 -29.20 -16.56 -99.12
CA ILE C 523 -27.76 -16.69 -98.89
C ILE C 523 -27.04 -16.46 -100.20
N ALA C 524 -25.95 -15.71 -100.15
CA ALA C 524 -25.18 -15.47 -101.34
C ALA C 524 -23.81 -16.11 -101.17
N GLU C 525 -23.28 -16.04 -99.96
CA GLU C 525 -21.96 -16.59 -99.68
C GLU C 525 -21.82 -16.87 -98.22
N THR C 526 -21.04 -17.90 -97.89
CA THR C 526 -20.82 -18.25 -96.50
C THR C 526 -19.41 -17.83 -96.19
N LEU C 527 -19.25 -16.90 -95.24
CA LEU C 527 -17.92 -16.43 -94.85
C LEU C 527 -17.20 -17.40 -93.91
N ILE C 528 -17.95 -18.03 -93.01
CA ILE C 528 -17.34 -18.95 -92.05
C ILE C 528 -18.46 -19.55 -91.22
N GLU C 529 -18.23 -20.74 -90.68
CA GLU C 529 -19.22 -21.43 -89.85
C GLU C 529 -18.43 -22.26 -88.85
N SER C 530 -19.08 -22.55 -87.73
CA SER C 530 -18.52 -23.41 -86.68
C SER C 530 -19.52 -24.53 -86.48
N SER C 531 -18.98 -25.72 -86.20
CA SER C 531 -19.74 -26.94 -85.98
C SER C 531 -20.72 -27.30 -87.11
N SER C 532 -20.39 -26.92 -88.34
CA SER C 532 -21.23 -27.22 -89.54
C SER C 532 -20.61 -28.27 -90.45
N PRO C 533 -21.40 -29.22 -90.91
CA PRO C 533 -20.80 -30.25 -91.80
C PRO C 533 -20.77 -29.78 -93.26
N ALA C 534 -21.55 -28.72 -93.57
CA ALA C 534 -21.59 -28.19 -94.94
C ALA C 534 -22.25 -26.83 -95.00
N ALA C 535 -21.71 -25.97 -95.85
CA ALA C 535 -22.26 -24.62 -96.01
C ALA C 535 -23.55 -24.74 -96.81
N PRO C 536 -24.41 -23.73 -96.72
CA PRO C 536 -25.68 -23.75 -97.46
C PRO C 536 -25.33 -23.47 -98.92
N ALA C 537 -26.25 -23.83 -99.80
CA ALA C 537 -26.07 -23.59 -101.22
C ALA C 537 -26.36 -22.12 -101.48
N ALA C 538 -25.71 -21.56 -102.50
CA ALA C 538 -25.98 -20.17 -102.83
C ALA C 538 -27.46 -20.11 -103.17
N GLY C 539 -28.14 -19.07 -102.71
CA GLY C 539 -29.55 -18.92 -102.97
C GLY C 539 -30.42 -19.55 -101.91
N ALA C 540 -29.82 -20.18 -100.90
CA ALA C 540 -30.57 -20.83 -99.81
C ALA C 540 -31.51 -19.84 -99.15
N ALA C 541 -32.71 -20.30 -98.77
CA ALA C 541 -33.71 -19.48 -98.10
C ALA C 541 -33.94 -19.98 -96.68
N SER C 542 -33.11 -20.95 -96.26
CA SER C 542 -33.19 -21.54 -94.93
C SER C 542 -31.91 -22.30 -94.66
N LEU C 543 -31.69 -22.67 -93.41
CA LEU C 543 -30.48 -23.37 -93.01
C LEU C 543 -30.85 -24.45 -91.98
N GLU C 544 -30.09 -25.53 -91.96
CA GLU C 544 -30.30 -26.57 -90.98
C GLU C 544 -29.13 -26.39 -90.05
N LEU C 545 -29.39 -26.25 -88.75
CA LEU C 545 -28.28 -26.02 -87.85
C LEU C 545 -27.91 -27.15 -86.96
N GLN C 546 -26.62 -27.46 -86.92
CA GLN C 546 -26.14 -28.47 -85.99
C GLN C 546 -26.15 -27.83 -84.55
N PRO C 547 -26.18 -28.66 -83.49
CA PRO C 547 -26.14 -28.13 -82.12
C PRO C 547 -25.00 -27.09 -82.02
N TRP C 548 -25.31 -25.93 -81.45
CA TRP C 548 -24.32 -24.89 -81.29
C TRP C 548 -23.62 -24.41 -82.55
N GLN C 549 -24.20 -24.69 -83.70
CA GLN C 549 -23.58 -24.22 -84.94
C GLN C 549 -23.68 -22.68 -85.03
N SER C 550 -22.68 -22.03 -85.60
CA SER C 550 -22.79 -20.54 -85.77
C SER C 550 -22.21 -20.25 -87.18
N GLY C 551 -22.58 -19.12 -87.77
CA GLY C 551 -22.07 -18.80 -89.07
C GLY C 551 -22.38 -17.36 -89.46
N ILE C 552 -21.58 -16.86 -90.40
CA ILE C 552 -21.70 -15.51 -90.95
C ILE C 552 -21.82 -15.69 -92.45
N TYR C 553 -22.84 -15.05 -93.03
CA TYR C 553 -23.16 -15.16 -94.46
C TYR C 553 -23.43 -13.84 -95.11
N LYS C 554 -22.97 -13.70 -96.35
CA LYS C 554 -23.28 -12.48 -97.08
C LYS C 554 -24.63 -12.83 -97.71
N VAL C 555 -25.57 -11.90 -97.70
CA VAL C 555 -26.81 -12.23 -98.34
C VAL C 555 -27.10 -11.33 -99.53
N LYS C 556 -28.22 -11.63 -100.18
CA LYS C 556 -28.71 -10.90 -101.35
C LYS C 556 -30.25 -10.98 -101.39
N PRO D 1 8.21 50.42 13.10
CA PRO D 1 7.45 50.53 11.83
C PRO D 1 6.37 49.46 11.80
N GLY D 2 5.19 49.80 12.33
CA GLY D 2 4.07 48.85 12.38
C GLY D 2 3.99 47.74 11.33
N ALA D 3 3.40 46.61 11.69
CA ALA D 3 3.28 45.54 10.71
C ALA D 3 1.95 45.63 9.98
N PRO D 4 1.91 45.13 8.75
CA PRO D 4 0.71 45.14 7.90
C PRO D 4 -0.44 44.47 8.64
N TRP D 5 -1.65 44.94 8.36
CA TRP D 5 -2.83 44.37 9.01
C TRP D 5 -2.92 42.87 8.81
N TRP D 6 -2.44 42.37 7.67
CA TRP D 6 -2.61 40.94 7.44
C TRP D 6 -1.72 40.06 8.32
N LYS D 7 -0.67 40.62 8.91
CA LYS D 7 0.19 39.83 9.77
C LYS D 7 -0.47 39.52 11.11
N SER D 8 -1.43 40.34 11.52
CA SER D 8 -2.06 40.12 12.83
C SER D 8 -3.52 39.68 12.70
N ALA D 9 -3.94 39.44 11.48
CA ALA D 9 -5.32 39.05 11.18
C ALA D 9 -5.57 37.55 11.36
N VAL D 10 -6.83 37.20 11.61
CA VAL D 10 -7.23 35.81 11.69
C VAL D 10 -8.20 35.69 10.50
N PHE D 11 -7.88 34.79 9.57
CA PHE D 11 -8.72 34.58 8.37
C PHE D 11 -9.60 33.36 8.60
N TYR D 12 -10.68 33.29 7.83
CA TYR D 12 -11.59 32.17 7.86
C TYR D 12 -11.80 31.85 6.38
N GLN D 13 -11.65 30.58 6.02
CA GLN D 13 -11.86 30.16 4.66
C GLN D 13 -13.28 29.59 4.48
N VAL D 14 -14.03 30.18 3.56
CA VAL D 14 -15.36 29.72 3.20
C VAL D 14 -15.32 29.08 1.82
N TYR D 15 -15.82 27.85 1.75
CA TYR D 15 -15.94 27.07 0.51
C TYR D 15 -17.44 27.30 0.28
N PRO D 16 -17.81 28.34 -0.50
CA PRO D 16 -19.20 28.69 -0.76
C PRO D 16 -20.19 27.57 -1.05
N ARG D 17 -19.76 26.66 -1.89
CA ARG D 17 -20.55 25.54 -2.35
C ARG D 17 -21.11 24.74 -1.14
N SER D 18 -20.41 24.79 -0.01
CA SER D 18 -20.82 24.01 1.14
C SER D 18 -21.04 24.75 2.43
N PHE D 19 -21.12 26.06 2.33
CA PHE D 19 -21.30 26.87 3.52
C PHE D 19 -22.80 27.08 3.83
N LYS D 20 -23.52 27.80 2.96
CA LYS D 20 -24.94 27.99 3.25
C LYS D 20 -25.77 28.17 1.98
N ASP D 21 -26.82 27.34 1.84
CA ASP D 21 -27.68 27.40 0.66
C ASP D 21 -28.99 28.11 1.06
N THR D 22 -29.39 29.10 0.28
CA THR D 22 -30.58 29.87 0.60
C THR D 22 -31.73 29.66 -0.35
N ASN D 23 -31.57 28.79 -1.34
CA ASN D 23 -32.68 28.59 -2.30
C ASN D 23 -33.03 27.12 -2.58
N GLY D 24 -32.59 26.22 -1.70
CA GLY D 24 -32.91 24.80 -1.82
C GLY D 24 -32.37 23.92 -2.95
N ASP D 25 -31.43 24.40 -3.74
CA ASP D 25 -30.86 23.57 -4.81
C ASP D 25 -29.74 22.67 -4.28
N GLY D 26 -29.43 22.79 -2.99
CA GLY D 26 -28.42 21.94 -2.38
C GLY D 26 -26.99 22.42 -2.51
N ILE D 27 -26.82 23.65 -3.01
CA ILE D 27 -25.49 24.24 -3.23
C ILE D 27 -25.44 25.57 -2.52
N GLY D 28 -24.38 25.79 -1.74
CA GLY D 28 -24.26 27.04 -1.04
C GLY D 28 -24.16 28.24 -1.97
N ASP D 29 -24.51 29.41 -1.47
CA ASP D 29 -24.45 30.58 -2.36
C ASP D 29 -24.06 31.86 -1.60
N PHE D 30 -23.93 32.96 -2.37
CA PHE D 30 -23.56 34.25 -1.79
C PHE D 30 -24.52 34.78 -0.76
N LYS D 31 -25.83 34.64 -1.00
CA LYS D 31 -26.79 35.11 -0.02
C LYS D 31 -26.59 34.30 1.25
N GLY D 32 -26.24 33.03 1.09
CA GLY D 32 -26.03 32.20 2.28
C GLY D 32 -24.87 32.71 3.14
N LEU D 33 -23.75 32.97 2.48
CA LEU D 33 -22.56 33.48 3.16
C LEU D 33 -22.85 34.86 3.83
N THR D 34 -23.52 35.74 3.09
CA THR D 34 -23.82 37.08 3.58
C THR D 34 -24.70 36.99 4.81
N GLU D 35 -25.62 36.04 4.79
CA GLU D 35 -26.58 35.77 5.86
C GLU D 35 -25.86 35.47 7.20
N LYS D 36 -24.72 34.81 7.08
CA LYS D 36 -23.88 34.34 8.19
C LYS D 36 -22.71 35.23 8.57
N LEU D 37 -22.63 36.45 8.01
CA LEU D 37 -21.50 37.30 8.37
C LEU D 37 -21.49 37.65 9.86
N ASP D 38 -22.67 37.80 10.47
CA ASP D 38 -22.67 38.10 11.90
C ASP D 38 -22.13 36.95 12.72
N TYR D 39 -22.31 35.73 12.21
CA TYR D 39 -21.78 34.54 12.86
C TYR D 39 -20.25 34.64 12.86
N LEU D 40 -19.66 34.85 11.68
CA LEU D 40 -18.20 34.95 11.55
C LEU D 40 -17.62 36.15 12.29
N LYS D 41 -18.32 37.29 12.27
CA LYS D 41 -17.85 38.45 13.01
C LYS D 41 -17.85 38.10 14.53
N GLY D 42 -18.91 37.45 14.98
CA GLY D 42 -19.02 37.06 16.38
C GLY D 42 -17.89 36.11 16.82
N LEU D 43 -17.42 35.28 15.88
CA LEU D 43 -16.31 34.36 16.13
C LEU D 43 -15.01 35.17 16.26
N GLY D 44 -14.93 36.33 15.60
CA GLY D 44 -13.74 37.17 15.73
C GLY D 44 -12.89 37.24 14.45
N ILE D 45 -13.50 36.83 13.33
CA ILE D 45 -12.84 36.77 12.03
C ILE D 45 -12.66 38.16 11.45
N ASP D 46 -11.42 38.42 11.01
CA ASP D 46 -11.05 39.71 10.44
C ASP D 46 -11.18 39.70 8.92
N ALA D 47 -10.95 38.54 8.31
CA ALA D 47 -11.03 38.47 6.85
C ALA D 47 -11.39 37.06 6.39
N ILE D 48 -12.12 37.00 5.28
CA ILE D 48 -12.53 35.75 4.72
C ILE D 48 -11.88 35.47 3.35
N TRP D 49 -11.44 34.24 3.15
CA TRP D 49 -10.93 33.85 1.83
C TRP D 49 -12.04 32.92 1.28
N ILE D 50 -12.59 33.28 0.13
CA ILE D 50 -13.61 32.42 -0.51
C ILE D 50 -12.98 31.70 -1.69
N ASN D 51 -13.39 30.44 -1.87
CA ASN D 51 -12.88 29.66 -2.97
C ASN D 51 -13.49 30.28 -4.24
N PRO D 52 -12.98 29.92 -5.44
CA PRO D 52 -13.48 30.49 -6.72
C PRO D 52 -14.98 30.72 -6.81
N HIS D 53 -15.36 31.94 -7.24
CA HIS D 53 -16.75 32.34 -7.32
C HIS D 53 -17.16 32.84 -8.71
N TYR D 54 -16.37 32.48 -9.71
CA TYR D 54 -16.55 32.89 -11.10
C TYR D 54 -17.27 31.87 -11.94
N ALA D 55 -17.79 32.35 -13.07
CA ALA D 55 -18.50 31.47 -14.00
C ALA D 55 -17.66 30.19 -14.23
N SER D 56 -18.30 29.03 -14.11
CA SER D 56 -17.59 27.78 -14.21
C SER D 56 -18.49 26.57 -14.45
N PRO D 57 -18.09 25.64 -15.32
CA PRO D 57 -18.87 24.43 -15.59
C PRO D 57 -18.75 23.51 -14.35
N ASN D 58 -17.93 23.90 -13.38
CA ASN D 58 -17.73 23.09 -12.17
C ASN D 58 -17.22 21.63 -12.28
N THR D 59 -16.33 21.40 -13.25
CA THR D 59 -15.71 20.08 -13.35
C THR D 59 -14.73 20.00 -12.16
N ASP D 60 -14.26 21.16 -11.69
CA ASP D 60 -13.39 21.18 -10.53
C ASP D 60 -13.92 22.21 -9.49
N ASN D 61 -15.24 22.18 -9.29
CA ASN D 61 -15.93 23.05 -8.35
C ASN D 61 -15.36 24.48 -8.26
N GLY D 62 -15.40 25.20 -9.38
CA GLY D 62 -14.91 26.56 -9.41
C GLY D 62 -13.51 26.75 -9.96
N TYR D 63 -12.68 25.72 -9.88
CA TYR D 63 -11.33 25.88 -10.38
C TYR D 63 -11.17 25.76 -11.89
N ASP D 64 -12.29 25.64 -12.60
CA ASP D 64 -12.28 25.63 -14.07
C ASP D 64 -13.17 26.83 -14.46
N ILE D 65 -12.54 27.99 -14.64
CA ILE D 65 -13.26 29.22 -14.92
C ILE D 65 -13.48 29.48 -16.40
N SER D 66 -14.74 29.73 -16.73
CA SER D 66 -15.11 30.00 -18.13
C SER D 66 -15.27 31.49 -18.42
N ASP D 67 -15.34 32.32 -17.39
CA ASP D 67 -15.41 33.79 -17.59
C ASP D 67 -14.98 34.41 -16.26
N TYR D 68 -13.80 35.01 -16.24
CA TYR D 68 -13.25 35.60 -15.02
C TYR D 68 -13.94 36.88 -14.59
N ARG D 69 -14.81 37.43 -15.42
CA ARG D 69 -15.46 38.67 -15.01
C ARG D 69 -16.95 38.50 -14.70
N GLU D 70 -17.38 37.26 -14.49
CA GLU D 70 -18.77 37.00 -14.15
C GLU D 70 -18.80 36.05 -12.97
N VAL D 71 -19.83 36.19 -12.14
CA VAL D 71 -20.02 35.38 -10.92
C VAL D 71 -20.58 34.00 -11.30
N MET D 72 -20.29 32.99 -10.49
CA MET D 72 -20.75 31.63 -10.77
C MET D 72 -22.27 31.63 -10.65
N LYS D 73 -22.98 31.16 -11.66
CA LYS D 73 -24.46 31.15 -11.61
C LYS D 73 -25.00 30.55 -10.31
N GLU D 74 -24.43 29.44 -9.87
CA GLU D 74 -24.90 28.83 -8.63
C GLU D 74 -24.78 29.73 -7.41
N TYR D 75 -23.79 30.62 -7.38
CA TYR D 75 -23.64 31.46 -6.20
C TYR D 75 -24.48 32.74 -6.20
N GLY D 76 -25.00 33.10 -7.37
CA GLY D 76 -25.81 34.29 -7.41
C GLY D 76 -25.41 35.18 -8.55
N THR D 77 -25.61 36.47 -8.37
CA THR D 77 -25.30 37.43 -9.44
C THR D 77 -24.20 38.40 -9.00
N MET D 78 -23.82 39.33 -9.89
CA MET D 78 -22.80 40.31 -9.53
C MET D 78 -23.37 41.18 -8.42
N GLU D 79 -24.68 41.40 -8.47
CA GLU D 79 -25.30 42.17 -7.40
C GLU D 79 -25.13 41.49 -6.02
N ASP D 80 -25.29 40.17 -5.94
CA ASP D 80 -25.09 39.47 -4.66
C ASP D 80 -23.62 39.60 -4.18
N PHE D 81 -22.66 39.50 -5.11
CA PHE D 81 -21.25 39.61 -4.74
C PHE D 81 -20.99 41.00 -4.18
N ASP D 82 -21.53 41.99 -4.87
CA ASP D 82 -21.38 43.39 -4.46
C ASP D 82 -21.99 43.56 -3.10
N ARG D 83 -23.11 42.89 -2.88
CA ARG D 83 -23.78 42.97 -1.60
C ARG D 83 -22.92 42.26 -0.54
N LEU D 84 -22.26 41.18 -0.92
CA LEU D 84 -21.40 40.46 0.03
C LEU D 84 -20.30 41.44 0.47
N MET D 85 -19.68 42.07 -0.52
CA MET D 85 -18.63 43.04 -0.27
C MET D 85 -19.09 44.16 0.69
N ALA D 86 -20.25 44.74 0.41
CA ALA D 86 -20.75 45.82 1.25
C ALA D 86 -21.06 45.43 2.66
N GLU D 87 -21.63 44.25 2.87
CA GLU D 87 -21.95 43.82 4.23
C GLU D 87 -20.65 43.50 5.01
N LEU D 88 -19.64 43.01 4.31
CA LEU D 88 -18.36 42.71 4.98
C LEU D 88 -17.77 44.04 5.49
N LYS D 89 -17.85 45.05 4.63
CA LYS D 89 -17.32 46.38 4.95
C LYS D 89 -18.05 47.00 6.12
N LYS D 90 -19.35 46.80 6.16
CA LYS D 90 -20.15 47.33 7.27
C LYS D 90 -19.58 46.77 8.57
N ARG D 91 -19.10 45.53 8.49
CA ARG D 91 -18.53 44.86 9.66
C ARG D 91 -17.02 45.02 9.84
N GLY D 92 -16.40 45.83 8.97
CA GLY D 92 -14.97 46.06 9.04
C GLY D 92 -14.21 44.79 8.72
N MET D 93 -14.81 43.93 7.91
CA MET D 93 -14.14 42.68 7.53
C MET D 93 -13.61 42.84 6.10
N ARG D 94 -12.61 42.03 5.72
CA ARG D 94 -12.04 42.12 4.38
C ARG D 94 -12.23 40.82 3.62
N LEU D 95 -12.23 40.88 2.29
CA LEU D 95 -12.43 39.70 1.49
C LEU D 95 -11.19 39.34 0.69
N MET D 96 -10.85 38.07 0.68
CA MET D 96 -9.74 37.59 -0.11
C MET D 96 -10.38 36.63 -1.16
N VAL D 97 -10.09 36.84 -2.44
CA VAL D 97 -10.67 35.97 -3.46
C VAL D 97 -9.65 35.03 -4.01
N ASP D 98 -10.10 33.92 -4.62
CA ASP D 98 -9.22 32.93 -5.19
C ASP D 98 -8.89 33.32 -6.65
N VAL D 99 -7.63 33.25 -7.01
CA VAL D 99 -7.22 33.63 -8.36
C VAL D 99 -6.61 32.41 -8.99
N VAL D 100 -7.24 31.96 -10.08
CA VAL D 100 -6.89 30.74 -10.79
C VAL D 100 -6.48 31.07 -12.21
N ILE D 101 -5.18 31.32 -12.36
CA ILE D 101 -4.62 31.71 -13.64
C ILE D 101 -3.52 30.85 -14.17
N ASN D 102 -3.44 29.63 -13.63
CA ASN D 102 -2.51 28.65 -14.17
C ASN D 102 -3.24 28.03 -15.36
N HIS D 103 -4.57 28.01 -15.26
CA HIS D 103 -5.40 27.39 -16.29
C HIS D 103 -6.78 27.95 -16.28
N SER D 104 -7.55 27.73 -17.35
CA SER D 104 -8.94 28.17 -17.36
C SER D 104 -9.81 26.95 -17.71
N SER D 105 -11.09 27.18 -17.88
CA SER D 105 -11.98 26.10 -18.32
C SER D 105 -11.79 25.93 -19.84
N ASP D 106 -12.05 24.77 -20.40
CA ASP D 106 -11.96 24.62 -21.85
C ASP D 106 -13.23 25.29 -22.46
N GLN D 107 -14.09 25.82 -21.61
CA GLN D 107 -15.30 26.50 -22.07
C GLN D 107 -15.09 28.01 -22.11
N HIS D 108 -13.96 28.49 -21.60
CA HIS D 108 -13.67 29.93 -21.66
C HIS D 108 -13.54 30.32 -23.15
N GLU D 109 -14.02 31.51 -23.51
CA GLU D 109 -13.98 31.96 -24.91
C GLU D 109 -12.59 32.00 -25.51
N TRP D 110 -11.55 32.20 -24.66
CA TRP D 110 -10.19 32.21 -25.16
C TRP D 110 -9.85 30.83 -25.69
N PHE D 111 -10.30 29.80 -25.00
CA PHE D 111 -10.01 28.44 -25.44
C PHE D 111 -10.85 27.98 -26.64
N LYS D 112 -12.10 28.38 -26.68
CA LYS D 112 -12.95 28.02 -27.82
C LYS D 112 -12.29 28.65 -29.06
N SER D 113 -11.79 29.87 -28.90
CA SER D 113 -11.10 30.57 -29.99
C SER D 113 -9.80 29.90 -30.34
N SER D 114 -8.97 29.70 -29.31
CA SER D 114 -7.68 29.08 -29.49
C SER D 114 -7.68 27.73 -30.20
N ARG D 115 -8.63 26.86 -29.85
CA ARG D 115 -8.69 25.52 -30.40
C ARG D 115 -9.27 25.41 -31.82
N ALA D 116 -9.95 26.46 -32.28
CA ALA D 116 -10.61 26.45 -33.59
C ALA D 116 -9.71 26.31 -34.80
N SER D 117 -8.47 26.77 -34.68
CA SER D 117 -7.54 26.70 -35.78
C SER D 117 -6.13 26.90 -35.26
N LYS D 118 -5.14 26.68 -36.10
CA LYS D 118 -3.76 26.88 -35.68
C LYS D 118 -3.30 28.30 -35.90
N ASP D 119 -4.09 29.11 -36.60
CA ASP D 119 -3.69 30.49 -36.91
C ASP D 119 -4.47 31.65 -36.26
N ASN D 120 -5.33 31.41 -35.28
CA ASN D 120 -6.04 32.55 -34.70
C ASN D 120 -5.19 33.25 -33.64
N PRO D 121 -5.56 34.50 -33.30
CA PRO D 121 -4.86 35.35 -32.33
C PRO D 121 -4.85 34.82 -30.90
N TYR D 122 -5.61 33.76 -30.66
CA TYR D 122 -5.65 33.16 -29.31
C TYR D 122 -4.98 31.80 -29.28
N ARG D 123 -4.33 31.41 -30.36
CA ARG D 123 -3.67 30.11 -30.40
C ARG D 123 -2.67 29.97 -29.26
N ASP D 124 -1.86 31.00 -29.08
CA ASP D 124 -0.85 30.93 -28.04
C ASP D 124 -1.28 31.40 -26.65
N TYR D 125 -2.58 31.40 -26.40
CA TYR D 125 -3.05 31.70 -25.06
C TYR D 125 -2.93 30.38 -24.27
N TYR D 126 -2.61 29.30 -24.96
CA TYR D 126 -2.46 27.97 -24.35
C TYR D 126 -1.27 27.25 -24.98
N PHE D 127 -1.01 26.01 -24.53
CA PHE D 127 0.08 25.23 -25.11
C PHE D 127 -0.47 24.16 -26.05
N TRP D 128 -0.17 24.32 -27.34
CA TRP D 128 -0.59 23.37 -28.37
C TRP D 128 0.69 22.82 -28.95
N ARG D 129 0.82 21.50 -29.01
CA ARG D 129 2.01 20.90 -29.55
C ARG D 129 1.72 19.62 -30.35
N ASP D 130 2.61 19.29 -31.28
CA ASP D 130 2.45 18.05 -32.03
C ASP D 130 2.81 16.90 -31.14
N GLY D 131 2.15 15.77 -31.35
CA GLY D 131 2.46 14.56 -30.61
C GLY D 131 3.78 14.06 -31.14
N LYS D 132 4.33 12.99 -30.57
CA LYS D 132 5.60 12.46 -31.02
C LYS D 132 5.54 10.95 -30.92
N ASP D 133 5.84 10.27 -32.03
CA ASP D 133 5.81 8.81 -32.06
C ASP D 133 4.36 8.30 -31.96
N GLY D 134 3.45 8.97 -32.66
CA GLY D 134 2.06 8.55 -32.63
C GLY D 134 1.36 8.73 -31.30
N HIS D 135 2.07 9.21 -30.29
CA HIS D 135 1.50 9.42 -28.94
C HIS D 135 1.66 10.88 -28.50
N GLU D 136 1.38 11.16 -27.23
CA GLU D 136 1.48 12.53 -26.72
C GLU D 136 2.83 13.22 -26.91
N PRO D 137 2.86 14.55 -26.73
CA PRO D 137 4.10 15.30 -26.89
C PRO D 137 5.21 14.81 -25.98
N ASN D 138 4.84 14.35 -24.79
CA ASN D 138 5.84 13.84 -23.86
C ASN D 138 5.13 13.05 -22.76
N ASN D 139 5.88 12.60 -21.75
CA ASN D 139 5.31 11.77 -20.71
C ASN D 139 4.67 12.45 -19.51
N TYR D 140 4.29 13.72 -19.64
CA TYR D 140 3.68 14.45 -18.55
C TYR D 140 2.36 13.89 -18.04
N PRO D 141 2.28 13.57 -16.74
CA PRO D 141 1.01 13.06 -16.21
C PRO D 141 0.18 14.22 -15.68
N SER D 142 -1.12 13.99 -15.53
CA SER D 142 -2.01 15.01 -15.00
C SER D 142 -2.32 14.63 -13.58
N PHE D 143 -2.59 15.63 -12.73
CA PHE D 143 -2.94 15.39 -11.32
C PHE D 143 -4.28 14.70 -11.22
N PHE D 144 -5.09 14.90 -12.26
CA PHE D 144 -6.42 14.34 -12.25
C PHE D 144 -6.68 13.15 -13.18
N GLY D 145 -5.65 12.36 -13.48
CA GLY D 145 -5.82 11.17 -14.30
C GLY D 145 -5.23 11.20 -15.70
N GLY D 146 -4.46 10.17 -16.02
CA GLY D 146 -3.89 10.09 -17.35
C GLY D 146 -2.82 11.10 -17.72
N SER D 147 -2.75 11.36 -19.02
CA SER D 147 -1.77 12.27 -19.61
C SER D 147 -2.17 13.72 -19.37
N ALA D 148 -1.18 14.58 -19.32
CA ALA D 148 -1.43 16.00 -19.18
C ALA D 148 -1.60 16.65 -20.58
N TRP D 149 -1.69 15.81 -21.60
CA TRP D 149 -1.88 16.25 -22.99
C TRP D 149 -3.12 15.59 -23.58
N GLU D 150 -3.96 16.42 -24.18
CA GLU D 150 -5.21 15.96 -24.77
C GLU D 150 -5.26 16.39 -26.25
N LYS D 151 -5.39 15.41 -27.13
CA LYS D 151 -5.42 15.71 -28.57
C LYS D 151 -6.74 16.35 -29.01
N ASP D 152 -6.67 17.35 -29.87
CA ASP D 152 -7.88 17.99 -30.36
C ASP D 152 -7.91 17.69 -31.85
N PRO D 153 -8.92 16.93 -32.34
CA PRO D 153 -9.07 16.56 -33.76
C PRO D 153 -9.24 17.74 -34.74
N VAL D 154 -9.62 18.90 -34.21
CA VAL D 154 -9.79 20.04 -35.09
C VAL D 154 -8.46 20.41 -35.74
N THR D 155 -7.38 20.39 -34.96
CA THR D 155 -6.07 20.72 -35.49
C THR D 155 -5.07 19.57 -35.47
N GLY D 156 -5.41 18.49 -34.78
CA GLY D 156 -4.47 17.39 -34.72
C GLY D 156 -3.38 17.58 -33.67
N GLN D 157 -3.39 18.72 -32.99
CA GLN D 157 -2.38 18.92 -31.96
C GLN D 157 -2.97 18.65 -30.57
N TYR D 158 -2.10 18.60 -29.56
CA TYR D 158 -2.52 18.31 -28.17
C TYR D 158 -2.37 19.57 -27.34
N TYR D 159 -3.27 19.76 -26.40
CA TYR D 159 -3.14 20.91 -25.52
C TYR D 159 -2.77 20.42 -24.12
N LEU D 160 -2.02 21.25 -23.40
CA LEU D 160 -1.56 20.92 -22.06
C LEU D 160 -2.58 21.21 -20.96
N HIS D 161 -2.70 20.27 -20.00
CA HIS D 161 -3.57 20.48 -18.84
C HIS D 161 -2.96 19.70 -17.69
N TYR D 162 -2.28 20.42 -16.79
CA TYR D 162 -1.67 19.78 -15.60
C TYR D 162 -2.78 19.15 -14.74
N PHE D 163 -3.92 19.78 -14.74
CA PHE D 163 -5.04 19.29 -13.97
C PHE D 163 -6.01 18.61 -14.90
N GLY D 164 -7.29 18.91 -14.73
CA GLY D 164 -8.29 18.28 -15.55
C GLY D 164 -8.20 18.51 -17.03
N ARG D 165 -8.74 17.55 -17.79
CA ARG D 165 -8.80 17.66 -19.24
C ARG D 165 -9.65 18.90 -19.53
N GLN D 166 -10.52 19.26 -18.61
CA GLN D 166 -11.27 20.49 -18.87
C GLN D 166 -10.66 21.77 -18.27
N GLN D 167 -9.35 21.70 -18.00
CA GLN D 167 -8.61 22.84 -17.42
C GLN D 167 -7.31 23.08 -18.17
N PRO D 168 -7.39 23.51 -19.43
CA PRO D 168 -6.18 23.76 -20.21
C PRO D 168 -5.31 24.82 -19.56
N ASP D 169 -4.00 24.58 -19.53
CA ASP D 169 -3.07 25.55 -18.96
C ASP D 169 -2.89 26.80 -19.80
N LEU D 170 -2.92 27.95 -19.13
CA LEU D 170 -2.75 29.24 -19.79
C LEU D 170 -1.26 29.46 -20.10
N ASN D 171 -0.98 30.10 -21.24
CA ASN D 171 0.41 30.30 -21.67
C ASN D 171 1.00 31.64 -21.26
N TRP D 172 1.75 31.61 -20.14
CA TRP D 172 2.37 32.80 -19.62
C TRP D 172 3.53 33.33 -20.43
N ASP D 173 4.01 32.54 -21.41
CA ASP D 173 5.13 32.98 -22.23
C ASP D 173 4.66 33.97 -23.29
N THR D 174 3.36 34.10 -23.41
CA THR D 174 2.75 34.98 -24.39
C THR D 174 2.38 36.29 -23.70
N PRO D 175 3.08 37.39 -24.02
CA PRO D 175 2.84 38.72 -23.44
C PRO D 175 1.37 39.17 -23.44
N LYS D 176 0.67 39.00 -24.57
CA LYS D 176 -0.74 39.43 -24.58
C LYS D 176 -1.63 38.68 -23.62
N LEU D 177 -1.30 37.39 -23.35
CA LEU D 177 -2.08 36.59 -22.39
C LEU D 177 -1.76 37.18 -20.99
N ARG D 178 -0.49 37.42 -20.69
CA ARG D 178 -0.19 38.03 -19.38
C ARG D 178 -0.95 39.35 -19.23
N GLU D 179 -0.98 40.16 -20.28
CA GLU D 179 -1.70 41.43 -20.14
C GLU D 179 -3.17 41.24 -19.89
N GLU D 180 -3.77 40.22 -20.50
CA GLU D 180 -5.18 39.94 -20.28
C GLU D 180 -5.37 39.54 -18.82
N LEU D 181 -4.46 38.75 -18.27
CA LEU D 181 -4.61 38.33 -16.86
C LEU D 181 -4.49 39.55 -15.94
N TYR D 182 -3.57 40.48 -16.26
CA TYR D 182 -3.41 41.65 -15.40
C TYR D 182 -4.67 42.51 -15.43
N ALA D 183 -5.29 42.68 -16.61
CA ALA D 183 -6.49 43.51 -16.75
C ALA D 183 -7.62 42.85 -15.97
N MET D 184 -7.63 41.52 -16.00
CA MET D 184 -8.61 40.75 -15.24
C MET D 184 -8.44 41.00 -13.71
N LEU D 185 -7.22 40.95 -13.19
CA LEU D 185 -7.04 41.14 -11.75
C LEU D 185 -7.43 42.58 -11.37
N ARG D 186 -7.13 43.53 -12.24
CA ARG D 186 -7.49 44.92 -11.91
C ARG D 186 -9.01 45.04 -11.85
N PHE D 187 -9.70 44.26 -12.66
CA PHE D 187 -11.15 44.33 -12.66
C PHE D 187 -11.66 44.02 -11.26
N TRP D 188 -11.05 43.04 -10.61
CA TRP D 188 -11.54 42.68 -9.28
C TRP D 188 -11.00 43.59 -8.17
N LEU D 189 -9.74 44.02 -8.31
CA LEU D 189 -9.15 44.89 -7.31
C LEU D 189 -9.84 46.26 -7.32
N ASP D 190 -10.34 46.66 -8.50
CA ASP D 190 -11.03 47.94 -8.62
C ASP D 190 -12.37 47.90 -7.89
N LYS D 191 -12.89 46.69 -7.62
CA LYS D 191 -14.17 46.55 -6.89
C LYS D 191 -13.88 46.63 -5.39
N GLY D 192 -12.61 46.76 -5.01
CA GLY D 192 -12.28 46.87 -3.59
C GLY D 192 -11.79 45.60 -2.90
N VAL D 193 -11.55 44.52 -3.64
CA VAL D 193 -11.06 43.25 -3.03
C VAL D 193 -9.79 43.49 -2.20
N SER D 194 -9.71 42.91 -0.99
CA SER D 194 -8.57 43.14 -0.09
C SER D 194 -7.42 42.15 -0.18
N GLY D 195 -7.65 41.01 -0.79
CA GLY D 195 -6.61 40.02 -0.87
C GLY D 195 -6.86 39.07 -1.99
N MET D 196 -5.79 38.38 -2.41
CA MET D 196 -5.92 37.41 -3.48
C MET D 196 -5.09 36.19 -3.18
N ARG D 197 -5.71 35.02 -3.29
CA ARG D 197 -4.99 33.79 -3.05
C ARG D 197 -4.73 33.18 -4.45
N PHE D 198 -3.48 32.91 -4.73
CA PHE D 198 -3.15 32.41 -6.06
C PHE D 198 -3.03 30.91 -6.12
N ALA D 199 -3.99 30.29 -6.81
CA ALA D 199 -3.98 28.85 -6.97
C ALA D 199 -2.74 28.29 -7.73
N THR D 200 -2.12 27.22 -7.21
CA THR D 200 -0.93 26.60 -7.80
C THR D 200 -0.08 27.67 -8.51
N VAL D 201 0.38 28.63 -7.72
CA VAL D 201 1.16 29.75 -8.23
C VAL D 201 2.56 29.37 -8.75
N ALA D 202 3.11 28.26 -8.27
CA ALA D 202 4.43 27.86 -8.70
C ALA D 202 4.48 27.12 -10.04
N THR D 203 3.33 26.86 -10.68
CA THR D 203 3.36 26.15 -11.96
C THR D 203 3.13 26.99 -13.21
N TYR D 204 3.08 28.32 -13.05
CA TYR D 204 2.79 29.22 -14.16
C TYR D 204 3.79 29.10 -15.29
N SER D 205 5.07 28.96 -14.98
CA SER D 205 6.07 28.89 -16.03
C SER D 205 6.29 27.45 -16.44
N LYS D 206 6.25 27.17 -17.75
CA LYS D 206 6.50 25.81 -18.27
C LYS D 206 7.96 25.68 -18.80
N THR D 207 8.46 24.46 -18.86
CA THR D 207 9.81 24.25 -19.35
C THR D 207 9.88 24.33 -20.88
N PRO D 208 10.76 25.21 -21.39
CA PRO D 208 10.94 25.40 -22.83
C PRO D 208 11.23 24.02 -23.47
N GLY D 209 10.58 23.71 -24.59
CA GLY D 209 10.84 22.44 -25.25
C GLY D 209 10.04 21.23 -24.76
N PHE D 210 9.41 21.36 -23.61
CA PHE D 210 8.61 20.25 -23.09
C PHE D 210 9.28 18.86 -23.20
N PRO D 211 10.55 18.74 -22.74
CA PRO D 211 11.23 17.43 -22.80
C PRO D 211 10.60 16.47 -21.80
N ASP D 212 10.82 15.18 -22.01
CA ASP D 212 10.28 14.17 -21.10
C ASP D 212 10.84 14.36 -19.70
N LEU D 213 10.02 14.00 -18.72
CA LEU D 213 10.49 14.05 -17.35
C LEU D 213 11.36 12.77 -17.25
N THR D 214 12.41 12.84 -16.44
CA THR D 214 13.27 11.68 -16.24
C THR D 214 12.53 10.73 -15.32
N PRO D 215 12.97 9.47 -15.23
CA PRO D 215 12.28 8.52 -14.34
C PRO D 215 12.18 9.06 -12.90
N GLU D 216 13.25 9.72 -12.43
CA GLU D 216 13.24 10.29 -11.09
C GLU D 216 12.18 11.40 -10.99
N GLN D 217 12.21 12.31 -11.95
CA GLN D 217 11.26 13.44 -11.91
C GLN D 217 9.83 12.91 -11.92
N MET D 218 9.63 11.79 -12.58
CA MET D 218 8.34 11.16 -12.71
C MET D 218 7.75 10.75 -11.36
N LYS D 219 8.63 10.38 -10.44
CA LYS D 219 8.23 9.96 -9.10
C LYS D 219 7.57 11.11 -8.32
N ASN D 220 8.02 12.33 -8.57
CA ASN D 220 7.41 13.48 -7.90
C ASN D 220 7.25 14.50 -8.99
N PHE D 221 6.31 14.23 -9.90
CA PHE D 221 6.15 15.14 -11.04
C PHE D 221 5.68 16.54 -10.66
N ALA D 222 5.04 16.66 -9.51
CA ALA D 222 4.58 17.98 -9.09
C ALA D 222 5.76 18.92 -8.91
N GLU D 223 6.89 18.40 -8.44
CA GLU D 223 8.07 19.23 -8.24
C GLU D 223 8.63 19.80 -9.53
N ALA D 224 8.70 18.95 -10.56
CA ALA D 224 9.17 19.38 -11.84
C ALA D 224 8.28 20.49 -12.42
N TYR D 225 6.97 20.43 -12.18
CA TYR D 225 6.11 21.46 -12.76
C TYR D 225 6.27 22.81 -12.10
N THR D 226 7.05 22.89 -11.02
CA THR D 226 7.26 24.18 -10.34
C THR D 226 8.63 24.74 -10.71
N GLN D 227 9.31 24.06 -11.65
CA GLN D 227 10.65 24.48 -12.04
C GLN D 227 10.77 25.23 -13.36
N GLY D 228 9.70 25.91 -13.79
CA GLY D 228 9.74 26.70 -15.01
C GLY D 228 10.75 27.83 -14.86
N PRO D 229 11.63 28.04 -15.85
CA PRO D 229 12.67 29.09 -15.78
C PRO D 229 12.23 30.54 -15.68
N ASN D 230 11.01 30.85 -16.09
CA ASN D 230 10.52 32.23 -16.02
C ASN D 230 9.52 32.54 -14.88
N LEU D 231 9.39 31.65 -13.91
CA LEU D 231 8.41 31.82 -12.86
C LEU D 231 8.49 33.14 -12.09
N HIS D 232 9.65 33.40 -11.50
CA HIS D 232 9.78 34.61 -10.72
C HIS D 232 9.73 35.87 -11.54
N ARG D 233 10.18 35.79 -12.78
CA ARG D 233 10.09 36.94 -13.66
C ARG D 233 8.59 37.26 -13.86
N TYR D 234 7.78 36.22 -14.07
CA TYR D 234 6.35 36.43 -14.27
C TYR D 234 5.70 36.97 -13.02
N LEU D 235 5.99 36.41 -11.84
CA LEU D 235 5.40 36.95 -10.61
C LEU D 235 5.88 38.39 -10.32
N GLN D 236 7.15 38.72 -10.59
CA GLN D 236 7.61 40.07 -10.33
C GLN D 236 6.93 41.05 -11.29
N GLU D 237 6.63 40.61 -12.53
CA GLU D 237 5.95 41.47 -13.49
C GLU D 237 4.48 41.74 -13.09
N MET D 238 3.82 40.70 -12.60
CA MET D 238 2.44 40.84 -12.14
C MET D 238 2.43 41.79 -10.97
N HIS D 239 3.40 41.66 -10.08
CA HIS D 239 3.48 42.59 -8.96
C HIS D 239 3.72 44.01 -9.47
N GLU D 240 4.64 44.17 -10.40
CA GLU D 240 4.94 45.51 -10.90
C GLU D 240 3.74 46.12 -11.66
N LYS D 241 3.10 45.31 -12.50
CA LYS D 241 1.99 45.85 -13.28
C LYS D 241 0.69 45.92 -12.57
N VAL D 242 0.51 45.12 -11.52
CA VAL D 242 -0.75 45.14 -10.84
C VAL D 242 -0.71 45.53 -9.35
N PHE D 243 -0.05 44.73 -8.53
CA PHE D 243 -0.11 44.96 -7.10
C PHE D 243 0.58 46.15 -6.54
N ASP D 244 1.52 46.66 -7.29
CA ASP D 244 2.25 47.84 -6.92
C ASP D 244 1.25 49.01 -6.85
N HIS D 245 0.13 48.89 -7.57
CA HIS D 245 -0.87 49.94 -7.66
C HIS D 245 -2.08 49.80 -6.71
N TYR D 246 -2.09 48.77 -5.89
CA TYR D 246 -3.20 48.58 -5.00
C TYR D 246 -2.62 48.31 -3.65
N ASP D 247 -3.47 48.00 -2.68
CA ASP D 247 -2.94 47.68 -1.39
C ASP D 247 -3.65 46.44 -0.87
N ALA D 248 -3.69 45.45 -1.76
CA ALA D 248 -4.29 44.14 -1.52
C ALA D 248 -3.15 43.23 -1.09
N VAL D 249 -3.44 42.30 -0.18
CA VAL D 249 -2.41 41.34 0.25
C VAL D 249 -2.45 40.15 -0.70
N THR D 250 -1.28 39.60 -1.04
CA THR D 250 -1.27 38.44 -1.92
C THR D 250 -0.72 37.22 -1.18
N ALA D 251 -1.38 36.10 -1.41
CA ALA D 251 -1.03 34.81 -0.78
C ALA D 251 -0.89 33.75 -1.85
N GLY D 252 0.23 33.05 -1.86
CA GLY D 252 0.42 32.07 -2.92
C GLY D 252 0.30 30.64 -2.50
N GLU D 253 -0.54 29.86 -3.20
CA GLU D 253 -0.61 28.43 -2.91
C GLU D 253 0.60 27.83 -3.66
N ILE D 254 1.69 27.58 -2.94
CA ILE D 254 2.93 27.06 -3.51
C ILE D 254 2.95 25.54 -3.54
N PHE D 255 2.14 24.99 -4.42
CA PHE D 255 2.00 23.54 -4.52
C PHE D 255 3.08 22.90 -5.35
N GLY D 256 3.78 21.90 -4.78
CA GLY D 256 4.82 21.19 -5.50
C GLY D 256 6.27 21.61 -5.30
N ALA D 257 6.49 22.88 -4.93
CA ALA D 257 7.83 23.41 -4.77
C ALA D 257 8.56 22.95 -3.51
N PRO D 258 9.88 22.69 -3.59
CA PRO D 258 10.58 22.28 -2.38
C PRO D 258 10.58 23.52 -1.48
N LEU D 259 10.62 23.30 -0.18
CA LEU D 259 10.59 24.40 0.78
C LEU D 259 11.72 25.42 0.58
N ASN D 260 12.90 24.95 0.17
CA ASN D 260 14.02 25.89 0.04
C ASN D 260 13.77 27.01 -0.98
N GLN D 261 12.82 26.80 -1.89
CA GLN D 261 12.48 27.82 -2.88
C GLN D 261 11.39 28.80 -2.43
N VAL D 262 10.74 28.51 -1.31
CA VAL D 262 9.66 29.40 -0.86
C VAL D 262 10.02 30.89 -0.62
N PRO D 263 11.21 31.14 -0.05
CA PRO D 263 11.63 32.51 0.20
C PRO D 263 11.61 33.36 -1.08
N LEU D 264 11.77 32.72 -2.23
CA LEU D 264 11.79 33.46 -3.50
C LEU D 264 10.42 34.09 -3.80
N PHE D 265 9.38 33.46 -3.28
CA PHE D 265 8.01 33.94 -3.48
C PHE D 265 7.56 34.99 -2.45
N ILE D 266 8.01 34.82 -1.21
CA ILE D 266 7.55 35.67 -0.15
C ILE D 266 8.45 36.69 0.46
N ASP D 267 9.72 36.72 0.08
CA ASP D 267 10.64 37.72 0.64
C ASP D 267 10.11 39.07 0.19
N SER D 268 9.68 39.92 1.13
CA SER D 268 9.12 41.21 0.79
C SER D 268 9.98 42.06 -0.13
N ARG D 269 11.30 41.94 0.00
CA ARG D 269 12.21 42.73 -0.85
C ARG D 269 12.21 42.33 -2.34
N ARG D 270 11.76 41.10 -2.66
CA ARG D 270 11.70 40.60 -4.03
C ARG D 270 10.45 41.11 -4.76
N LYS D 271 9.54 41.72 -4.01
CA LYS D 271 8.31 42.21 -4.61
C LYS D 271 7.56 41.16 -5.48
N GLU D 272 7.25 40.01 -4.89
CA GLU D 272 6.44 39.00 -5.59
C GLU D 272 5.13 38.86 -4.77
N LEU D 273 5.06 37.92 -3.83
CA LEU D 273 3.86 37.70 -3.00
C LEU D 273 4.12 38.07 -1.54
N ASP D 274 3.05 38.36 -0.79
CA ASP D 274 3.18 38.71 0.64
C ASP D 274 3.30 37.49 1.56
N MET D 275 2.49 36.47 1.32
CA MET D 275 2.58 35.30 2.17
C MET D 275 2.35 33.99 1.45
N ALA D 276 2.77 32.91 2.07
CA ALA D 276 2.66 31.62 1.42
C ALA D 276 1.87 30.57 2.12
N PHE D 277 1.22 29.76 1.29
CA PHE D 277 0.50 28.60 1.76
C PHE D 277 1.45 27.50 1.28
N THR D 278 2.01 26.73 2.19
CA THR D 278 2.83 25.60 1.77
C THR D 278 2.12 24.32 2.17
N PHE D 279 2.65 23.20 1.71
CA PHE D 279 2.01 21.93 1.93
C PHE D 279 2.83 20.99 2.76
N ASP D 280 4.03 21.40 3.15
CA ASP D 280 4.88 20.49 3.90
C ASP D 280 4.17 19.90 5.10
N LEU D 281 3.46 20.74 5.84
CA LEU D 281 2.79 20.24 7.03
C LEU D 281 1.50 19.49 6.76
N ILE D 282 0.61 20.04 5.93
CA ILE D 282 -0.66 19.33 5.73
C ILE D 282 -0.53 17.98 5.02
N ARG D 283 0.54 17.83 4.24
CA ARG D 283 0.75 16.56 3.54
C ARG D 283 1.97 15.85 4.17
N TYR D 284 2.32 16.18 5.41
CA TYR D 284 3.48 15.60 6.05
C TYR D 284 3.38 14.11 6.20
N ASP D 285 2.15 13.58 6.20
CA ASP D 285 1.89 12.15 6.32
C ASP D 285 1.19 11.56 5.09
N ARG D 286 1.41 12.17 3.94
CA ARG D 286 0.79 11.69 2.71
C ARG D 286 1.84 11.09 1.83
N ALA D 287 1.51 9.95 1.23
CA ALA D 287 2.40 9.29 0.29
C ALA D 287 2.50 10.09 -1.02
N LEU D 288 3.53 9.81 -1.82
CA LEU D 288 3.69 10.54 -3.07
C LEU D 288 2.50 10.40 -4.00
N ASP D 289 1.85 9.25 -4.01
CA ASP D 289 0.71 9.08 -4.92
C ASP D 289 -0.48 9.90 -4.50
N ARG D 290 -0.34 10.54 -3.35
CA ARG D 290 -1.36 11.41 -2.80
C ARG D 290 -2.63 10.75 -2.31
N TRP D 291 -2.70 9.42 -2.27
CA TRP D 291 -3.89 8.78 -1.73
C TRP D 291 -3.64 7.76 -0.62
N HIS D 292 -2.39 7.62 -0.18
CA HIS D 292 -2.09 6.72 0.93
C HIS D 292 -1.51 7.63 1.98
N THR D 293 -1.63 7.19 3.22
CA THR D 293 -1.08 7.91 4.35
C THR D 293 0.13 7.14 4.85
N ILE D 294 1.03 7.86 5.51
CA ILE D 294 2.25 7.28 6.06
C ILE D 294 2.24 7.67 7.51
N PRO D 295 2.31 6.70 8.44
CA PRO D 295 2.29 7.09 9.87
C PRO D 295 3.36 8.08 10.27
N ARG D 296 2.99 9.12 11.02
CA ARG D 296 3.93 10.12 11.48
C ARG D 296 3.72 10.46 12.98
N THR D 297 4.71 11.10 13.60
CA THR D 297 4.59 11.47 15.03
C THR D 297 4.58 12.99 15.20
N LEU D 298 4.34 13.41 16.42
CA LEU D 298 4.36 14.82 16.77
C LEU D 298 5.77 15.35 16.45
N ALA D 299 6.77 14.50 16.64
CA ALA D 299 8.16 14.90 16.36
C ALA D 299 8.21 15.43 14.90
N ASP D 300 7.71 14.61 13.97
CA ASP D 300 7.62 14.98 12.57
C ASP D 300 6.83 16.27 12.34
N PHE D 301 5.68 16.37 13.01
CA PHE D 301 4.77 17.53 12.91
C PHE D 301 5.51 18.81 13.37
N ARG D 302 6.08 18.80 14.58
CA ARG D 302 6.78 20.00 15.03
C ARG D 302 8.04 20.29 14.21
N GLN D 303 8.73 19.25 13.78
CA GLN D 303 9.96 19.49 13.01
C GLN D 303 9.65 20.15 11.68
N THR D 304 8.53 19.75 11.07
CA THR D 304 8.10 20.33 9.81
C THR D 304 7.74 21.79 10.05
N ILE D 305 6.96 22.04 11.12
CA ILE D 305 6.57 23.42 11.44
C ILE D 305 7.81 24.33 11.64
N ASP D 306 8.82 23.81 12.33
CA ASP D 306 10.04 24.56 12.61
C ASP D 306 10.75 24.93 11.31
N LYS D 307 10.87 23.98 10.39
CA LYS D 307 11.53 24.24 9.11
C LYS D 307 10.76 25.31 8.30
N VAL D 308 9.44 25.22 8.28
CA VAL D 308 8.64 26.18 7.53
C VAL D 308 8.77 27.57 8.13
N ASP D 309 8.72 27.69 9.46
CA ASP D 309 8.86 28.99 10.07
C ASP D 309 10.26 29.57 9.78
N ALA D 310 11.31 28.74 9.82
CA ALA D 310 12.66 29.27 9.56
C ALA D 310 12.80 29.78 8.12
N ILE D 311 12.05 29.18 7.21
CA ILE D 311 12.09 29.57 5.83
C ILE D 311 11.58 31.00 5.63
N ALA D 312 10.65 31.45 6.46
CA ALA D 312 10.12 32.81 6.31
C ALA D 312 11.19 33.81 6.69
N GLY D 313 12.23 33.34 7.36
CA GLY D 313 13.31 34.23 7.75
C GLY D 313 12.81 35.55 8.32
N GLU D 314 13.52 36.62 7.98
CA GLU D 314 13.19 37.95 8.45
C GLU D 314 12.31 38.81 7.53
N TYR D 315 12.28 38.50 6.23
CA TYR D 315 11.50 39.34 5.33
C TYR D 315 10.26 38.66 4.72
N GLY D 316 10.09 37.38 5.03
CA GLY D 316 8.96 36.64 4.50
C GLY D 316 7.87 36.46 5.54
N TRP D 317 6.74 35.90 5.13
CA TRP D 317 5.62 35.67 6.06
C TRP D 317 4.88 34.44 5.59
N ASN D 318 4.44 33.63 6.56
CA ASN D 318 3.73 32.38 6.27
C ASN D 318 2.29 32.49 6.73
N THR D 319 1.40 31.72 6.10
CA THR D 319 0.04 31.59 6.58
C THR D 319 0.21 30.32 7.46
N PHE D 320 -0.80 30.04 8.29
CA PHE D 320 -0.77 28.80 9.03
C PHE D 320 -2.13 28.19 8.97
N PHE D 321 -2.22 26.89 8.68
CA PHE D 321 -3.53 26.25 8.61
C PHE D 321 -3.39 24.75 8.88
N LEU D 322 -4.41 24.13 9.45
CA LEU D 322 -4.40 22.67 9.66
C LEU D 322 -5.47 22.09 8.76
N GLY D 323 -6.21 22.97 8.10
CA GLY D 323 -7.25 22.48 7.23
C GLY D 323 -7.62 23.39 6.08
N ASN D 324 -8.09 22.77 4.98
CA ASN D 324 -8.58 23.52 3.82
C ASN D 324 -9.47 22.59 2.96
N HIS D 325 -9.96 23.10 1.84
CA HIS D 325 -10.88 22.31 1.00
C HIS D 325 -10.21 21.17 0.20
N ASP D 326 -8.90 21.00 0.34
CA ASP D 326 -8.19 19.96 -0.43
C ASP D 326 -7.63 18.86 0.48
N ASN D 327 -8.05 18.79 1.74
CA ASN D 327 -7.43 17.83 2.65
C ASN D 327 -8.41 17.31 3.66
N PRO D 328 -8.05 16.19 4.34
CA PRO D 328 -8.97 15.64 5.35
C PRO D 328 -9.19 16.67 6.47
N ARG D 329 -10.23 16.47 7.27
CA ARG D 329 -10.57 17.39 8.36
C ARG D 329 -9.46 17.39 9.46
N ALA D 330 -9.10 18.58 9.93
CA ALA D 330 -8.02 18.69 10.94
C ALA D 330 -8.15 17.76 12.16
N VAL D 331 -9.33 17.71 12.81
CA VAL D 331 -9.43 16.87 14.02
C VAL D 331 -9.20 15.40 13.65
N SER D 332 -9.76 14.95 12.53
CA SER D 332 -9.54 13.56 12.08
C SER D 332 -8.09 13.28 11.66
N HIS D 333 -7.48 14.28 11.02
CA HIS D 333 -6.12 14.17 10.50
C HIS D 333 -4.99 14.33 11.53
N PHE D 334 -5.09 15.37 12.36
CA PHE D 334 -4.05 15.66 13.31
C PHE D 334 -4.44 15.36 14.76
N GLY D 335 -5.73 15.22 15.00
CA GLY D 335 -6.17 14.97 16.36
C GLY D 335 -6.70 13.57 16.52
N ASP D 336 -7.73 13.41 17.35
CA ASP D 336 -8.32 12.08 17.56
C ASP D 336 -9.82 12.30 17.49
N ASP D 337 -10.44 11.85 16.40
CA ASP D 337 -11.87 12.11 16.21
C ASP D 337 -12.82 11.11 16.79
N ARG D 338 -12.29 10.17 17.58
CA ARG D 338 -13.18 9.22 18.25
C ARG D 338 -14.05 10.07 19.15
N PRO D 339 -15.31 9.66 19.35
CA PRO D 339 -16.28 10.36 20.18
C PRO D 339 -15.80 10.90 21.54
N GLN D 340 -15.02 10.12 22.29
CA GLN D 340 -14.58 10.57 23.61
C GLN D 340 -13.39 11.56 23.63
N TRP D 341 -12.70 11.70 22.49
CA TRP D 341 -11.53 12.56 22.37
C TRP D 341 -11.70 13.69 21.35
N ARG D 342 -12.77 13.67 20.56
CA ARG D 342 -12.95 14.67 19.49
C ARG D 342 -12.87 16.09 19.97
N GLU D 343 -13.67 16.42 20.96
CA GLU D 343 -13.69 17.79 21.47
C GLU D 343 -12.41 18.22 22.13
N ALA D 344 -11.82 17.33 22.91
CA ALA D 344 -10.59 17.66 23.58
C ALA D 344 -9.46 17.90 22.56
N SER D 345 -9.33 17.04 21.54
CA SER D 345 -8.25 17.24 20.56
C SER D 345 -8.56 18.44 19.62
N ALA D 346 -9.81 18.64 19.27
CA ALA D 346 -10.13 19.77 18.43
C ALA D 346 -9.71 21.05 19.17
N LYS D 347 -9.98 21.15 20.47
CA LYS D 347 -9.56 22.36 21.19
C LYS D 347 -8.02 22.46 21.20
N ALA D 348 -7.33 21.35 21.38
CA ALA D 348 -5.88 21.36 21.42
C ALA D 348 -5.37 21.87 20.09
N LEU D 349 -5.97 21.42 18.99
CA LEU D 349 -5.49 21.88 17.67
C LEU D 349 -5.78 23.37 17.44
N ALA D 350 -6.86 23.88 18.04
CA ALA D 350 -7.20 25.31 17.94
C ALA D 350 -6.08 26.09 18.63
N THR D 351 -5.67 25.66 19.82
CA THR D 351 -4.60 26.33 20.53
C THR D 351 -3.36 26.43 19.66
N VAL D 352 -3.01 25.32 19.00
CA VAL D 352 -1.87 25.35 18.11
C VAL D 352 -2.09 26.35 16.97
N THR D 353 -3.22 26.24 16.27
CA THR D 353 -3.49 27.13 15.12
C THR D 353 -3.36 28.62 15.47
N LEU D 354 -3.98 29.02 16.57
CA LEU D 354 -3.99 30.42 16.91
C LEU D 354 -2.81 30.97 17.65
N THR D 355 -1.79 30.13 17.87
CA THR D 355 -0.58 30.61 18.53
C THR D 355 0.65 30.41 17.66
N GLN D 356 0.42 30.12 16.37
CA GLN D 356 1.56 29.94 15.47
C GLN D 356 1.98 31.29 14.92
N ARG D 357 3.25 31.38 14.53
CA ARG D 357 3.77 32.59 13.95
C ARG D 357 3.37 32.56 12.47
N GLY D 358 2.61 33.56 12.06
CA GLY D 358 2.17 33.58 10.67
C GLY D 358 0.72 34.05 10.72
N THR D 359 0.02 34.04 9.60
CA THR D 359 -1.39 34.41 9.60
C THR D 359 -2.21 33.11 9.59
N PRO D 360 -3.02 32.88 10.65
CA PRO D 360 -3.82 31.67 10.70
C PRO D 360 -5.08 31.74 9.83
N PHE D 361 -5.37 30.61 9.18
CA PHE D 361 -6.61 30.43 8.35
C PHE D 361 -7.36 29.28 8.98
N ILE D 362 -8.60 29.54 9.41
CA ILE D 362 -9.44 28.52 10.03
C ILE D 362 -10.36 28.08 8.90
N PHE D 363 -10.40 26.78 8.61
CA PHE D 363 -11.27 26.28 7.53
C PHE D 363 -12.68 26.04 8.05
N GLN D 364 -13.72 26.48 7.30
CA GLN D 364 -15.09 26.33 7.79
C GLN D 364 -15.43 24.98 8.42
N GLY D 365 -16.00 25.02 9.60
CA GLY D 365 -16.39 23.84 10.34
C GLY D 365 -15.37 23.33 11.34
N ASP D 366 -14.12 23.78 11.24
CA ASP D 366 -13.15 23.26 12.17
C ASP D 366 -13.41 23.87 13.51
N GLU D 367 -13.95 25.11 13.53
CA GLU D 367 -14.26 25.73 14.81
C GLU D 367 -15.38 24.96 15.52
N LEU D 368 -15.98 23.99 14.82
CA LEU D 368 -17.05 23.16 15.40
C LEU D 368 -16.54 21.78 15.77
N GLY D 369 -15.36 21.42 15.27
CA GLY D 369 -14.84 20.10 15.50
C GLY D 369 -15.45 19.13 14.47
N MET D 370 -15.73 19.58 13.25
CA MET D 370 -16.26 18.66 12.20
C MET D 370 -15.20 17.62 11.84
N THR D 371 -15.69 16.44 11.46
CA THR D 371 -14.79 15.35 11.17
C THR D 371 -14.87 14.85 9.75
N ASN D 372 -14.00 13.89 9.45
CA ASN D 372 -14.00 13.23 8.15
C ASN D 372 -15.38 12.59 8.00
N TYR D 373 -15.73 12.27 6.77
CA TYR D 373 -17.02 11.72 6.47
C TYR D 373 -16.97 10.18 6.28
N PRO D 374 -17.96 9.44 6.80
CA PRO D 374 -17.93 7.97 6.63
C PRO D 374 -18.35 7.45 5.22
N PHE D 375 -17.46 7.65 4.22
CA PHE D 375 -17.69 7.17 2.85
C PHE D 375 -17.86 5.64 2.87
N LYS D 376 -18.86 5.14 2.15
CA LYS D 376 -19.10 3.68 2.13
C LYS D 376 -18.85 3.05 0.76
N THR D 377 -18.87 3.86 -0.29
CA THR D 377 -18.59 3.31 -1.60
C THR D 377 -17.88 4.41 -2.37
N LEU D 378 -17.28 4.07 -3.50
CA LEU D 378 -16.62 5.09 -4.31
C LEU D 378 -17.60 6.09 -4.91
N GLN D 379 -18.87 5.72 -5.00
CA GLN D 379 -19.88 6.66 -5.55
C GLN D 379 -20.19 7.75 -4.54
N ASP D 380 -19.77 7.58 -3.29
CA ASP D 380 -20.00 8.61 -2.29
C ASP D 380 -19.06 9.80 -2.46
N PHE D 381 -18.10 9.70 -3.38
CA PHE D 381 -17.18 10.79 -3.65
C PHE D 381 -17.61 11.53 -4.91
N ASP D 382 -17.56 12.87 -4.85
CA ASP D 382 -17.87 13.75 -5.98
C ASP D 382 -16.60 14.18 -6.69
N ASP D 383 -15.52 14.28 -5.88
CA ASP D 383 -14.27 14.82 -6.41
C ASP D 383 -13.69 14.21 -7.67
N ILE D 384 -13.38 15.08 -8.63
CA ILE D 384 -12.77 14.69 -9.90
C ILE D 384 -11.44 13.98 -9.64
N GLU D 385 -10.76 14.37 -8.55
CA GLU D 385 -9.48 13.75 -8.22
C GLU D 385 -9.61 12.23 -7.90
N VAL D 386 -10.70 11.82 -7.24
CA VAL D 386 -10.90 10.39 -6.91
C VAL D 386 -11.14 9.60 -8.22
N LYS D 387 -11.83 10.23 -9.18
CA LYS D 387 -12.06 9.55 -10.47
C LYS D 387 -10.70 9.35 -11.19
N GLY D 388 -9.79 10.31 -10.96
CA GLY D 388 -8.46 10.23 -11.53
C GLY D 388 -7.66 9.07 -10.92
N PHE D 389 -7.74 8.87 -9.60
CA PHE D 389 -7.05 7.75 -8.93
C PHE D 389 -7.59 6.40 -9.46
N PHE D 390 -8.88 6.36 -9.71
CA PHE D 390 -9.52 5.17 -10.23
C PHE D 390 -8.95 4.91 -11.64
N GLN D 391 -8.92 5.95 -12.47
CA GLN D 391 -8.36 5.82 -13.80
C GLN D 391 -6.88 5.42 -13.77
N ASP D 392 -6.12 5.97 -12.83
CA ASP D 392 -4.70 5.66 -12.80
C ASP D 392 -4.26 4.42 -12.06
N TYR D 393 -5.04 3.97 -11.08
CA TYR D 393 -4.66 2.82 -10.29
C TYR D 393 -5.59 1.62 -10.30
N VAL D 394 -6.88 1.83 -10.52
CA VAL D 394 -7.79 0.69 -10.52
C VAL D 394 -7.97 0.15 -11.94
N GLU D 395 -8.18 1.05 -12.89
CA GLU D 395 -8.33 0.61 -14.28
C GLU D 395 -7.07 -0.06 -14.80
N THR D 396 -5.93 0.35 -14.24
CA THR D 396 -4.63 -0.17 -14.63
C THR D 396 -4.23 -1.42 -13.86
N GLY D 397 -5.09 -1.86 -12.94
CA GLY D 397 -4.79 -3.06 -12.17
C GLY D 397 -3.81 -2.87 -11.02
N LYS D 398 -3.44 -1.65 -10.73
CA LYS D 398 -2.48 -1.40 -9.66
C LYS D 398 -3.06 -1.60 -8.27
N ALA D 399 -4.36 -1.40 -8.15
CA ALA D 399 -5.05 -1.46 -6.85
C ALA D 399 -6.48 -1.87 -7.12
N THR D 400 -7.15 -2.49 -6.13
CA THR D 400 -8.55 -2.85 -6.31
C THR D 400 -9.41 -1.66 -5.90
N ALA D 401 -10.69 -1.64 -6.30
CA ALA D 401 -11.56 -0.52 -5.93
C ALA D 401 -11.66 -0.45 -4.41
N GLU D 402 -11.70 -1.60 -3.73
CA GLU D 402 -11.78 -1.62 -2.28
C GLU D 402 -10.55 -1.00 -1.64
N GLU D 403 -9.38 -1.23 -2.22
CA GLU D 403 -8.16 -0.61 -1.70
C GLU D 403 -8.19 0.91 -1.91
N LEU D 404 -8.72 1.36 -3.05
CA LEU D 404 -8.74 2.79 -3.24
C LEU D 404 -9.70 3.43 -2.24
N LEU D 405 -10.88 2.81 -2.02
CA LEU D 405 -11.87 3.33 -1.10
C LEU D 405 -11.28 3.42 0.31
N THR D 406 -10.82 2.30 0.82
CA THR D 406 -10.18 2.24 2.13
C THR D 406 -9.19 3.38 2.38
N ASN D 407 -8.25 3.57 1.47
CA ASN D 407 -7.23 4.59 1.62
C ASN D 407 -7.65 6.02 1.30
N VAL D 408 -8.40 6.23 0.22
CA VAL D 408 -8.80 7.60 -0.11
C VAL D 408 -9.85 8.14 0.85
N ALA D 409 -10.55 7.27 1.60
CA ALA D 409 -11.53 7.71 2.57
C ALA D 409 -10.85 8.56 3.64
N LEU D 410 -9.58 8.27 3.89
CA LEU D 410 -8.79 9.00 4.88
C LEU D 410 -8.11 10.23 4.31
N THR D 411 -7.92 10.31 3.00
CA THR D 411 -7.22 11.47 2.44
C THR D 411 -8.06 12.42 1.55
N SER D 412 -9.23 11.97 1.10
CA SER D 412 -10.03 12.76 0.14
C SER D 412 -10.35 14.19 0.47
N ARG D 413 -10.30 15.03 -0.59
CA ARG D 413 -10.66 16.44 -0.51
C ARG D 413 -12.14 16.52 -0.09
N ASP D 414 -12.90 15.48 -0.44
CA ASP D 414 -14.31 15.50 -0.10
C ASP D 414 -14.61 15.46 1.39
N ASN D 415 -13.66 15.03 2.23
CA ASN D 415 -13.90 15.01 3.68
C ASN D 415 -14.13 16.43 4.16
N ALA D 416 -13.54 17.35 3.42
CA ALA D 416 -13.61 18.74 3.81
C ALA D 416 -14.77 19.54 3.22
N ARG D 417 -15.42 18.95 2.22
CA ARG D 417 -16.49 19.59 1.45
C ARG D 417 -17.91 19.22 1.81
N THR D 418 -18.10 18.40 2.84
CA THR D 418 -19.47 18.04 3.24
C THR D 418 -20.04 19.34 3.87
N PRO D 419 -21.32 19.61 3.61
CA PRO D 419 -21.99 20.80 4.11
C PRO D 419 -21.79 21.19 5.56
N PHE D 420 -21.59 22.49 5.78
CA PHE D 420 -21.36 23.03 7.10
C PHE D 420 -22.58 22.67 7.95
N GLN D 421 -22.30 22.28 9.20
CA GLN D 421 -23.34 21.82 10.13
C GLN D 421 -23.85 22.96 11.03
N TRP D 422 -24.91 23.62 10.58
CA TRP D 422 -25.47 24.75 11.30
C TRP D 422 -26.32 24.43 12.52
N ASP D 423 -27.22 23.46 12.38
CA ASP D 423 -28.07 23.12 13.51
C ASP D 423 -28.47 21.69 13.36
N ASP D 424 -29.48 21.24 14.10
CA ASP D 424 -29.87 19.85 13.94
C ASP D 424 -31.16 19.63 13.13
N SER D 425 -31.55 20.60 12.33
CA SER D 425 -32.71 20.40 11.49
C SER D 425 -32.24 19.52 10.35
N ALA D 426 -33.13 19.27 9.39
CA ALA D 426 -32.83 18.47 8.23
C ALA D 426 -31.55 19.01 7.59
N ASN D 427 -30.69 18.07 7.22
CA ASN D 427 -29.44 18.39 6.55
C ASN D 427 -28.65 19.48 7.26
N ALA D 428 -28.66 19.40 8.58
CA ALA D 428 -27.95 20.31 9.46
C ALA D 428 -28.24 21.79 9.24
N GLY D 429 -29.34 22.11 8.56
CA GLY D 429 -29.64 23.51 8.36
C GLY D 429 -28.87 24.13 7.24
N PHE D 430 -28.15 23.31 6.48
CA PHE D 430 -27.39 23.81 5.36
C PHE D 430 -28.30 24.14 4.16
N THR D 431 -29.34 23.32 3.93
CA THR D 431 -30.23 23.49 2.78
C THR D 431 -31.64 22.98 3.13
N THR D 432 -32.62 23.36 2.33
CA THR D 432 -33.98 22.89 2.53
C THR D 432 -34.23 21.83 1.45
N GLY D 433 -33.28 21.69 0.52
CA GLY D 433 -33.41 20.68 -0.52
C GLY D 433 -32.49 19.50 -0.21
N LYS D 434 -31.92 18.91 -1.25
CA LYS D 434 -31.02 17.77 -1.11
C LYS D 434 -29.62 18.33 -1.36
N PRO D 435 -28.74 18.25 -0.34
CA PRO D 435 -27.36 18.78 -0.49
C PRO D 435 -26.56 18.13 -1.64
N TRP D 436 -25.70 18.91 -2.31
CA TRP D 436 -24.91 18.38 -3.43
C TRP D 436 -23.97 17.24 -3.01
N LEU D 437 -23.60 17.23 -1.73
CA LEU D 437 -22.75 16.19 -1.14
C LEU D 437 -23.42 15.92 0.20
N LYS D 438 -23.55 14.66 0.57
CA LYS D 438 -24.24 14.35 1.84
C LYS D 438 -23.63 14.92 3.14
N VAL D 439 -24.52 15.32 4.03
CA VAL D 439 -24.14 15.87 5.32
C VAL D 439 -23.66 14.74 6.20
N ASN D 440 -22.62 14.99 7.00
CA ASN D 440 -22.16 13.98 7.93
C ASN D 440 -23.27 13.70 8.98
N PRO D 441 -23.58 12.40 9.22
CA PRO D 441 -24.61 12.06 10.19
C PRO D 441 -24.34 12.58 11.60
N ASN D 442 -23.10 12.93 11.92
CA ASN D 442 -22.82 13.41 13.24
C ASN D 442 -23.25 14.84 13.45
N TYR D 443 -24.02 15.39 12.48
CA TYR D 443 -24.48 16.76 12.60
C TYR D 443 -25.45 16.87 13.76
N THR D 444 -26.03 15.73 14.17
CA THR D 444 -26.95 15.73 15.30
C THR D 444 -26.25 16.08 16.62
N GLU D 445 -24.93 15.91 16.68
CA GLU D 445 -24.17 16.26 17.85
C GLU D 445 -23.23 17.43 17.56
N ILE D 446 -22.73 17.51 16.34
CA ILE D 446 -21.77 18.54 15.93
C ILE D 446 -22.46 19.59 15.05
N ASN D 447 -22.85 20.72 15.65
CA ASN D 447 -23.54 21.78 14.91
C ASN D 447 -23.41 23.11 15.62
N ALA D 448 -23.41 24.20 14.83
CA ALA D 448 -23.21 25.55 15.36
C ALA D 448 -24.18 25.96 16.46
N ALA D 449 -25.47 25.67 16.28
CA ALA D 449 -26.47 26.00 17.31
C ALA D 449 -26.20 25.29 18.64
N ARG D 450 -25.76 24.04 18.60
CA ARG D 450 -25.52 23.36 19.87
C ARG D 450 -24.32 24.01 20.58
N GLU D 451 -23.33 24.44 19.80
CA GLU D 451 -22.13 25.00 20.38
C GLU D 451 -22.10 26.49 20.73
N ILE D 452 -22.82 27.32 19.99
CA ILE D 452 -22.71 28.74 20.28
C ILE D 452 -23.15 29.11 21.70
N GLY D 453 -24.21 28.51 22.22
CA GLY D 453 -24.61 28.88 23.58
C GLY D 453 -23.84 28.24 24.73
N ASP D 454 -22.94 27.31 24.40
CA ASP D 454 -22.18 26.57 25.39
C ASP D 454 -20.74 27.03 25.60
N PRO D 455 -20.44 27.59 26.77
CA PRO D 455 -19.13 28.10 27.16
C PRO D 455 -18.01 27.09 27.01
N LYS D 456 -18.37 25.81 27.11
CA LYS D 456 -17.41 24.68 27.04
C LYS D 456 -17.24 24.07 25.66
N SER D 457 -17.95 24.61 24.66
CA SER D 457 -17.85 24.04 23.31
C SER D 457 -16.53 24.32 22.57
N VAL D 458 -16.32 23.60 21.47
CA VAL D 458 -15.13 23.83 20.66
C VAL D 458 -15.23 25.26 20.10
N TYR D 459 -16.43 25.62 19.65
CA TYR D 459 -16.61 26.95 19.11
C TYR D 459 -16.24 28.03 20.12
N SER D 460 -16.69 27.89 21.37
CA SER D 460 -16.37 28.91 22.34
C SER D 460 -14.90 28.98 22.62
N PHE D 461 -14.21 27.85 22.47
CA PHE D 461 -12.79 27.81 22.75
C PHE D 461 -12.05 28.55 21.62
N TYR D 462 -12.46 28.31 20.37
CA TYR D 462 -11.85 29.02 19.25
C TYR D 462 -12.11 30.52 19.42
N ARG D 463 -13.32 30.87 19.81
CA ARG D 463 -13.64 32.30 19.99
C ARG D 463 -12.76 32.94 21.05
N ASN D 464 -12.55 32.24 22.14
CA ASN D 464 -11.75 32.79 23.22
C ASN D 464 -10.31 32.88 22.79
N LEU D 465 -9.84 31.89 22.02
CA LEU D 465 -8.44 31.92 21.55
C LEU D 465 -8.25 33.08 20.60
N ILE D 466 -9.20 33.28 19.71
CA ILE D 466 -9.05 34.37 18.74
C ILE D 466 -8.96 35.69 19.50
N SER D 467 -9.79 35.87 20.54
CA SER D 467 -9.76 37.13 21.33
C SER D 467 -8.39 37.30 21.98
N ILE D 468 -7.87 36.20 22.49
CA ILE D 468 -6.56 36.18 23.17
C ILE D 468 -5.42 36.56 22.21
N ARG D 469 -5.46 35.98 21.00
CA ARG D 469 -4.43 36.25 20.00
C ARG D 469 -4.47 37.72 19.60
N HIS D 470 -5.68 38.25 19.42
CA HIS D 470 -5.91 39.64 19.01
C HIS D 470 -5.40 40.64 20.05
N GLU D 471 -5.44 40.25 21.32
CA GLU D 471 -5.00 41.12 22.40
C GLU D 471 -3.56 40.92 22.78
N THR D 472 -2.89 39.95 22.15
CA THR D 472 -1.52 39.61 22.54
C THR D 472 -0.56 39.65 21.34
N PRO D 473 0.06 40.82 21.08
CA PRO D 473 0.97 40.95 19.94
C PRO D 473 1.97 39.82 19.73
N ALA D 474 2.61 39.34 20.80
CA ALA D 474 3.58 38.27 20.65
C ALA D 474 2.95 37.06 20.00
N LEU D 475 1.65 36.87 20.20
CA LEU D 475 0.99 35.70 19.61
C LEU D 475 0.83 35.80 18.12
N SER D 476 0.96 37.00 17.56
CA SER D 476 0.87 37.05 16.11
C SER D 476 2.26 37.25 15.49
N THR D 477 2.89 38.36 15.80
CA THR D 477 4.20 38.67 15.22
C THR D 477 5.43 38.39 16.04
N GLY D 478 5.24 37.73 17.19
CA GLY D 478 6.39 37.41 18.02
C GLY D 478 7.23 36.32 17.39
N SER D 479 8.48 36.21 17.82
CA SER D 479 9.34 35.18 17.30
C SER D 479 8.79 33.84 17.80
N TYR D 480 9.33 32.75 17.26
CA TYR D 480 8.87 31.43 17.61
C TYR D 480 10.05 30.57 17.93
N ARG D 481 9.93 29.75 18.97
CA ARG D 481 11.01 28.84 19.30
C ARG D 481 10.47 27.53 19.81
N ASP D 482 10.84 26.44 19.15
CA ASP D 482 10.38 25.10 19.56
C ASP D 482 11.29 24.67 20.75
N ILE D 483 10.68 24.36 21.90
CA ILE D 483 11.43 23.95 23.08
C ILE D 483 12.12 22.59 22.92
N ASP D 484 11.48 21.67 22.22
CA ASP D 484 12.11 20.35 22.02
C ASP D 484 11.59 19.64 20.82
N PRO D 485 12.22 19.86 19.65
CA PRO D 485 11.83 19.23 18.40
C PRO D 485 11.78 17.70 18.42
N SER D 486 12.46 17.06 19.35
CA SER D 486 12.44 15.60 19.33
C SER D 486 11.31 14.97 20.15
N ASN D 487 10.64 15.76 20.96
CA ASN D 487 9.58 15.24 21.82
C ASN D 487 8.33 14.92 20.97
N ALA D 488 7.84 13.70 21.05
CA ALA D 488 6.68 13.27 20.27
C ALA D 488 5.41 13.11 21.11
N ASP D 489 5.43 13.63 22.34
CA ASP D 489 4.26 13.55 23.24
C ASP D 489 3.62 14.91 23.49
N VAL D 490 4.47 15.88 23.86
CA VAL D 490 4.01 17.22 24.22
C VAL D 490 4.71 18.28 23.40
N TYR D 491 3.89 19.10 22.73
CA TYR D 491 4.35 20.16 21.87
C TYR D 491 4.41 21.38 22.73
N ALA D 492 5.59 21.94 22.86
CA ALA D 492 5.78 23.13 23.69
C ALA D 492 6.68 24.10 22.95
N TYR D 493 6.30 25.38 22.95
CA TYR D 493 7.04 26.43 22.30
C TYR D 493 6.70 27.78 22.90
N THR D 494 7.53 28.77 22.58
CA THR D 494 7.33 30.11 23.08
C THR D 494 7.20 31.09 21.92
N ARG D 495 6.57 32.23 22.23
CA ARG D 495 6.39 33.32 21.30
C ARG D 495 6.87 34.52 22.13
N SER D 496 7.73 35.35 21.57
CA SER D 496 8.21 36.49 22.35
C SER D 496 8.22 37.79 21.58
N GLN D 497 7.91 38.88 22.26
CA GLN D 497 7.96 40.14 21.58
C GLN D 497 8.14 41.22 22.62
N ASP D 498 8.98 42.19 22.29
CA ASP D 498 9.22 43.32 23.18
C ASP D 498 9.33 42.95 24.66
N GLY D 499 10.15 41.93 24.94
CA GLY D 499 10.36 41.52 26.32
C GLY D 499 9.27 40.67 26.96
N GLU D 500 8.17 40.40 26.24
CA GLU D 500 7.08 39.56 26.75
C GLU D 500 7.23 38.17 26.09
N THR D 501 7.14 37.11 26.88
CA THR D 501 7.27 35.75 26.35
C THR D 501 6.07 34.94 26.81
N TYR D 502 5.52 34.17 25.88
CA TYR D 502 4.38 33.31 26.17
C TYR D 502 4.80 31.86 25.89
N LEU D 503 4.26 30.93 26.64
CA LEU D 503 4.59 29.52 26.46
C LEU D 503 3.32 28.79 26.05
N VAL D 504 3.40 27.92 25.05
CA VAL D 504 2.24 27.16 24.66
C VAL D 504 2.59 25.72 24.92
N VAL D 505 1.71 25.00 25.58
CA VAL D 505 1.97 23.60 25.86
C VAL D 505 0.74 22.78 25.51
N VAL D 506 0.94 21.81 24.62
CA VAL D 506 -0.14 20.96 24.14
C VAL D 506 0.16 19.48 24.21
N ASN D 507 -0.60 18.72 24.98
CA ASN D 507 -0.38 17.27 25.04
C ASN D 507 -1.04 16.64 23.81
N PHE D 508 -0.27 15.89 23.02
CA PHE D 508 -0.82 15.21 21.84
C PHE D 508 -1.18 13.72 22.12
N LYS D 509 -1.06 13.29 23.37
CA LYS D 509 -1.41 11.91 23.72
C LYS D 509 -2.73 11.88 24.49
N ALA D 510 -3.45 10.78 24.41
CA ALA D 510 -4.72 10.63 25.15
C ALA D 510 -4.36 9.95 26.47
N GLU D 511 -3.26 10.41 27.08
CA GLU D 511 -2.76 9.86 28.36
C GLU D 511 -2.11 11.04 29.09
N PRO D 512 -2.17 11.03 30.44
CA PRO D 512 -1.57 12.13 31.21
C PRO D 512 -0.08 12.15 30.88
N ARG D 513 0.52 13.32 30.87
CA ARG D 513 1.94 13.48 30.59
C ARG D 513 2.44 14.63 31.45
N SER D 514 3.75 14.75 31.55
CA SER D 514 4.35 15.83 32.32
C SER D 514 5.16 16.70 31.39
N PHE D 515 5.37 17.95 31.81
CA PHE D 515 6.17 18.88 31.04
C PHE D 515 6.99 19.74 32.00
N THR D 516 8.28 19.76 31.79
CA THR D 516 9.17 20.53 32.66
C THR D 516 9.60 21.78 31.91
N LEU D 517 9.33 22.96 32.45
CA LEU D 517 9.74 24.16 31.72
C LEU D 517 11.27 24.28 31.68
N PRO D 518 11.81 24.94 30.65
CA PRO D 518 13.25 25.16 30.47
C PRO D 518 13.81 25.83 31.71
N ASP D 519 15.07 25.56 32.01
CA ASP D 519 15.70 26.12 33.20
C ASP D 519 15.60 27.63 33.19
N GLY D 520 15.26 28.23 34.33
CA GLY D 520 15.16 29.66 34.42
C GLY D 520 13.80 30.23 34.04
N MET D 521 12.92 29.37 33.53
CA MET D 521 11.58 29.84 33.17
C MET D 521 10.53 29.33 34.16
N HIS D 522 9.58 30.19 34.50
CA HIS D 522 8.50 29.86 35.42
C HIS D 522 7.18 30.48 34.96
N ILE D 523 6.08 29.83 35.33
CA ILE D 523 4.78 30.32 34.96
C ILE D 523 4.49 31.61 35.71
N ALA D 524 4.02 32.61 34.97
CA ALA D 524 3.65 33.89 35.52
C ALA D 524 2.12 33.92 35.60
N GLU D 525 1.47 33.67 34.46
CA GLU D 525 0.01 33.69 34.41
C GLU D 525 -0.48 32.67 33.41
N THR D 526 -1.71 32.18 33.63
CA THR D 526 -2.34 31.24 32.69
C THR D 526 -3.42 32.06 31.94
N LEU D 527 -3.35 32.08 30.62
CA LEU D 527 -4.32 32.82 29.82
C LEU D 527 -5.51 31.93 29.48
N ILE D 528 -5.24 30.65 29.22
CA ILE D 528 -6.36 29.76 28.88
C ILE D 528 -5.86 28.33 28.82
N GLU D 529 -6.73 27.38 29.16
CA GLU D 529 -6.40 25.97 29.04
C GLU D 529 -7.65 25.26 28.55
N SER D 530 -7.48 24.05 28.03
CA SER D 530 -8.58 23.20 27.58
C SER D 530 -8.33 21.84 28.23
N SER D 531 -9.41 21.22 28.71
CA SER D 531 -9.25 19.91 29.29
C SER D 531 -8.38 19.89 30.53
N SER D 532 -8.30 20.99 31.25
CA SER D 532 -7.50 21.08 32.50
C SER D 532 -8.42 21.33 33.71
N PRO D 533 -8.24 20.55 34.79
CA PRO D 533 -9.08 20.73 35.99
C PRO D 533 -8.54 21.88 36.86
N ALA D 534 -7.33 22.33 36.55
CA ALA D 534 -6.72 23.39 37.34
C ALA D 534 -5.48 23.95 36.67
N ALA D 535 -5.36 25.27 36.76
CA ALA D 535 -4.21 25.94 36.19
C ALA D 535 -3.06 25.76 37.14
N PRO D 536 -1.86 25.98 36.64
CA PRO D 536 -0.67 25.87 37.48
C PRO D 536 -0.64 27.07 38.41
N ALA D 537 0.18 26.95 39.45
CA ALA D 537 0.35 28.03 40.42
C ALA D 537 1.38 29.00 39.86
N ALA D 538 1.26 30.27 40.22
CA ALA D 538 2.25 31.25 39.75
C ALA D 538 3.63 30.76 40.23
N GLY D 539 4.58 30.83 39.30
CA GLY D 539 5.96 30.42 39.54
C GLY D 539 6.24 28.97 39.26
N ALA D 540 5.25 28.25 38.75
CA ALA D 540 5.42 26.83 38.46
C ALA D 540 6.60 26.60 37.54
N ALA D 541 7.28 25.49 37.76
CA ALA D 541 8.43 25.08 36.98
C ALA D 541 8.07 23.92 36.07
N SER D 542 6.86 23.39 36.23
CA SER D 542 6.44 22.24 35.44
C SER D 542 4.95 22.20 35.41
N LEU D 543 4.40 21.32 34.58
CA LEU D 543 2.95 21.17 34.42
C LEU D 543 2.55 19.72 34.42
N GLU D 544 1.41 19.39 35.00
CA GLU D 544 0.88 18.02 34.97
C GLU D 544 -0.17 18.19 33.88
N LEU D 545 -0.16 17.35 32.84
CA LEU D 545 -1.11 17.52 31.76
C LEU D 545 -2.12 16.39 31.63
N GLN D 546 -3.39 16.75 31.51
CA GLN D 546 -4.44 15.76 31.29
C GLN D 546 -4.33 15.34 29.83
N PRO D 547 -4.98 14.22 29.46
CA PRO D 547 -4.93 13.77 28.05
C PRO D 547 -5.41 14.95 27.16
N TRP D 548 -4.64 15.23 26.13
CA TRP D 548 -4.96 16.28 25.16
C TRP D 548 -5.15 17.72 25.71
N GLN D 549 -4.58 18.02 26.86
CA GLN D 549 -4.72 19.34 27.43
C GLN D 549 -3.87 20.35 26.64
N SER D 550 -4.41 21.54 26.45
CA SER D 550 -3.63 22.58 25.79
C SER D 550 -3.65 23.81 26.72
N GLY D 551 -2.68 24.70 26.60
CA GLY D 551 -2.70 25.90 27.42
C GLY D 551 -1.77 26.96 26.89
N ILE D 552 -2.03 28.22 27.23
CA ILE D 552 -1.19 29.34 26.84
C ILE D 552 -0.89 30.06 28.14
N TYR D 553 0.40 30.31 28.38
CA TYR D 553 0.86 30.94 29.63
C TYR D 553 1.81 32.09 29.40
N LYS D 554 1.77 33.10 30.27
CA LYS D 554 2.73 34.17 30.18
C LYS D 554 3.81 33.65 31.13
N VAL D 555 5.08 33.73 30.76
CA VAL D 555 6.11 33.24 31.67
C VAL D 555 7.06 34.37 32.11
N LYS D 556 7.89 34.05 33.10
CA LYS D 556 8.85 34.98 33.67
C LYS D 556 10.19 34.29 33.99
#